data_6YQ4
#
_entry.id   6YQ4
#
_cell.length_a   71.840
_cell.length_b   91.067
_cell.length_c   124.068
_cell.angle_alpha   90.000
_cell.angle_beta   101.700
_cell.angle_gamma   90.000
#
_symmetry.space_group_name_H-M   'P 1 21 1'
#
loop_
_entity.id
_entity.type
_entity.pdbx_description
1 polymer Tannase
2 non-polymer GLYCEROL
3 non-polymer 'MAGNESIUM ION'
4 non-polymer SPERMIDINE
5 water water
#
_entity_poly.entity_id   1
_entity_poly.type   'polypeptide(L)'
_entity_poly.pdbx_seq_one_letter_code
;MVKNDYDLKFNPDKYISKEIKINGKKIKYRAYENIIYIKNPIDKDYQNMNIYIPEEYFNNLSIGSYNSNNAPIFFPNTVG
GYMPGKADTVGLGRDGKANSLTYALSKGYVVAAPGARGRTLTDDKGNYIGKAPAAIVDLKAAVRYLYLNDEVMPGDANKI
ISNGTSAGGALSALLGASGNSQDYLPYLKEIGAAETRDDIFAVSAYCPITNLENADSAYEWMYNGVNSYSRMEFTRNTSA
QEYNDRSLTRSTVQGNLTNDEINISNKLKTLFPIYLNSLKLTDDGGNLLTLDKSGNGSFKTYLSIIIRNSANRALREGKD
ISQFKKAFTIENNKVVAVNLDVYTHIGDRMKSPPAFDSLDASSGENNLFGDKKSDSKHFTKFSFDINNKAAIDYFRNGKF
NDKNNKISIPKMADKNIIKMMNPMYYIDSNTSTKYWRIRHGAIDKDTSLAIPAILALKLKNSGKIVNFAAPWGQGHGGDY
DLEELFNWIDNVVKK
;
_entity_poly.pdbx_strand_id   A,B,C
#
# COMPACT_ATOMS: atom_id res chain seq x y z
N ASP A 5 -18.36 54.88 8.87
CA ASP A 5 -19.15 55.74 9.74
C ASP A 5 -19.54 55.07 11.05
N TYR A 6 -19.62 53.73 11.04
CA TYR A 6 -19.87 52.98 12.25
C TYR A 6 -18.60 52.90 13.08
N ASP A 7 -18.66 53.39 14.32
CA ASP A 7 -17.49 53.37 15.18
C ASP A 7 -17.24 51.96 15.70
N LEU A 8 -15.96 51.55 15.73
CA LEU A 8 -15.57 50.18 15.95
C LEU A 8 -14.98 49.88 17.31
N LYS A 9 -14.90 50.84 18.23
CA LYS A 9 -14.29 50.53 19.52
C LYS A 9 -15.31 49.91 20.46
N PHE A 10 -14.82 48.96 21.24
CA PHE A 10 -15.65 48.15 22.12
C PHE A 10 -15.90 48.88 23.43
N ASN A 11 -17.16 48.94 23.83
CA ASN A 11 -17.54 49.64 25.04
C ASN A 11 -17.80 48.64 26.17
N PRO A 12 -16.88 48.46 27.11
CA PRO A 12 -17.10 47.49 28.20
C PRO A 12 -18.25 47.86 29.12
N ASP A 13 -18.86 49.04 28.95
CA ASP A 13 -19.95 49.49 29.80
C ASP A 13 -21.32 49.20 29.22
N LYS A 14 -21.43 48.86 27.93
CA LYS A 14 -22.72 48.65 27.27
C LYS A 14 -22.99 47.16 27.17
N TYR A 15 -23.55 46.59 28.24
CA TYR A 15 -23.81 45.17 28.31
C TYR A 15 -25.13 44.92 29.03
N ILE A 16 -25.66 43.70 28.89
CA ILE A 16 -26.76 43.22 29.71
C ILE A 16 -26.23 42.06 30.55
N SER A 17 -26.62 42.04 31.83
CA SER A 17 -26.30 40.93 32.71
C SER A 17 -27.27 39.79 32.45
N LYS A 18 -26.74 38.63 32.06
CA LYS A 18 -27.55 37.46 31.80
C LYS A 18 -27.01 36.29 32.62
N GLU A 19 -27.70 35.15 32.54
CA GLU A 19 -27.30 33.97 33.30
C GLU A 19 -27.98 32.75 32.69
N ILE A 20 -27.47 31.58 33.04
CA ILE A 20 -28.04 30.31 32.62
C ILE A 20 -27.55 29.25 33.58
N LYS A 21 -28.40 28.28 33.86
CA LYS A 21 -28.10 27.15 34.72
C LYS A 21 -28.07 25.90 33.86
N ILE A 22 -26.98 25.16 33.90
CA ILE A 22 -26.83 24.00 33.03
C ILE A 22 -27.47 22.75 33.64
N ASN A 23 -27.09 22.42 34.88
CA ASN A 23 -27.74 21.39 35.67
C ASN A 23 -27.86 21.77 37.13
N GLY A 24 -27.17 22.83 37.58
CA GLY A 24 -27.20 23.24 38.97
C GLY A 24 -26.31 24.44 39.22
N LYS A 25 -25.30 24.65 38.37
CA LYS A 25 -24.44 25.82 38.44
C LYS A 25 -25.06 26.99 37.70
N LYS A 26 -24.99 28.19 38.31
CA LYS A 26 -25.43 29.42 37.66
C LYS A 26 -24.24 30.06 36.97
N ILE A 27 -24.22 30.02 35.63
CA ILE A 27 -23.22 30.72 34.85
C ILE A 27 -23.74 32.13 34.59
N LYS A 28 -23.13 33.12 35.24
CA LYS A 28 -23.44 34.53 35.02
C LYS A 28 -22.41 35.12 34.06
N TYR A 29 -22.87 35.95 33.13
CA TYR A 29 -22.00 36.54 32.12
C TYR A 29 -22.57 37.90 31.72
N ARG A 30 -21.73 38.68 31.05
CA ARG A 30 -22.12 39.98 30.50
C ARG A 30 -22.20 39.87 28.99
N ALA A 31 -23.35 40.21 28.43
CA ALA A 31 -23.63 40.05 27.01
C ALA A 31 -23.48 41.39 26.31
N TYR A 32 -22.66 41.41 25.25
CA TYR A 32 -22.50 42.56 24.36
C TYR A 32 -23.06 42.16 22.99
N GLU A 33 -24.34 42.42 22.77
CA GLU A 33 -25.04 41.77 21.68
C GLU A 33 -25.08 42.63 20.43
N ASN A 34 -24.91 41.97 19.29
CA ASN A 34 -25.11 42.50 17.93
C ASN A 34 -24.31 43.78 17.69
N ILE A 35 -23.00 43.65 17.88
CA ILE A 35 -22.02 44.67 17.55
C ILE A 35 -21.71 44.61 16.05
N ILE A 36 -21.91 45.72 15.35
CA ILE A 36 -21.43 45.82 13.98
C ILE A 36 -19.90 45.87 14.03
N TYR A 37 -19.24 44.85 13.47
CA TYR A 37 -17.78 44.73 13.51
C TYR A 37 -17.14 45.24 12.24
N ILE A 38 -17.72 46.28 11.64
CA ILE A 38 -17.25 46.80 10.36
C ILE A 38 -17.79 48.20 10.22
N LYS A 39 -16.99 49.11 9.64
CA LYS A 39 -17.39 50.52 9.59
C LYS A 39 -18.38 50.80 8.48
N ASN A 40 -18.34 50.04 7.37
CA ASN A 40 -19.32 50.19 6.29
C ASN A 40 -19.96 48.83 6.00
N PRO A 41 -20.94 48.43 6.81
CA PRO A 41 -21.61 47.15 6.57
C PRO A 41 -22.55 47.20 5.37
N ILE A 42 -22.67 46.07 4.68
CA ILE A 42 -23.58 45.97 3.56
C ILE A 42 -24.88 45.31 4.01
N ASP A 43 -24.80 44.41 5.00
CA ASP A 43 -26.00 43.85 5.64
C ASP A 43 -25.78 43.75 7.14
N LYS A 44 -26.46 44.60 7.90
CA LYS A 44 -26.21 44.65 9.34
C LYS A 44 -26.84 43.51 10.11
N ASP A 45 -27.83 42.81 9.52
CA ASP A 45 -28.42 41.69 10.23
C ASP A 45 -27.45 40.53 10.37
N TYR A 46 -26.50 40.43 9.44
CA TYR A 46 -25.57 39.31 9.39
C TYR A 46 -24.16 39.70 9.78
N GLN A 47 -23.66 40.86 9.34
CA GLN A 47 -22.34 41.31 9.71
C GLN A 47 -22.36 41.97 11.08
N ASN A 48 -22.86 41.27 12.10
CA ASN A 48 -22.69 41.70 13.47
C ASN A 48 -22.24 40.50 14.31
N MET A 49 -21.81 40.77 15.55
CA MET A 49 -21.21 39.76 16.41
C MET A 49 -21.64 39.94 17.86
N ASN A 50 -21.89 38.81 18.53
CA ASN A 50 -22.21 38.77 19.96
C ASN A 50 -20.97 38.36 20.74
N ILE A 51 -20.68 39.12 21.80
CA ILE A 51 -19.54 38.83 22.67
C ILE A 51 -20.05 38.58 24.08
N TYR A 52 -19.67 37.44 24.65
CA TYR A 52 -20.06 37.05 26.00
C TYR A 52 -18.82 36.90 26.87
N ILE A 53 -18.84 37.54 28.02
CA ILE A 53 -17.69 37.50 28.92
C ILE A 53 -18.13 37.04 30.31
N PRO A 54 -17.46 36.06 30.92
CA PRO A 54 -17.84 35.64 32.27
C PRO A 54 -17.81 36.80 33.27
N GLU A 55 -18.77 36.76 34.20
CA GLU A 55 -18.90 37.83 35.18
C GLU A 55 -17.70 37.90 36.12
N GLU A 56 -17.03 36.76 36.35
CA GLU A 56 -15.82 36.75 37.17
C GLU A 56 -14.79 37.76 36.67
N TYR A 57 -14.71 37.99 35.37
CA TYR A 57 -13.67 38.80 34.75
C TYR A 57 -13.90 40.29 34.93
N PHE A 58 -14.97 40.68 35.63
CA PHE A 58 -15.22 42.06 36.05
C PHE A 58 -15.13 42.23 37.56
N ASN A 59 -14.78 41.17 38.29
CA ASN A 59 -14.62 41.21 39.73
C ASN A 59 -13.27 40.68 40.15
N ASN A 60 -12.29 40.63 39.25
CA ASN A 60 -10.91 40.24 39.56
C ASN A 60 -10.83 38.79 40.07
N LEU A 61 -11.63 37.93 39.46
CA LEU A 61 -11.75 36.53 39.82
C LEU A 61 -11.24 35.67 38.67
N SER A 62 -10.93 34.42 38.99
CA SER A 62 -10.37 33.48 38.03
C SER A 62 -11.37 32.35 37.79
N ILE A 63 -11.30 31.77 36.60
CA ILE A 63 -11.99 30.53 36.28
C ILE A 63 -10.94 29.52 35.85
N GLY A 64 -10.63 28.57 36.75
CA GLY A 64 -9.53 27.65 36.47
C GLY A 64 -8.26 28.46 36.36
N SER A 65 -7.46 28.16 35.33
CA SER A 65 -6.25 28.92 35.05
C SER A 65 -6.51 30.27 34.41
N TYR A 66 -7.75 30.58 34.03
CA TYR A 66 -8.05 31.70 33.15
C TYR A 66 -8.50 32.93 33.93
N ASN A 67 -7.99 34.10 33.54
CA ASN A 67 -8.43 35.35 34.15
C ASN A 67 -8.83 36.36 33.08
N SER A 68 -9.04 37.61 33.48
CA SER A 68 -9.54 38.61 32.55
C SER A 68 -8.48 39.11 31.55
N ASN A 69 -7.20 38.77 31.73
CA ASN A 69 -6.16 39.08 30.74
C ASN A 69 -5.67 37.83 30.03
N ASN A 70 -6.23 36.68 30.37
CA ASN A 70 -5.68 35.37 30.07
C ASN A 70 -6.54 34.59 29.11
N ALA A 71 -7.84 34.79 29.16
CA ALA A 71 -8.78 33.80 28.67
C ALA A 71 -8.68 33.64 27.17
N PRO A 72 -8.51 32.42 26.66
CA PRO A 72 -8.74 32.16 25.24
C PRO A 72 -10.10 32.68 24.80
N ILE A 73 -10.21 33.01 23.52
CA ILE A 73 -11.43 33.54 22.92
C ILE A 73 -11.98 32.46 22.02
N PHE A 74 -13.18 31.97 22.37
CA PHE A 74 -13.86 30.94 21.61
C PHE A 74 -14.70 31.60 20.52
N PHE A 75 -14.46 31.22 19.27
CA PHE A 75 -14.95 31.91 18.08
C PHE A 75 -15.82 30.99 17.21
N PRO A 76 -17.05 30.66 17.66
CA PRO A 76 -17.94 29.83 16.82
C PRO A 76 -18.73 30.61 15.76
N ASN A 77 -18.79 30.05 14.55
CA ASN A 77 -19.70 30.53 13.51
C ASN A 77 -20.81 29.52 13.30
N THR A 78 -21.93 29.99 12.73
CA THR A 78 -23.15 29.18 12.62
C THR A 78 -23.49 28.80 11.19
N VAL A 79 -22.56 28.98 10.25
CA VAL A 79 -22.83 28.82 8.83
C VAL A 79 -23.07 27.35 8.49
N GLY A 80 -24.11 27.09 7.73
CA GLY A 80 -24.31 25.79 7.11
C GLY A 80 -24.77 26.01 5.67
N GLY A 81 -24.37 25.09 4.81
CA GLY A 81 -24.77 25.18 3.42
C GLY A 81 -24.19 26.35 2.67
N TYR A 82 -23.31 27.12 3.28
CA TYR A 82 -22.79 28.37 2.75
C TYR A 82 -23.87 29.42 2.68
N MET A 83 -24.88 29.26 3.50
CA MET A 83 -26.02 30.14 3.70
C MET A 83 -25.69 31.16 4.78
N PRO A 84 -26.37 32.30 4.78
CA PRO A 84 -26.14 33.30 5.85
C PRO A 84 -26.31 32.70 7.24
N GLY A 85 -25.39 33.06 8.13
CA GLY A 85 -25.49 32.53 9.48
C GLY A 85 -25.47 33.60 10.54
N LYS A 86 -26.48 33.60 11.40
CA LYS A 86 -26.55 34.66 12.40
C LYS A 86 -25.61 34.34 13.55
N ALA A 87 -25.26 35.39 14.29
CA ALA A 87 -24.45 35.20 15.48
C ALA A 87 -25.13 34.24 16.44
N ASP A 88 -24.37 33.30 16.96
CA ASP A 88 -24.89 32.33 17.90
C ASP A 88 -25.18 33.01 19.23
N THR A 89 -26.10 32.40 19.99
CA THR A 89 -26.40 32.88 21.32
C THR A 89 -26.04 31.82 22.36
N VAL A 90 -25.99 32.26 23.61
CA VAL A 90 -25.75 31.37 24.74
C VAL A 90 -27.05 30.64 25.04
N GLY A 91 -27.01 29.32 25.01
CA GLY A 91 -28.14 28.52 25.44
C GLY A 91 -27.89 27.03 25.39
N LEU A 92 -28.94 26.25 25.16
CA LEU A 92 -28.84 24.81 25.09
C LEU A 92 -29.01 24.36 23.64
N GLY A 93 -28.43 23.20 23.31
CA GLY A 93 -28.68 22.55 22.04
C GLY A 93 -29.99 21.76 22.04
N ARG A 94 -30.29 21.16 20.89
CA ARG A 94 -31.52 20.38 20.76
C ARG A 94 -31.56 19.22 21.75
N ASP A 95 -30.39 18.66 22.11
CA ASP A 95 -30.34 17.59 23.11
C ASP A 95 -30.78 18.05 24.50
N GLY A 96 -30.94 19.35 24.71
CA GLY A 96 -31.24 19.88 26.03
C GLY A 96 -30.03 20.13 26.89
N LYS A 97 -28.83 19.89 26.36
CA LYS A 97 -27.60 20.14 27.09
C LYS A 97 -26.99 21.45 26.63
N ALA A 98 -26.03 21.94 27.42
CA ALA A 98 -25.34 23.18 27.13
C ALA A 98 -24.82 23.19 25.71
N ASN A 99 -25.09 24.28 24.99
CA ASN A 99 -24.48 24.43 23.67
C ASN A 99 -23.01 24.85 23.84
N SER A 100 -22.31 25.02 22.71
CA SER A 100 -20.87 25.21 22.74
C SER A 100 -20.47 26.51 23.41
N LEU A 101 -21.29 27.56 23.26
CA LEU A 101 -20.98 28.85 23.88
C LEU A 101 -21.19 28.81 25.38
N THR A 102 -22.28 28.16 25.82
CA THR A 102 -22.49 27.94 27.26
C THR A 102 -21.36 27.10 27.84
N TYR A 103 -20.94 26.05 27.12
CA TYR A 103 -19.81 25.25 27.55
C TYR A 103 -18.56 26.11 27.66
N ALA A 104 -18.30 26.94 26.66
CA ALA A 104 -17.13 27.80 26.67
C ALA A 104 -17.13 28.72 27.90
N LEU A 105 -18.27 29.36 28.17
CA LEU A 105 -18.36 30.28 29.31
C LEU A 105 -18.10 29.56 30.62
N SER A 106 -18.61 28.34 30.77
CA SER A 106 -18.43 27.62 32.03
C SER A 106 -16.96 27.28 32.26
N LYS A 107 -16.22 27.04 31.19
CA LYS A 107 -14.79 26.76 31.25
C LYS A 107 -13.94 28.03 31.32
N GLY A 108 -14.55 29.21 31.35
CA GLY A 108 -13.78 30.43 31.50
C GLY A 108 -13.32 31.10 30.23
N TYR A 109 -13.82 30.69 29.05
CA TYR A 109 -13.50 31.36 27.80
C TYR A 109 -14.33 32.62 27.62
N VAL A 110 -13.74 33.62 26.99
CA VAL A 110 -14.51 34.68 26.38
C VAL A 110 -15.10 34.15 25.07
N VAL A 111 -16.34 34.50 24.79
CA VAL A 111 -17.03 34.02 23.60
C VAL A 111 -17.30 35.21 22.70
N ALA A 112 -16.77 35.16 21.48
CA ALA A 112 -17.09 36.10 20.42
C ALA A 112 -17.65 35.26 19.29
N ALA A 113 -18.92 35.47 18.95
CA ALA A 113 -19.65 34.63 18.00
C ALA A 113 -20.15 35.49 16.84
N PRO A 114 -19.47 35.50 15.71
CA PRO A 114 -19.88 36.39 14.61
C PRO A 114 -20.95 35.76 13.74
N GLY A 115 -21.88 36.61 13.26
CA GLY A 115 -22.62 36.27 12.08
C GLY A 115 -21.80 36.54 10.83
N ALA A 116 -22.30 36.06 9.70
CA ALA A 116 -21.63 36.19 8.40
C ALA A 116 -22.66 36.06 7.30
N ARG A 117 -22.40 36.77 6.18
CA ARG A 117 -23.27 36.67 5.01
C ARG A 117 -23.14 35.29 4.37
N GLY A 118 -24.12 34.96 3.53
CA GLY A 118 -24.16 33.68 2.87
C GLY A 118 -24.80 33.85 1.51
N ARG A 119 -24.96 32.72 0.83
CA ARG A 119 -25.05 32.68 -0.62
C ARG A 119 -26.38 33.19 -1.17
N THR A 120 -27.46 33.20 -0.39
CA THR A 120 -28.74 33.68 -0.92
C THR A 120 -29.00 35.16 -0.64
N LEU A 121 -28.12 35.84 0.07
CA LEU A 121 -28.38 37.20 0.54
C LEU A 121 -28.39 38.22 -0.60
N THR A 122 -29.39 39.10 -0.60
CA THR A 122 -29.45 40.20 -1.57
C THR A 122 -29.41 41.55 -0.87
N ASP A 123 -29.04 42.55 -1.65
CA ASP A 123 -29.20 43.96 -1.30
C ASP A 123 -30.64 44.41 -1.61
N ASP A 124 -30.90 45.71 -1.44
CA ASP A 124 -32.22 46.29 -1.71
C ASP A 124 -32.61 46.14 -3.17
N LYS A 125 -31.63 46.25 -4.07
CA LYS A 125 -31.84 46.26 -5.51
C LYS A 125 -31.90 44.86 -6.10
N GLY A 126 -31.71 43.82 -5.27
CA GLY A 126 -31.76 42.44 -5.72
C GLY A 126 -30.43 41.84 -6.13
N ASN A 127 -29.36 42.63 -6.12
CA ASN A 127 -28.02 42.10 -6.37
C ASN A 127 -27.55 41.22 -5.21
N TYR A 128 -26.88 40.13 -5.57
CA TYR A 128 -26.34 39.20 -4.58
C TYR A 128 -25.13 39.77 -3.87
N ILE A 129 -25.14 39.71 -2.54
CA ILE A 129 -24.12 40.29 -1.68
C ILE A 129 -23.46 39.26 -0.77
N GLY A 130 -23.79 37.98 -0.93
CA GLY A 130 -23.23 36.98 -0.05
C GLY A 130 -22.70 35.76 -0.79
N LYS A 131 -22.41 35.94 -2.08
CA LYS A 131 -21.68 34.93 -2.80
C LYS A 131 -20.20 35.00 -2.42
N ALA A 132 -19.49 33.94 -2.74
CA ALA A 132 -18.08 33.82 -2.40
C ALA A 132 -17.33 35.06 -2.87
N PRO A 133 -16.42 35.61 -2.07
CA PRO A 133 -15.89 35.17 -0.77
C PRO A 133 -16.44 35.92 0.46
N ALA A 134 -17.70 36.34 0.43
CA ALA A 134 -18.25 37.17 1.50
C ALA A 134 -18.10 36.53 2.89
N ALA A 135 -18.46 35.26 3.03
CA ALA A 135 -18.50 34.71 4.38
C ALA A 135 -17.11 34.63 5.01
N ILE A 136 -16.08 34.31 4.22
CA ILE A 136 -14.74 34.25 4.78
C ILE A 136 -14.26 35.67 5.07
N VAL A 137 -14.70 36.64 4.29
CA VAL A 137 -14.34 38.04 4.55
C VAL A 137 -14.97 38.52 5.84
N ASP A 138 -16.22 38.11 6.11
CA ASP A 138 -16.88 38.55 7.34
C ASP A 138 -16.17 38.00 8.57
N LEU A 139 -15.81 36.70 8.54
CA LEU A 139 -15.11 36.09 9.67
C LEU A 139 -13.74 36.75 9.90
N LYS A 140 -13.00 37.03 8.83
CA LYS A 140 -11.74 37.76 8.96
C LYS A 140 -11.95 39.12 9.58
N ALA A 141 -12.98 39.84 9.10
CA ALA A 141 -13.29 41.17 9.58
C ALA A 141 -13.66 41.18 11.06
N ALA A 142 -14.33 40.13 11.54
CA ALA A 142 -14.66 40.08 12.96
C ALA A 142 -13.42 39.81 13.81
N VAL A 143 -12.53 38.93 13.33
CA VAL A 143 -11.24 38.73 14.00
C VAL A 143 -10.49 40.06 14.11
N ARG A 144 -10.45 40.81 13.01
CA ARG A 144 -9.73 42.07 13.04
C ARG A 144 -10.31 43.00 14.09
N TYR A 145 -11.64 43.02 14.21
CA TYR A 145 -12.30 43.74 15.29
C TYR A 145 -11.82 43.27 16.66
N LEU A 146 -11.70 41.96 16.85
CA LEU A 146 -11.18 41.43 18.12
C LEU A 146 -9.78 41.96 18.42
N TYR A 147 -8.89 41.97 17.42
CA TYR A 147 -7.53 42.44 17.65
C TYR A 147 -7.50 43.94 17.95
N LEU A 148 -8.26 44.73 17.18
CA LEU A 148 -8.31 46.17 17.38
C LEU A 148 -8.73 46.53 18.80
N ASN A 149 -9.60 45.73 19.41
CA ASN A 149 -10.12 46.01 20.75
C ASN A 149 -9.51 45.14 21.82
N ASP A 150 -8.40 44.47 21.54
CA ASP A 150 -7.82 43.54 22.50
C ASP A 150 -7.48 44.25 23.81
N GLU A 151 -6.90 45.45 23.72
CA GLU A 151 -6.37 46.09 24.92
C GLU A 151 -7.47 46.52 25.86
N VAL A 152 -8.67 46.77 25.34
CA VAL A 152 -9.75 47.18 26.21
C VAL A 152 -10.75 46.05 26.49
N MET A 153 -10.75 45.00 25.69
CA MET A 153 -11.68 43.88 25.88
C MET A 153 -11.02 42.77 26.70
N PRO A 154 -11.73 42.20 27.68
CA PRO A 154 -11.18 41.07 28.41
C PRO A 154 -10.82 39.92 27.49
N GLY A 155 -9.85 39.13 27.92
CA GLY A 155 -9.36 38.02 27.12
C GLY A 155 -8.11 38.37 26.35
N ASP A 156 -7.69 37.41 25.52
CA ASP A 156 -6.45 37.49 24.78
C ASP A 156 -6.73 37.19 23.31
N ALA A 157 -6.64 38.23 22.46
CA ALA A 157 -6.83 38.06 21.03
C ALA A 157 -5.78 37.18 20.36
N ASN A 158 -4.69 36.88 21.03
CA ASN A 158 -3.69 35.97 20.48
C ASN A 158 -4.06 34.53 20.65
N LYS A 159 -5.23 34.25 21.22
CA LYS A 159 -5.67 32.88 21.45
C LYS A 159 -7.14 32.73 21.04
N ILE A 160 -7.37 32.95 19.75
CA ILE A 160 -8.69 32.79 19.15
C ILE A 160 -8.80 31.35 18.65
N ILE A 161 -9.80 30.61 19.14
CA ILE A 161 -10.08 29.27 18.65
C ILE A 161 -11.35 29.33 17.82
N SER A 162 -11.19 29.11 16.52
CA SER A 162 -12.33 29.01 15.60
C SER A 162 -13.03 27.67 15.75
N ASN A 163 -14.37 27.68 15.58
CA ASN A 163 -15.19 26.47 15.49
C ASN A 163 -16.26 26.63 14.40
N GLY A 164 -16.59 25.52 13.75
CA GLY A 164 -17.64 25.48 12.76
C GLY A 164 -17.96 24.04 12.38
N THR A 165 -19.07 23.89 11.69
CA THR A 165 -19.58 22.59 11.26
C THR A 165 -19.90 22.69 9.78
N SER A 166 -19.40 21.74 9.00
CA SER A 166 -19.80 21.55 7.61
C SER A 166 -19.24 22.68 6.78
N ALA A 167 -20.12 23.43 6.12
CA ALA A 167 -19.71 24.66 5.46
C ALA A 167 -18.99 25.57 6.43
N GLY A 168 -19.49 25.64 7.68
CA GLY A 168 -18.84 26.45 8.69
C GLY A 168 -17.54 25.86 9.21
N GLY A 169 -17.35 24.55 9.08
CA GLY A 169 -16.04 23.97 9.32
C GLY A 169 -15.05 24.35 8.24
N ALA A 170 -15.50 24.38 6.98
CA ALA A 170 -14.68 24.89 5.91
C ALA A 170 -14.18 26.31 6.20
N LEU A 171 -15.07 27.17 6.68
CA LEU A 171 -14.66 28.55 6.93
C LEU A 171 -13.72 28.65 8.12
N SER A 172 -14.00 27.89 9.17
CA SER A 172 -13.06 27.84 10.29
C SER A 172 -11.67 27.36 9.83
N ALA A 173 -11.62 26.31 9.02
CA ALA A 173 -10.34 25.83 8.47
C ALA A 173 -9.69 26.87 7.57
N LEU A 174 -10.47 27.46 6.65
CA LEU A 174 -9.99 28.58 5.83
C LEU A 174 -9.40 29.71 6.69
N LEU A 175 -10.07 30.06 7.79
CA LEU A 175 -9.60 31.14 8.66
C LEU A 175 -8.23 30.83 9.23
N GLY A 176 -7.98 29.55 9.55
CA GLY A 176 -6.66 29.14 10.00
C GLY A 176 -5.62 29.07 8.90
N ALA A 177 -6.05 28.87 7.65
CA ALA A 177 -5.08 28.60 6.60
C ALA A 177 -4.59 29.86 5.91
N SER A 178 -5.40 30.92 5.87
CA SER A 178 -5.08 32.07 5.02
C SER A 178 -4.83 33.35 5.80
N GLY A 179 -4.45 33.25 7.08
CA GLY A 179 -4.25 34.43 7.90
C GLY A 179 -3.43 35.51 7.23
N ASN A 180 -4.07 36.66 6.99
CA ASN A 180 -3.44 37.86 6.45
C ASN A 180 -3.07 37.74 4.97
N SER A 181 -3.58 36.74 4.28
CA SER A 181 -3.35 36.68 2.84
C SER A 181 -3.90 37.95 2.20
N GLN A 182 -3.14 38.47 1.24
CA GLN A 182 -3.49 39.75 0.61
C GLN A 182 -4.73 39.65 -0.26
N ASP A 183 -5.07 38.44 -0.73
CA ASP A 183 -6.24 38.25 -1.60
C ASP A 183 -7.52 38.83 -1.02
N TYR A 184 -7.65 38.81 0.31
CA TYR A 184 -8.88 39.21 0.98
C TYR A 184 -8.94 40.70 1.28
N LEU A 185 -7.81 41.40 1.24
CA LEU A 185 -7.77 42.81 1.65
C LEU A 185 -8.68 43.71 0.82
N PRO A 186 -8.70 43.64 -0.53
CA PRO A 186 -9.63 44.52 -1.28
C PRO A 186 -11.08 44.36 -0.86
N TYR A 187 -11.48 43.17 -0.40
CA TYR A 187 -12.84 43.04 0.12
C TYR A 187 -12.95 43.60 1.53
N LEU A 188 -11.89 43.50 2.33
CA LEU A 188 -11.91 44.05 3.68
C LEU A 188 -11.85 45.57 3.64
N LYS A 189 -11.07 46.12 2.71
CA LYS A 189 -11.04 47.57 2.51
C LYS A 189 -12.41 48.10 2.12
N GLU A 190 -13.10 47.37 1.24
CA GLU A 190 -14.39 47.82 0.73
C GLU A 190 -15.43 47.91 1.84
N ILE A 191 -15.39 47.00 2.82
CA ILE A 191 -16.41 47.10 3.86
C ILE A 191 -15.85 47.78 5.10
N GLY A 192 -14.63 48.29 5.00
CA GLY A 192 -14.05 49.02 6.11
C GLY A 192 -13.74 48.19 7.34
N ALA A 193 -13.28 46.95 7.16
CA ALA A 193 -12.73 46.19 8.27
C ALA A 193 -11.60 46.95 8.96
N ALA A 194 -11.44 46.71 10.26
CA ALA A 194 -10.29 47.25 10.98
C ALA A 194 -9.00 46.76 10.32
N GLU A 195 -7.97 47.60 10.37
CA GLU A 195 -6.72 47.32 9.68
C GLU A 195 -5.71 46.79 10.69
N THR A 196 -5.99 45.56 11.14
CA THR A 196 -5.21 44.92 12.19
C THR A 196 -4.67 43.62 11.65
N ARG A 197 -5.34 42.48 11.90
CA ARG A 197 -4.89 41.18 11.41
C ARG A 197 -6.00 40.16 11.63
N ASP A 198 -5.90 39.02 10.91
CA ASP A 198 -6.94 38.01 10.95
C ASP A 198 -6.43 36.59 11.15
N ASP A 199 -5.14 36.40 11.48
CA ASP A 199 -4.65 35.07 11.81
C ASP A 199 -5.22 34.63 13.16
N ILE A 200 -5.42 33.32 13.33
CA ILE A 200 -6.04 32.80 14.55
C ILE A 200 -5.12 31.79 15.21
N PHE A 201 -5.49 31.41 16.44
CA PHE A 201 -4.62 30.54 17.23
C PHE A 201 -4.84 29.06 16.94
N ALA A 202 -6.08 28.63 16.73
CA ALA A 202 -6.35 27.22 16.51
C ALA A 202 -7.68 27.07 15.79
N VAL A 203 -7.80 26.00 15.02
CA VAL A 203 -8.97 25.70 14.21
C VAL A 203 -9.59 24.43 14.75
N SER A 204 -10.90 24.45 14.97
CA SER A 204 -11.68 23.23 15.09
C SER A 204 -12.70 23.23 13.97
N ALA A 205 -12.81 22.09 13.27
CA ALA A 205 -13.62 21.95 12.06
C ALA A 205 -14.27 20.58 12.06
N TYR A 206 -15.59 20.56 12.20
CA TYR A 206 -16.39 19.35 12.05
C TYR A 206 -16.82 19.23 10.60
N CYS A 207 -16.62 18.05 10.02
CA CYS A 207 -17.01 17.63 8.69
C CYS A 207 -16.88 18.75 7.67
N PRO A 208 -15.72 19.40 7.54
CA PRO A 208 -15.62 20.57 6.65
C PRO A 208 -15.98 20.18 5.22
N ILE A 209 -16.82 21.00 4.59
CA ILE A 209 -17.11 20.84 3.17
C ILE A 209 -16.21 21.80 2.42
N THR A 210 -14.93 21.40 2.20
CA THR A 210 -13.92 22.19 1.47
C THR A 210 -13.40 21.49 0.23
N ASN A 211 -12.32 22.06 -0.32
CA ASN A 211 -11.69 21.56 -1.54
C ASN A 211 -12.73 21.31 -2.63
N LEU A 212 -13.66 22.28 -2.78
CA LEU A 212 -14.90 22.03 -3.53
C LEU A 212 -14.63 21.56 -4.96
N GLU A 213 -13.73 22.23 -5.66
CA GLU A 213 -13.43 21.84 -7.04
C GLU A 213 -12.80 20.45 -7.15
N ASN A 214 -12.24 19.88 -6.06
CA ASN A 214 -11.77 18.49 -6.12
C ASN A 214 -12.67 17.49 -5.41
N ALA A 215 -13.77 17.94 -4.80
CA ALA A 215 -14.59 17.00 -4.04
C ALA A 215 -15.46 16.08 -4.91
N ASP A 216 -15.65 16.39 -6.20
CA ASP A 216 -16.42 15.51 -7.08
C ASP A 216 -15.65 14.24 -7.44
N SER A 217 -14.38 14.37 -7.88
CA SER A 217 -13.59 13.18 -8.19
C SER A 217 -13.36 12.34 -6.95
N ALA A 218 -13.12 12.97 -5.81
CA ALA A 218 -12.88 12.21 -4.59
C ALA A 218 -14.13 11.43 -4.20
N TYR A 219 -15.31 12.03 -4.40
CA TYR A 219 -16.54 11.37 -4.00
C TYR A 219 -16.85 10.16 -4.87
N GLU A 220 -16.49 10.22 -6.15
CA GLU A 220 -16.68 9.09 -7.04
C GLU A 220 -15.57 8.05 -6.91
N TRP A 221 -14.35 8.48 -6.63
CA TRP A 221 -13.31 7.53 -6.23
C TRP A 221 -13.79 6.65 -5.08
N MET A 222 -14.28 7.28 -4.01
CA MET A 222 -14.85 6.52 -2.90
C MET A 222 -16.08 5.70 -3.31
N TYR A 223 -17.06 6.32 -3.97
CA TYR A 223 -18.40 5.73 -4.03
C TYR A 223 -18.80 5.22 -5.42
N ASN A 224 -17.88 5.10 -6.36
CA ASN A 224 -18.18 4.47 -7.63
C ASN A 224 -18.68 3.05 -7.41
N GLY A 225 -19.75 2.69 -8.12
CA GLY A 225 -20.34 1.38 -8.01
C GLY A 225 -21.51 1.30 -7.05
N VAL A 226 -21.66 2.27 -6.16
CA VAL A 226 -22.82 2.35 -5.29
C VAL A 226 -23.88 3.12 -6.07
N ASN A 227 -24.80 2.39 -6.69
CA ASN A 227 -25.68 2.96 -7.70
C ASN A 227 -27.11 3.20 -7.22
N SER A 228 -27.37 2.99 -5.93
CA SER A 228 -28.65 3.35 -5.33
C SER A 228 -28.38 4.33 -4.20
N TYR A 229 -29.10 5.45 -4.17
CA TYR A 229 -28.84 6.52 -3.22
C TYR A 229 -30.02 6.71 -2.27
N SER A 230 -29.78 7.46 -1.20
CA SER A 230 -30.82 8.02 -0.35
C SER A 230 -30.23 9.16 0.47
N ARG A 231 -30.98 10.24 0.56
CA ARG A 231 -30.48 11.50 1.11
C ARG A 231 -31.68 12.34 1.50
N MET A 232 -31.45 13.30 2.38
CA MET A 232 -32.47 14.29 2.62
C MET A 232 -32.44 15.28 1.47
N GLU A 233 -33.62 15.75 1.08
CA GLU A 233 -33.74 16.72 0.00
C GLU A 233 -33.41 18.10 0.55
N PHE A 234 -32.35 18.69 0.04
CA PHE A 234 -32.01 20.08 0.32
C PHE A 234 -32.28 20.88 -0.96
N THR A 235 -32.76 22.11 -0.79
CA THR A 235 -33.09 23.00 -1.90
C THR A 235 -32.21 24.25 -1.81
N ARG A 236 -32.40 25.13 -2.80
CA ARG A 236 -31.69 26.39 -2.83
C ARG A 236 -31.82 27.14 -1.51
N ASN A 237 -32.97 26.96 -0.85
CA ASN A 237 -33.39 27.82 0.24
C ASN A 237 -33.35 27.14 1.60
N THR A 238 -32.69 25.99 1.69
CA THR A 238 -32.46 25.31 2.96
C THR A 238 -31.63 26.20 3.89
N SER A 239 -32.11 26.39 5.11
CA SER A 239 -31.40 27.23 6.06
C SER A 239 -30.13 26.53 6.58
N ALA A 240 -29.25 27.34 7.19
CA ALA A 240 -28.02 26.85 7.81
C ALA A 240 -28.26 25.70 8.79
N GLN A 241 -29.16 25.92 9.75
CA GLN A 241 -29.45 24.92 10.78
C GLN A 241 -29.85 23.57 10.19
N GLU A 242 -30.65 23.58 9.12
CA GLU A 242 -31.07 22.30 8.55
C GLU A 242 -29.96 21.59 7.80
N TYR A 243 -28.88 22.28 7.43
CA TYR A 243 -27.78 21.57 6.82
C TYR A 243 -26.93 20.85 7.86
N ASN A 244 -26.85 21.43 9.06
CA ASN A 244 -25.90 21.09 10.13
C ASN A 244 -26.51 20.23 11.23
N ASP A 245 -27.81 20.33 11.48
CA ASP A 245 -28.47 19.57 12.54
C ASP A 245 -29.31 18.46 11.90
N ARG A 246 -28.67 17.29 11.68
CA ARG A 246 -29.32 16.12 11.09
C ARG A 246 -30.34 15.44 12.05
N SER A 247 -30.68 15.99 13.21
CA SER A 247 -31.74 15.43 14.04
C SER A 247 -33.10 16.04 13.74
N LEU A 248 -33.21 16.93 12.75
CA LEU A 248 -34.48 17.55 12.40
C LEU A 248 -35.19 16.72 11.33
N THR A 249 -36.53 16.68 11.41
CA THR A 249 -37.32 15.88 10.49
C THR A 249 -37.33 16.49 9.09
N ARG A 250 -36.78 15.76 8.12
CA ARG A 250 -36.82 16.15 6.71
C ARG A 250 -37.29 14.99 5.86
N SER A 251 -37.92 15.31 4.74
CA SER A 251 -38.32 14.29 3.79
C SER A 251 -37.10 13.80 3.02
N THR A 252 -37.21 12.58 2.50
CA THR A 252 -36.07 11.85 1.97
C THR A 252 -36.36 11.39 0.54
N VAL A 253 -35.37 11.48 -0.32
CA VAL A 253 -35.48 11.01 -1.70
C VAL A 253 -34.52 9.83 -1.89
N GLN A 254 -34.97 8.85 -2.69
CA GLN A 254 -34.17 7.67 -2.96
C GLN A 254 -34.50 7.15 -4.34
N GLY A 255 -33.52 6.47 -4.93
CA GLY A 255 -33.68 5.92 -6.25
C GLY A 255 -32.39 5.27 -6.69
N ASN A 256 -32.27 5.06 -7.99
CA ASN A 256 -31.12 4.41 -8.60
C ASN A 256 -30.49 5.34 -9.64
N LEU A 257 -29.16 5.43 -9.63
CA LEU A 257 -28.44 6.25 -10.60
C LEU A 257 -28.81 5.87 -12.04
N THR A 258 -29.05 6.87 -12.87
CA THR A 258 -29.30 6.62 -14.27
C THR A 258 -28.01 6.16 -14.94
N ASN A 259 -28.15 5.69 -16.19
CA ASN A 259 -26.98 5.20 -16.91
C ASN A 259 -25.98 6.32 -17.17
N ASP A 260 -26.45 7.53 -17.45
CA ASP A 260 -25.55 8.65 -17.66
C ASP A 260 -24.86 9.02 -16.36
N GLU A 261 -25.59 8.96 -15.25
CA GLU A 261 -24.97 9.22 -13.95
C GLU A 261 -23.84 8.25 -13.68
N ILE A 262 -24.00 6.99 -14.11
CA ILE A 262 -22.97 6.00 -13.87
C ILE A 262 -21.75 6.28 -14.74
N ASN A 263 -21.96 6.67 -16.00
CA ASN A 263 -20.80 7.02 -16.82
C ASN A 263 -20.07 8.24 -16.27
N ILE A 264 -20.81 9.22 -15.74
CA ILE A 264 -20.16 10.40 -15.16
C ILE A 264 -19.34 9.99 -13.93
N SER A 265 -19.89 9.11 -13.10
CA SER A 265 -19.15 8.66 -11.94
C SER A 265 -17.93 7.83 -12.36
N ASN A 266 -18.05 7.00 -13.39
CA ASN A 266 -16.85 6.33 -13.94
C ASN A 266 -15.78 7.34 -14.31
N LYS A 267 -16.16 8.38 -15.05
CA LYS A 267 -15.16 9.36 -15.52
C LYS A 267 -14.58 10.16 -14.37
N LEU A 268 -15.43 10.56 -13.41
CA LEU A 268 -14.93 11.34 -12.27
C LEU A 268 -13.93 10.56 -11.43
N LYS A 269 -14.19 9.26 -11.21
CA LYS A 269 -13.25 8.44 -10.45
C LYS A 269 -11.88 8.45 -11.09
N THR A 270 -11.84 8.16 -12.39
CA THR A 270 -10.66 8.21 -13.24
C THR A 270 -9.77 9.42 -12.99
N LEU A 271 -10.37 10.56 -12.59
CA LEU A 271 -9.68 11.84 -12.45
C LEU A 271 -9.04 12.08 -11.09
N PHE A 272 -9.44 11.34 -10.05
CA PHE A 272 -8.89 11.61 -8.71
C PHE A 272 -7.41 11.26 -8.55
N PRO A 273 -6.92 10.12 -9.07
CA PRO A 273 -5.49 9.81 -8.92
C PRO A 273 -4.56 10.87 -9.51
N ILE A 274 -4.92 11.48 -10.64
CA ILE A 274 -4.09 12.54 -11.18
C ILE A 274 -4.00 13.69 -10.19
N TYR A 275 -5.10 13.97 -9.49
CA TYR A 275 -5.07 15.10 -8.57
C TYR A 275 -4.36 14.74 -7.28
N LEU A 276 -4.73 13.62 -6.66
CA LEU A 276 -4.11 13.23 -5.41
C LEU A 276 -2.59 13.10 -5.55
N ASN A 277 -2.10 12.51 -6.64
CA ASN A 277 -0.64 12.37 -6.79
C ASN A 277 0.03 13.73 -6.94
N SER A 278 -0.69 14.74 -7.42
CA SER A 278 -0.09 16.04 -7.64
C SER A 278 0.25 16.74 -6.34
N LEU A 279 -0.42 16.38 -5.25
CA LEU A 279 -0.23 17.00 -3.95
C LEU A 279 1.04 16.52 -3.25
N LYS A 280 1.53 15.33 -3.59
CA LYS A 280 2.73 14.74 -2.98
C LYS A 280 2.60 14.71 -1.46
N LEU A 281 1.51 14.11 -1.00
CA LEU A 281 1.24 13.93 0.41
C LEU A 281 1.99 12.72 0.93
N THR A 282 2.59 12.86 2.10
CA THR A 282 3.29 11.77 2.76
C THR A 282 2.63 11.47 4.09
N ASP A 283 2.62 10.20 4.46
CA ASP A 283 2.10 9.85 5.77
C ASP A 283 3.14 10.13 6.86
N ASP A 284 2.91 9.57 8.06
CA ASP A 284 3.79 9.77 9.20
C ASP A 284 5.21 9.34 8.94
N GLY A 285 5.40 8.34 8.10
CA GLY A 285 6.72 7.81 7.88
C GLY A 285 7.48 8.46 6.75
N GLY A 286 6.94 9.51 6.14
CA GLY A 286 7.50 10.04 4.90
C GLY A 286 7.20 9.20 3.68
N ASN A 287 6.29 8.25 3.79
CA ASN A 287 5.89 7.44 2.64
C ASN A 287 4.85 8.19 1.82
N LEU A 288 5.11 8.32 0.53
CA LEU A 288 4.22 9.06 -0.37
C LEU A 288 2.90 8.31 -0.50
N LEU A 289 1.82 9.06 -0.38
CA LEU A 289 0.48 8.51 -0.54
C LEU A 289 0.09 8.77 -1.99
N THR A 290 -0.10 7.69 -2.75
CA THR A 290 -0.40 7.79 -4.17
C THR A 290 -1.54 6.83 -4.54
N LEU A 291 -1.96 6.94 -5.80
CA LEU A 291 -2.94 6.04 -6.38
C LEU A 291 -2.50 5.69 -7.79
N ASP A 292 -2.63 4.40 -8.13
CA ASP A 292 -2.55 3.86 -9.49
C ASP A 292 -3.70 4.38 -10.35
N LYS A 293 -3.64 4.06 -11.65
CA LYS A 293 -4.70 4.44 -12.57
C LYS A 293 -5.98 3.66 -12.31
N SER A 294 -5.87 2.44 -11.78
CA SER A 294 -6.99 1.65 -11.30
C SER A 294 -7.61 2.19 -10.01
N GLY A 295 -7.00 3.20 -9.38
CA GLY A 295 -7.49 3.79 -8.16
C GLY A 295 -7.04 3.14 -6.85
N ASN A 296 -6.08 2.22 -6.87
CA ASN A 296 -5.50 1.65 -5.65
C ASN A 296 -4.11 2.19 -5.40
N GLY A 297 -3.62 1.94 -4.20
CA GLY A 297 -2.28 2.31 -3.81
C GLY A 297 -2.28 2.78 -2.37
N SER A 298 -1.17 3.39 -1.95
CA SER A 298 -0.98 3.62 -0.52
C SER A 298 -2.01 4.59 0.05
N PHE A 299 -2.54 5.52 -0.77
CA PHE A 299 -3.47 6.48 -0.21
C PHE A 299 -4.74 5.80 0.28
N LYS A 300 -5.25 4.85 -0.52
CA LYS A 300 -6.40 4.03 -0.12
C LYS A 300 -6.08 3.20 1.13
N THR A 301 -4.85 2.68 1.23
CA THR A 301 -4.42 1.94 2.43
C THR A 301 -4.36 2.87 3.64
N TYR A 302 -3.95 4.12 3.43
CA TYR A 302 -4.00 5.11 4.50
C TYR A 302 -5.43 5.33 4.99
N LEU A 303 -6.38 5.51 4.06
CA LEU A 303 -7.75 5.75 4.47
C LEU A 303 -8.30 4.56 5.26
N SER A 304 -8.01 3.34 4.78
CA SER A 304 -8.55 2.18 5.45
C SER A 304 -8.05 2.10 6.89
N ILE A 305 -6.86 2.64 7.16
CA ILE A 305 -6.33 2.60 8.53
C ILE A 305 -7.08 3.56 9.43
N ILE A 306 -7.49 4.72 8.89
CA ILE A 306 -8.39 5.61 9.64
C ILE A 306 -9.63 4.85 10.08
N ILE A 307 -10.22 4.07 9.18
CA ILE A 307 -11.42 3.33 9.54
C ILE A 307 -11.08 2.23 10.55
N ARG A 308 -9.98 1.49 10.32
CA ARG A 308 -9.55 0.47 11.28
C ARG A 308 -9.40 1.07 12.67
N ASN A 309 -8.77 2.24 12.74
CA ASN A 309 -8.59 2.90 14.02
C ASN A 309 -9.94 3.32 14.60
N SER A 310 -10.83 3.83 13.76
CA SER A 310 -12.17 4.17 14.23
C SER A 310 -12.91 2.95 14.80
N ALA A 311 -12.99 1.85 14.02
CA ALA A 311 -13.70 0.66 14.50
C ALA A 311 -13.05 0.06 15.75
N ASN A 312 -11.73 0.16 15.90
CA ASN A 312 -11.11 -0.39 17.11
C ASN A 312 -11.40 0.44 18.35
N ARG A 313 -11.51 1.77 18.19
CA ARG A 313 -11.97 2.57 19.32
C ARG A 313 -13.39 2.21 19.70
N ALA A 314 -14.25 2.01 18.70
CA ALA A 314 -15.63 1.63 18.97
C ALA A 314 -15.71 0.34 19.77
N LEU A 315 -14.94 -0.67 19.34
CA LEU A 315 -14.88 -1.92 20.08
C LEU A 315 -14.50 -1.69 21.54
N ARG A 316 -13.44 -0.91 21.79
CA ARG A 316 -13.02 -0.66 23.16
C ARG A 316 -14.13 -0.02 23.98
N GLU A 317 -15.05 0.69 23.33
CA GLU A 317 -16.17 1.37 23.98
C GLU A 317 -17.44 0.54 23.99
N GLY A 318 -17.38 -0.70 23.51
CA GLY A 318 -18.57 -1.52 23.47
C GLY A 318 -19.59 -1.12 22.44
N LYS A 319 -19.19 -0.36 21.41
CA LYS A 319 -20.15 0.03 20.39
C LYS A 319 -20.28 -1.06 19.33
N ASP A 320 -21.38 -0.98 18.57
CA ASP A 320 -21.70 -1.98 17.57
C ASP A 320 -20.92 -1.70 16.29
N ILE A 321 -20.22 -2.71 15.78
CA ILE A 321 -19.63 -2.63 14.45
C ILE A 321 -20.29 -3.60 13.49
N SER A 322 -21.14 -4.49 14.00
CA SER A 322 -21.88 -5.54 13.30
C SER A 322 -22.15 -5.30 11.81
N GLN A 323 -22.92 -4.24 11.50
CA GLN A 323 -23.26 -3.94 10.12
C GLN A 323 -22.07 -3.86 9.18
N PHE A 324 -20.86 -3.63 9.70
CA PHE A 324 -19.70 -3.41 8.84
C PHE A 324 -18.62 -4.48 8.93
N LYS A 325 -18.86 -5.55 9.70
CA LYS A 325 -17.86 -6.60 9.85
C LYS A 325 -17.48 -7.27 8.53
N LYS A 326 -18.34 -7.25 7.51
CA LYS A 326 -17.99 -7.91 6.26
C LYS A 326 -16.79 -7.26 5.55
N ALA A 327 -16.48 -6.01 5.87
CA ALA A 327 -15.30 -5.35 5.34
C ALA A 327 -14.08 -5.48 6.24
N PHE A 328 -14.19 -6.16 7.37
CA PHE A 328 -13.18 -6.12 8.42
C PHE A 328 -12.47 -7.47 8.54
N THR A 329 -11.16 -7.42 8.78
CA THR A 329 -10.43 -8.59 9.27
C THR A 329 -10.27 -8.45 10.77
N ILE A 330 -10.92 -9.35 11.50
CA ILE A 330 -10.94 -9.35 12.96
C ILE A 330 -10.29 -10.63 13.44
N GLU A 331 -9.31 -10.51 14.35
CA GLU A 331 -8.65 -11.70 14.87
C GLU A 331 -8.96 -11.82 16.33
N ASN A 332 -8.05 -11.49 17.25
CA ASN A 332 -8.38 -11.57 18.67
C ASN A 332 -9.24 -10.36 19.06
N ASN A 333 -10.41 -10.28 18.42
CA ASN A 333 -11.38 -9.21 18.64
C ASN A 333 -10.75 -7.83 18.52
N LYS A 334 -9.75 -7.71 17.66
CA LYS A 334 -9.29 -6.41 17.15
C LYS A 334 -9.38 -6.42 15.64
N VAL A 335 -9.82 -5.30 15.07
CA VAL A 335 -9.77 -5.13 13.63
C VAL A 335 -8.32 -4.93 13.23
N VAL A 336 -7.79 -5.81 12.39
CA VAL A 336 -6.40 -5.68 11.91
C VAL A 336 -6.31 -5.27 10.45
N ALA A 337 -7.41 -5.27 9.70
CA ALA A 337 -7.39 -4.87 8.31
C ALA A 337 -8.80 -4.47 7.93
N VAL A 338 -8.90 -3.50 7.02
CA VAL A 338 -10.17 -2.95 6.52
C VAL A 338 -10.13 -2.91 5.01
N ASN A 339 -11.02 -3.63 4.35
CA ASN A 339 -11.11 -3.57 2.89
C ASN A 339 -11.96 -2.34 2.54
N LEU A 340 -11.27 -1.22 2.25
CA LEU A 340 -11.96 0.07 2.13
C LEU A 340 -13.05 0.05 1.07
N ASP A 341 -12.80 -0.62 -0.06
CA ASP A 341 -13.82 -0.71 -1.11
C ASP A 341 -15.10 -1.30 -0.57
N VAL A 342 -15.01 -2.48 0.07
CA VAL A 342 -16.19 -3.11 0.65
C VAL A 342 -16.86 -2.18 1.66
N TYR A 343 -16.04 -1.46 2.45
CA TYR A 343 -16.58 -0.62 3.51
C TYR A 343 -17.48 0.49 2.94
N THR A 344 -17.10 1.04 1.79
CA THR A 344 -17.81 2.19 1.22
C THR A 344 -19.07 1.79 0.45
N HIS A 345 -19.25 0.49 0.17
CA HIS A 345 -20.42 0.01 -0.56
C HIS A 345 -21.51 -0.51 0.37
N ILE A 346 -21.43 -0.19 1.66
CA ILE A 346 -22.28 -0.87 2.63
C ILE A 346 -23.60 -0.11 2.74
N GLY A 347 -23.55 1.17 3.08
CA GLY A 347 -24.78 1.93 3.03
C GLY A 347 -25.17 2.24 1.59
N ASP A 348 -26.30 2.95 1.46
CA ASP A 348 -26.62 3.61 0.20
C ASP A 348 -25.78 4.88 0.08
N ARG A 349 -25.42 5.23 -1.14
CA ARG A 349 -24.74 6.50 -1.37
CA ARG A 349 -24.73 6.49 -1.28
C ARG A 349 -25.70 7.65 -1.05
N MET A 350 -25.14 8.82 -0.76
CA MET A 350 -25.97 9.99 -0.48
C MET A 350 -26.13 10.90 -1.70
N LYS A 351 -25.09 11.62 -2.07
CA LYS A 351 -25.21 12.55 -3.18
C LYS A 351 -25.01 11.81 -4.49
N SER A 352 -25.60 12.37 -5.56
CA SER A 352 -25.49 11.85 -6.91
C SER A 352 -24.44 12.61 -7.71
N PRO A 353 -23.76 11.96 -8.65
CA PRO A 353 -22.62 12.57 -9.33
C PRO A 353 -23.07 13.51 -10.44
N PRO A 354 -22.41 14.67 -10.59
CA PRO A 354 -21.33 15.18 -9.73
C PRO A 354 -21.86 15.83 -8.45
N ALA A 355 -21.35 15.36 -7.31
CA ALA A 355 -21.96 15.66 -6.01
C ALA A 355 -21.91 17.15 -5.65
N PHE A 356 -20.91 17.90 -6.12
CA PHE A 356 -20.75 19.31 -5.77
C PHE A 356 -20.94 20.25 -6.95
N ASP A 357 -20.27 20.01 -8.09
CA ASP A 357 -20.50 20.83 -9.28
C ASP A 357 -21.49 20.10 -10.22
N SER A 358 -22.79 20.27 -9.95
CA SER A 358 -23.85 19.65 -10.75
C SER A 358 -23.92 20.21 -12.16
N LEU A 359 -24.35 19.36 -13.09
CA LEU A 359 -24.41 19.72 -14.51
C LEU A 359 -25.45 20.82 -14.80
N ASP A 360 -26.47 20.97 -13.98
CA ASP A 360 -27.42 22.06 -14.12
C ASP A 360 -27.14 23.21 -13.16
N ALA A 361 -25.98 23.20 -12.48
CA ALA A 361 -25.52 24.29 -11.62
C ALA A 361 -26.44 24.56 -10.44
N SER A 362 -27.05 23.51 -9.89
CA SER A 362 -28.11 23.66 -8.91
C SER A 362 -27.71 23.30 -7.49
N SER A 363 -26.50 22.79 -7.29
CA SER A 363 -26.09 22.48 -5.94
C SER A 363 -25.95 23.78 -5.14
N GLY A 364 -25.92 23.63 -3.82
CA GLY A 364 -25.67 24.78 -2.98
C GLY A 364 -24.30 25.37 -3.23
N GLU A 365 -23.31 24.52 -3.57
CA GLU A 365 -21.96 25.01 -3.86
C GLU A 365 -21.92 25.75 -5.20
N ASN A 366 -22.61 25.24 -6.22
CA ASN A 366 -22.92 26.03 -7.40
C ASN A 366 -23.45 27.41 -7.02
N ASN A 367 -24.41 27.45 -6.08
CA ASN A 367 -25.01 28.70 -5.64
C ASN A 367 -24.01 29.59 -4.92
N LEU A 368 -23.03 28.99 -4.19
CA LEU A 368 -22.00 29.81 -3.52
C LEU A 368 -21.14 30.57 -4.52
N PHE A 369 -20.90 30.01 -5.71
CA PHE A 369 -20.02 30.59 -6.70
C PHE A 369 -20.75 31.43 -7.76
N GLY A 370 -22.02 31.76 -7.54
CA GLY A 370 -22.60 32.86 -8.29
C GLY A 370 -21.89 34.16 -7.96
N ASP A 371 -22.31 35.27 -8.57
CA ASP A 371 -21.77 36.58 -8.23
C ASP A 371 -22.92 37.59 -8.17
N LYS A 372 -22.58 38.89 -8.21
CA LYS A 372 -23.57 39.95 -7.96
C LYS A 372 -24.78 39.81 -8.86
N LYS A 373 -24.60 39.22 -10.05
CA LYS A 373 -25.64 39.14 -11.04
C LYS A 373 -25.92 37.73 -11.53
N SER A 374 -25.32 36.73 -10.91
CA SER A 374 -25.49 35.35 -11.35
C SER A 374 -25.77 34.54 -10.11
N ASP A 375 -26.82 33.72 -10.14
CA ASP A 375 -27.19 32.99 -8.93
C ASP A 375 -26.32 31.74 -8.71
N SER A 376 -25.82 31.11 -9.78
CA SER A 376 -24.92 29.98 -9.63
C SER A 376 -23.94 29.95 -10.79
N LYS A 377 -22.86 29.19 -10.60
CA LYS A 377 -21.83 29.02 -11.61
C LYS A 377 -21.21 27.64 -11.43
N HIS A 378 -20.43 27.22 -12.42
CA HIS A 378 -19.55 26.08 -12.29
C HIS A 378 -18.27 26.51 -11.59
N PHE A 379 -17.53 25.50 -11.11
CA PHE A 379 -16.21 25.74 -10.54
C PHE A 379 -15.25 24.59 -10.83
N THR A 380 -15.61 23.65 -11.69
CA THR A 380 -14.72 22.59 -12.12
C THR A 380 -14.68 22.63 -13.62
N LYS A 381 -13.51 22.28 -14.17
CA LYS A 381 -13.41 22.11 -15.60
C LYS A 381 -14.36 21.02 -16.09
N PHE A 382 -14.64 20.03 -15.24
CA PHE A 382 -15.35 18.83 -15.70
C PHE A 382 -16.81 19.15 -16.05
N SER A 383 -17.54 19.73 -15.10
CA SER A 383 -18.94 20.08 -15.32
C SER A 383 -19.08 21.20 -16.34
N PHE A 384 -18.16 22.16 -16.32
CA PHE A 384 -18.23 23.24 -17.30
C PHE A 384 -18.07 22.71 -18.72
N ASP A 385 -17.04 21.89 -18.95
CA ASP A 385 -16.77 21.39 -20.31
C ASP A 385 -17.91 20.54 -20.83
N ILE A 386 -18.55 19.74 -19.97
CA ILE A 386 -19.71 18.97 -20.43
C ILE A 386 -20.75 19.92 -21.00
N ASN A 387 -21.08 20.98 -20.25
CA ASN A 387 -22.12 21.89 -20.69
C ASN A 387 -21.66 22.75 -21.86
N ASN A 388 -20.41 23.18 -21.84
CA ASN A 388 -19.85 23.98 -22.93
C ASN A 388 -19.86 23.19 -24.25
N LYS A 389 -19.53 21.90 -24.20
CA LYS A 389 -19.56 21.08 -25.41
C LYS A 389 -20.99 20.91 -25.92
N ALA A 390 -21.94 20.79 -24.99
CA ALA A 390 -23.34 20.67 -25.38
C ALA A 390 -23.84 21.95 -26.03
N ALA A 391 -23.37 23.11 -25.55
CA ALA A 391 -23.81 24.37 -26.13
C ALA A 391 -23.25 24.57 -27.53
N ILE A 392 -21.99 24.20 -27.74
CA ILE A 392 -21.39 24.31 -29.07
C ILE A 392 -22.07 23.36 -30.04
N ASP A 393 -22.40 22.14 -29.59
CA ASP A 393 -23.14 21.21 -30.43
C ASP A 393 -24.52 21.77 -30.78
N TYR A 394 -25.16 22.46 -29.83
CA TYR A 394 -26.42 23.15 -30.09
C TYR A 394 -26.26 24.35 -31.01
N PHE A 395 -25.04 24.83 -31.21
CA PHE A 395 -24.74 26.11 -31.88
C PHE A 395 -25.20 27.27 -30.98
N SER A 408 -28.93 27.64 -23.44
CA SER A 408 -28.04 27.64 -22.28
C SER A 408 -26.58 27.81 -22.67
N ILE A 409 -25.84 28.64 -21.93
CA ILE A 409 -24.40 28.75 -22.08
C ILE A 409 -23.80 28.83 -20.67
N PRO A 410 -22.86 27.95 -20.31
CA PRO A 410 -22.45 27.86 -18.92
C PRO A 410 -21.52 28.99 -18.52
N LYS A 411 -21.56 29.33 -17.24
CA LYS A 411 -20.64 30.29 -16.67
C LYS A 411 -19.70 29.61 -15.70
N MET A 412 -18.44 30.05 -15.69
CA MET A 412 -17.42 29.50 -14.80
C MET A 412 -17.01 30.56 -13.79
N ALA A 413 -16.95 30.17 -12.50
CA ALA A 413 -16.52 31.07 -11.44
C ALA A 413 -15.11 31.60 -11.71
N ASP A 414 -14.82 32.80 -11.20
CA ASP A 414 -13.49 33.38 -11.29
C ASP A 414 -12.45 32.52 -10.53
N LYS A 415 -11.32 32.25 -11.19
CA LYS A 415 -10.32 31.35 -10.64
C LYS A 415 -9.81 31.83 -9.29
N ASN A 416 -9.69 33.14 -9.11
CA ASN A 416 -9.20 33.74 -7.88
C ASN A 416 -10.20 33.62 -6.73
N ILE A 417 -11.48 33.45 -7.04
CA ILE A 417 -12.48 33.25 -6.01
C ILE A 417 -12.61 31.77 -5.64
N ILE A 418 -12.47 30.88 -6.62
CA ILE A 418 -12.34 29.47 -6.27
C ILE A 418 -11.16 29.28 -5.33
N LYS A 419 -10.04 29.95 -5.61
CA LYS A 419 -8.86 29.85 -4.75
C LYS A 419 -9.16 30.32 -3.33
N MET A 420 -9.75 31.52 -3.21
CA MET A 420 -9.97 32.12 -1.90
C MET A 420 -10.89 31.30 -1.00
N MET A 421 -11.61 30.30 -1.54
CA MET A 421 -12.47 29.47 -0.72
C MET A 421 -11.81 28.16 -0.32
N ASN A 422 -10.58 27.91 -0.79
CA ASN A 422 -9.95 26.60 -0.60
C ASN A 422 -8.69 26.65 0.26
N PRO A 423 -8.73 26.15 1.49
CA PRO A 423 -7.53 26.18 2.35
C PRO A 423 -6.32 25.52 1.72
N MET A 424 -6.51 24.58 0.78
CA MET A 424 -5.38 23.87 0.18
C MET A 424 -4.35 24.83 -0.43
N TYR A 425 -4.80 25.90 -1.09
CA TYR A 425 -3.83 26.78 -1.73
C TYR A 425 -3.12 27.70 -0.75
N TYR A 426 -3.43 27.63 0.55
CA TYR A 426 -2.84 28.55 1.51
C TYR A 426 -2.01 27.87 2.58
N ILE A 427 -2.09 26.56 2.72
CA ILE A 427 -1.41 25.87 3.80
C ILE A 427 0.04 25.64 3.41
N ASP A 428 0.96 26.09 4.26
CA ASP A 428 2.40 26.18 4.05
C ASP A 428 3.08 25.77 5.34
N SER A 429 4.39 25.54 5.26
CA SER A 429 5.13 25.43 6.51
C SER A 429 5.09 26.74 7.28
N ASN A 430 4.77 27.86 6.62
CA ASN A 430 4.69 29.16 7.30
C ASN A 430 3.30 29.50 7.83
N THR A 431 2.28 28.71 7.51
CA THR A 431 0.95 28.97 8.06
C THR A 431 1.08 29.16 9.56
N SER A 432 0.51 30.26 10.07
CA SER A 432 0.79 30.69 11.44
C SER A 432 -0.06 29.95 12.45
N THR A 433 -1.22 29.43 12.06
CA THR A 433 -2.07 28.70 12.97
C THR A 433 -1.47 27.32 13.21
N LYS A 434 -1.08 27.04 14.46
CA LYS A 434 -0.39 25.78 14.73
C LYS A 434 -1.36 24.61 14.94
N TYR A 435 -2.49 24.82 15.60
CA TYR A 435 -3.30 23.72 16.12
C TYR A 435 -4.62 23.55 15.38
N TRP A 436 -4.96 22.30 15.08
CA TRP A 436 -6.07 21.93 14.19
C TRP A 436 -6.72 20.69 14.73
N ARG A 437 -8.04 20.74 14.94
CA ARG A 437 -8.83 19.59 15.32
C ARG A 437 -9.90 19.38 14.24
N ILE A 438 -9.90 18.19 13.64
CA ILE A 438 -10.69 17.88 12.46
C ILE A 438 -11.43 16.58 12.75
N ARG A 439 -12.73 16.57 12.49
CA ARG A 439 -13.58 15.41 12.73
C ARG A 439 -14.39 15.16 11.48
N HIS A 440 -14.45 13.93 11.03
CA HIS A 440 -15.40 13.55 9.98
C HIS A 440 -15.91 12.17 10.29
N GLY A 441 -17.23 12.04 10.46
CA GLY A 441 -17.79 10.80 10.96
C GLY A 441 -17.66 9.65 9.97
N ALA A 442 -17.47 8.44 10.52
CA ALA A 442 -17.25 7.25 9.72
C ALA A 442 -18.46 6.87 8.83
N ILE A 443 -19.68 7.35 9.13
CA ILE A 443 -20.82 7.14 8.25
C ILE A 443 -21.29 8.46 7.64
N ASP A 444 -20.42 9.47 7.60
CA ASP A 444 -20.71 10.77 6.99
C ASP A 444 -20.47 10.69 5.49
N LYS A 445 -21.54 10.80 4.70
CA LYS A 445 -21.41 10.74 3.25
C LYS A 445 -21.79 12.06 2.59
N ASP A 446 -21.79 13.16 3.36
CA ASP A 446 -22.01 14.46 2.73
C ASP A 446 -20.82 14.87 1.90
N THR A 447 -19.64 14.40 2.27
CA THR A 447 -18.44 14.53 1.46
C THR A 447 -17.59 13.29 1.67
N SER A 448 -16.67 13.08 0.74
CA SER A 448 -15.73 11.97 0.85
C SER A 448 -14.82 12.14 2.07
N LEU A 449 -14.62 11.04 2.82
CA LEU A 449 -13.60 11.07 3.88
C LEU A 449 -12.21 11.40 3.33
N ALA A 450 -12.00 11.21 2.03
CA ALA A 450 -10.73 11.55 1.40
C ALA A 450 -10.41 13.02 1.54
N ILE A 451 -11.43 13.88 1.64
CA ILE A 451 -11.25 15.33 1.55
C ILE A 451 -10.73 15.87 2.88
N PRO A 452 -11.40 15.61 4.03
CA PRO A 452 -10.79 16.04 5.29
C PRO A 452 -9.46 15.33 5.57
N ALA A 453 -9.31 14.06 5.19
CA ALA A 453 -8.02 13.38 5.31
C ALA A 453 -6.92 14.13 4.55
N ILE A 454 -7.20 14.55 3.30
CA ILE A 454 -6.22 15.30 2.53
C ILE A 454 -5.88 16.63 3.21
N LEU A 455 -6.89 17.31 3.79
CA LEU A 455 -6.58 18.52 4.55
C LEU A 455 -5.65 18.21 5.72
N ALA A 456 -6.00 17.17 6.49
CA ALA A 456 -5.18 16.75 7.61
C ALA A 456 -3.75 16.39 7.18
N LEU A 457 -3.60 15.74 6.02
CA LEU A 457 -2.24 15.37 5.61
C LEU A 457 -1.43 16.59 5.24
N LYS A 458 -2.05 17.51 4.52
CA LYS A 458 -1.37 18.73 4.09
C LYS A 458 -0.90 19.53 5.28
N LEU A 459 -1.70 19.60 6.34
CA LEU A 459 -1.27 20.34 7.52
C LEU A 459 -0.13 19.63 8.27
N LYS A 460 -0.21 18.31 8.40
CA LYS A 460 0.88 17.57 9.02
C LYS A 460 2.17 17.72 8.22
N ASN A 461 2.06 17.62 6.89
CA ASN A 461 3.26 17.69 6.05
C ASN A 461 3.92 19.06 6.15
N SER A 462 3.17 20.07 6.58
CA SER A 462 3.62 21.44 6.76
C SER A 462 3.99 21.77 8.20
N GLY A 463 4.04 20.78 9.09
CA GLY A 463 4.60 21.03 10.40
C GLY A 463 3.63 21.51 11.45
N LYS A 464 2.32 21.40 11.21
CA LYS A 464 1.32 21.85 12.16
C LYS A 464 0.84 20.67 12.98
N ILE A 465 0.33 20.95 14.18
CA ILE A 465 -0.13 19.91 15.08
C ILE A 465 -1.60 19.66 14.77
N VAL A 466 -1.94 18.42 14.40
CA VAL A 466 -3.22 18.06 13.85
C VAL A 466 -3.85 16.92 14.66
N ASN A 467 -5.08 17.11 15.11
CA ASN A 467 -5.84 16.07 15.82
C ASN A 467 -7.05 15.69 14.95
N PHE A 468 -6.94 14.54 14.25
CA PHE A 468 -7.87 14.07 13.23
C PHE A 468 -8.35 12.68 13.58
N ALA A 469 -9.64 12.45 13.36
CA ALA A 469 -10.37 11.29 13.83
C ALA A 469 -11.67 11.18 13.03
N ALA A 470 -12.07 9.94 12.74
CA ALA A 470 -13.36 9.64 12.13
C ALA A 470 -14.17 8.87 13.16
N PRO A 471 -14.95 9.56 13.98
CA PRO A 471 -15.70 8.88 15.05
C PRO A 471 -16.71 7.88 14.49
N TRP A 472 -16.71 6.68 15.07
CA TRP A 472 -17.54 5.58 14.61
C TRP A 472 -19.03 5.88 14.75
N GLY A 473 -19.81 5.39 13.79
CA GLY A 473 -21.25 5.54 13.83
C GLY A 473 -21.75 6.96 13.76
N GLN A 474 -20.94 7.89 13.29
CA GLN A 474 -21.24 9.31 13.34
C GLN A 474 -21.47 9.83 11.92
N GLY A 475 -22.63 10.44 11.69
CA GLY A 475 -22.94 11.06 10.43
C GLY A 475 -22.58 12.53 10.44
N HIS A 476 -23.20 13.26 9.50
CA HIS A 476 -22.95 14.70 9.39
C HIS A 476 -23.43 15.40 10.66
N GLY A 477 -22.60 16.33 11.14
CA GLY A 477 -22.93 17.09 12.33
C GLY A 477 -21.68 17.59 13.02
N GLY A 478 -21.90 18.36 14.08
CA GLY A 478 -20.80 18.94 14.84
C GLY A 478 -21.20 19.07 16.29
N ASP A 479 -20.20 19.36 17.12
CA ASP A 479 -20.40 19.69 18.54
C ASP A 479 -21.01 18.54 19.31
N TYR A 480 -20.80 17.30 18.86
CA TYR A 480 -21.38 16.17 19.57
C TYR A 480 -20.46 15.64 20.67
N ASP A 481 -19.32 16.29 20.88
CA ASP A 481 -18.25 15.82 21.76
C ASP A 481 -17.65 17.01 22.52
N LEU A 482 -18.50 17.88 23.06
CA LEU A 482 -17.99 19.13 23.62
C LEU A 482 -17.00 18.91 24.76
N GLU A 483 -17.15 17.82 25.53
CA GLU A 483 -16.21 17.58 26.61
C GLU A 483 -14.81 17.33 26.07
N GLU A 484 -14.70 16.43 25.08
CA GLU A 484 -13.42 16.20 24.42
C GLU A 484 -12.89 17.46 23.73
N LEU A 485 -13.78 18.21 23.07
CA LEU A 485 -13.35 19.38 22.32
C LEU A 485 -12.65 20.38 23.23
N PHE A 486 -13.27 20.65 24.39
CA PHE A 486 -12.69 21.66 25.27
C PHE A 486 -11.53 21.08 26.10
N ASN A 487 -11.40 19.77 26.17
CA ASN A 487 -10.17 19.18 26.65
C ASN A 487 -9.02 19.51 25.70
N TRP A 488 -9.24 19.33 24.39
CA TRP A 488 -8.24 19.67 23.38
C TRP A 488 -7.87 21.14 23.42
N ILE A 489 -8.86 22.03 23.53
CA ILE A 489 -8.58 23.46 23.55
C ILE A 489 -7.77 23.83 24.78
N ASP A 490 -8.20 23.35 25.95
CA ASP A 490 -7.43 23.57 27.18
C ASP A 490 -5.98 23.11 27.01
N ASN A 491 -5.78 21.92 26.43
CA ASN A 491 -4.43 21.39 26.27
C ASN A 491 -3.63 22.23 25.27
N VAL A 492 -4.25 22.56 24.16
CA VAL A 492 -3.60 23.35 23.11
C VAL A 492 -3.25 24.75 23.61
N VAL A 493 -4.09 25.33 24.47
CA VAL A 493 -3.84 26.67 25.02
C VAL A 493 -2.69 26.64 26.02
N LYS A 494 -2.45 25.49 26.65
CA LYS A 494 -1.22 25.11 27.40
C LYS A 494 -1.37 25.30 28.87
N ASP B 5 2.51 -6.40 28.33
CA ASP B 5 1.50 -6.88 27.39
C ASP B 5 2.06 -7.95 26.46
N TYR B 6 2.90 -7.52 25.52
CA TYR B 6 3.37 -8.39 24.46
C TYR B 6 4.42 -9.36 24.97
N ASP B 7 4.25 -10.64 24.62
CA ASP B 7 5.23 -11.66 24.97
C ASP B 7 6.47 -11.51 24.09
N LEU B 8 7.65 -11.52 24.73
CA LEU B 8 8.91 -11.30 24.03
C LEU B 8 9.70 -12.59 23.83
N LYS B 9 9.07 -13.74 24.04
CA LYS B 9 9.72 -15.02 23.83
C LYS B 9 9.72 -15.35 22.35
N PHE B 10 10.91 -15.38 21.76
CA PHE B 10 11.05 -15.79 20.37
C PHE B 10 10.66 -17.25 20.20
N ASN B 11 9.75 -17.53 19.28
CA ASN B 11 9.25 -18.88 19.07
C ASN B 11 9.85 -19.45 17.79
N PRO B 12 10.85 -20.33 17.88
CA PRO B 12 11.59 -20.77 16.68
C PRO B 12 10.76 -21.61 15.72
N ASP B 13 9.53 -21.96 16.06
CA ASP B 13 8.69 -22.78 15.20
C ASP B 13 7.70 -21.97 14.38
N LYS B 14 7.33 -20.79 14.85
CA LYS B 14 6.37 -19.92 14.16
C LYS B 14 7.15 -19.13 13.12
N TYR B 15 7.45 -19.80 12.00
CA TYR B 15 8.25 -19.25 10.92
C TYR B 15 7.55 -19.45 9.59
N ILE B 16 8.14 -18.87 8.54
CA ILE B 16 7.73 -19.10 7.15
C ILE B 16 9.00 -19.43 6.37
N SER B 17 8.93 -20.45 5.51
CA SER B 17 10.10 -20.91 4.77
C SER B 17 10.17 -20.22 3.41
N LYS B 18 11.31 -19.60 3.12
CA LYS B 18 11.48 -18.80 1.92
C LYS B 18 12.84 -19.04 1.30
N GLU B 19 12.99 -18.64 0.03
CA GLU B 19 14.14 -18.94 -0.81
C GLU B 19 14.37 -17.81 -1.80
N ILE B 20 15.63 -17.38 -1.94
CA ILE B 20 16.02 -16.38 -2.93
C ILE B 20 17.31 -16.84 -3.60
N LYS B 21 17.54 -16.36 -4.83
CA LYS B 21 18.75 -16.65 -5.59
C LYS B 21 19.67 -15.43 -5.59
N ILE B 22 20.97 -15.65 -5.34
CA ILE B 22 21.93 -14.56 -5.30
C ILE B 22 22.81 -14.50 -6.55
N ASN B 23 23.16 -15.65 -7.12
CA ASN B 23 24.07 -15.70 -8.25
C ASN B 23 23.95 -17.07 -8.89
N GLY B 24 22.71 -17.52 -9.11
CA GLY B 24 22.48 -18.88 -9.56
C GLY B 24 22.56 -19.92 -8.46
N LYS B 25 22.61 -19.51 -7.19
CA LYS B 25 22.57 -20.42 -6.05
C LYS B 25 21.33 -20.12 -5.23
N LYS B 26 20.49 -21.14 -5.05
CA LYS B 26 19.39 -21.07 -4.10
C LYS B 26 19.91 -20.84 -2.69
N ILE B 27 19.19 -20.03 -1.92
CA ILE B 27 19.49 -19.80 -0.50
C ILE B 27 18.18 -19.94 0.26
N LYS B 28 18.01 -21.07 0.93
CA LYS B 28 16.83 -21.27 1.74
C LYS B 28 17.01 -20.61 3.10
N TYR B 29 15.93 -20.04 3.63
CA TYR B 29 15.96 -19.45 4.96
C TYR B 29 14.58 -19.53 5.58
N ARG B 30 14.53 -19.25 6.88
CA ARG B 30 13.30 -19.25 7.65
C ARG B 30 13.05 -17.83 8.16
N ALA B 31 11.86 -17.32 7.90
CA ALA B 31 11.58 -15.92 8.18
C ALA B 31 10.68 -15.81 9.40
N TYR B 32 11.05 -14.90 10.30
CA TYR B 32 10.32 -14.56 11.50
C TYR B 32 10.02 -13.07 11.40
N GLU B 33 8.86 -12.74 10.84
CA GLU B 33 8.60 -11.37 10.42
C GLU B 33 7.72 -10.65 11.42
N ASN B 34 7.92 -9.33 11.49
CA ASN B 34 7.06 -8.40 12.22
C ASN B 34 6.94 -8.75 13.70
N ILE B 35 8.08 -9.05 14.32
CA ILE B 35 8.14 -9.36 15.74
C ILE B 35 8.22 -8.05 16.51
N ILE B 36 7.24 -7.81 17.38
CA ILE B 36 7.28 -6.65 18.26
C ILE B 36 8.25 -6.94 19.40
N TYR B 37 9.27 -6.10 19.54
CA TYR B 37 10.37 -6.45 20.42
C TYR B 37 10.33 -5.70 21.75
N ILE B 38 9.18 -5.13 22.13
CA ILE B 38 9.02 -4.51 23.44
C ILE B 38 7.64 -4.88 23.98
N LYS B 39 7.46 -4.68 25.28
CA LYS B 39 6.23 -5.10 25.92
C LYS B 39 5.13 -4.05 25.78
N ASN B 40 5.47 -2.77 25.88
CA ASN B 40 4.51 -1.68 25.77
C ASN B 40 4.86 -0.80 24.57
N PRO B 41 4.64 -1.28 23.35
CA PRO B 41 5.08 -0.53 22.18
C PRO B 41 4.21 0.70 21.93
N ILE B 42 4.85 1.79 21.48
CA ILE B 42 4.11 2.99 21.14
C ILE B 42 3.67 3.01 19.68
N ASP B 43 4.38 2.31 18.79
CA ASP B 43 3.95 2.27 17.39
C ASP B 43 4.37 0.92 16.81
N LYS B 44 3.39 0.02 16.68
CA LYS B 44 3.63 -1.33 16.20
C LYS B 44 4.32 -1.35 14.85
N ASP B 45 3.98 -0.40 13.98
CA ASP B 45 4.45 -0.45 12.60
C ASP B 45 5.95 -0.19 12.50
N TYR B 46 6.55 0.38 13.52
CA TYR B 46 7.95 0.70 13.47
C TYR B 46 8.76 0.11 14.61
N GLN B 47 8.15 -0.32 15.71
CA GLN B 47 8.90 -1.04 16.73
C GLN B 47 8.69 -2.55 16.57
N ASN B 48 9.03 -3.06 15.39
CA ASN B 48 9.06 -4.49 15.15
C ASN B 48 10.32 -4.84 14.36
N MET B 49 10.56 -6.14 14.19
CA MET B 49 11.83 -6.64 13.67
C MET B 49 11.56 -7.86 12.78
N ASN B 50 12.33 -7.97 11.70
CA ASN B 50 12.35 -9.18 10.87
C ASN B 50 13.63 -9.96 11.15
N ILE B 51 13.49 -11.27 11.33
CA ILE B 51 14.60 -12.14 11.69
C ILE B 51 14.65 -13.30 10.69
N TYR B 52 15.75 -13.39 9.95
CA TYR B 52 15.92 -14.39 8.89
C TYR B 52 17.11 -15.29 9.21
N ILE B 53 16.88 -16.60 9.23
CA ILE B 53 17.86 -17.57 9.70
C ILE B 53 18.09 -18.64 8.63
N PRO B 54 19.32 -18.87 8.19
CA PRO B 54 19.58 -19.87 7.13
C PRO B 54 19.00 -21.24 7.43
N GLU B 55 18.46 -21.88 6.39
CA GLU B 55 17.83 -23.19 6.57
C GLU B 55 18.84 -24.24 7.00
N GLU B 56 20.14 -24.03 6.72
CA GLU B 56 21.16 -24.97 7.16
C GLU B 56 21.18 -25.11 8.66
N TYR B 57 20.83 -24.05 9.39
CA TYR B 57 20.95 -24.02 10.84
C TYR B 57 19.78 -24.69 11.54
N PHE B 58 18.92 -25.37 10.80
CA PHE B 58 17.92 -26.25 11.36
C PHE B 58 18.09 -27.69 10.89
N ASN B 59 19.15 -27.96 10.11
CA ASN B 59 19.49 -29.29 9.64
C ASN B 59 20.92 -29.68 10.02
N ASN B 60 21.48 -29.04 11.05
CA ASN B 60 22.81 -29.34 11.57
C ASN B 60 23.92 -29.09 10.55
N LEU B 61 23.65 -28.33 9.51
CA LEU B 61 24.68 -28.05 8.52
C LEU B 61 25.41 -26.77 8.87
N SER B 62 26.52 -26.54 8.17
CA SER B 62 27.34 -25.36 8.39
C SER B 62 27.49 -24.58 7.09
N ILE B 63 27.93 -23.34 7.25
CA ILE B 63 28.20 -22.45 6.13
C ILE B 63 29.56 -21.79 6.40
N GLY B 64 30.59 -22.22 5.70
CA GLY B 64 31.93 -21.80 6.05
C GLY B 64 32.26 -22.20 7.47
N SER B 65 32.66 -21.21 8.27
CA SER B 65 32.97 -21.42 9.69
C SER B 65 31.72 -21.48 10.55
N TYR B 66 30.59 -20.96 10.06
CA TYR B 66 29.45 -20.71 10.91
C TYR B 66 28.49 -21.89 10.96
N ASN B 67 27.88 -22.07 12.12
CA ASN B 67 26.83 -23.06 12.30
C ASN B 67 25.76 -22.42 13.19
N SER B 68 24.83 -23.25 13.64
CA SER B 68 23.60 -22.77 14.26
C SER B 68 23.87 -22.11 15.61
N ASN B 69 24.99 -22.40 16.26
CA ASN B 69 25.22 -21.87 17.59
C ASN B 69 26.33 -20.83 17.68
N ASN B 70 27.12 -20.63 16.63
CA ASN B 70 28.17 -19.60 16.66
C ASN B 70 27.94 -18.50 15.65
N ALA B 71 26.86 -18.58 14.87
CA ALA B 71 26.63 -17.65 13.76
C ALA B 71 26.51 -16.22 14.28
N PRO B 72 27.26 -15.27 13.75
CA PRO B 72 27.08 -13.86 14.12
C PRO B 72 25.74 -13.32 13.59
N ILE B 73 25.36 -12.16 14.11
CA ILE B 73 24.07 -11.55 13.82
C ILE B 73 24.32 -10.23 13.10
N PHE B 74 23.86 -10.16 11.84
CA PHE B 74 23.83 -8.90 11.10
C PHE B 74 22.60 -8.09 11.47
N PHE B 75 22.82 -6.82 11.83
CA PHE B 75 21.83 -5.94 12.45
C PHE B 75 21.71 -4.66 11.62
N PRO B 76 21.19 -4.74 10.39
CA PRO B 76 21.08 -3.53 9.56
C PRO B 76 19.83 -2.74 9.89
N ASN B 77 19.98 -1.42 10.00
CA ASN B 77 18.84 -0.53 10.14
C ASN B 77 18.67 0.29 8.86
N THR B 78 17.44 0.75 8.60
CA THR B 78 17.09 1.46 7.37
C THR B 78 16.85 2.95 7.57
N VAL B 79 17.35 3.53 8.67
CA VAL B 79 17.05 4.94 8.92
C VAL B 79 17.85 5.81 7.95
N GLY B 80 17.19 6.85 7.45
CA GLY B 80 17.80 7.89 6.65
C GLY B 80 17.08 9.19 6.95
N GLY B 81 17.81 10.30 7.00
CA GLY B 81 17.24 11.57 7.39
C GLY B 81 16.67 11.64 8.79
N TYR B 82 16.96 10.64 9.62
CA TYR B 82 16.38 10.51 10.96
C TYR B 82 14.86 10.35 10.90
N MET B 83 14.37 9.95 9.72
CA MET B 83 12.99 9.58 9.41
C MET B 83 12.69 8.17 9.92
N PRO B 84 11.42 7.82 10.09
CA PRO B 84 11.10 6.46 10.51
C PRO B 84 11.66 5.44 9.52
N GLY B 85 12.22 4.36 10.07
CA GLY B 85 12.79 3.30 9.25
C GLY B 85 12.12 1.95 9.46
N LYS B 86 11.38 1.47 8.47
CA LYS B 86 10.75 0.17 8.60
C LYS B 86 11.78 -0.95 8.52
N ALA B 87 11.51 -2.03 9.25
CA ALA B 87 12.39 -3.19 9.27
C ALA B 87 12.69 -3.67 7.85
N ASP B 88 13.98 -3.84 7.56
CA ASP B 88 14.41 -4.29 6.24
C ASP B 88 13.96 -5.72 5.96
N THR B 89 14.10 -6.12 4.70
CA THR B 89 13.66 -7.43 4.26
C THR B 89 14.70 -8.01 3.31
N VAL B 90 14.65 -9.33 3.17
CA VAL B 90 15.57 -10.03 2.28
C VAL B 90 15.13 -9.82 0.83
N GLY B 91 16.08 -9.44 -0.02
CA GLY B 91 15.78 -9.28 -1.43
C GLY B 91 16.95 -8.66 -2.19
N LEU B 92 16.61 -7.99 -3.28
CA LEU B 92 17.58 -7.28 -4.09
C LEU B 92 17.20 -5.81 -3.99
N GLY B 93 18.18 -4.96 -3.76
CA GLY B 93 17.87 -3.57 -4.02
C GLY B 93 17.90 -3.46 -5.52
N ARG B 94 16.77 -3.20 -6.19
CA ARG B 94 16.82 -3.38 -7.63
C ARG B 94 17.86 -2.45 -8.26
N ASP B 95 18.91 -3.10 -8.77
CA ASP B 95 20.16 -2.56 -9.30
C ASP B 95 20.77 -3.86 -9.80
N GLY B 96 19.94 -4.91 -9.66
CA GLY B 96 20.25 -6.25 -10.05
C GLY B 96 20.84 -7.10 -8.95
N LYS B 97 21.44 -6.50 -7.93
CA LYS B 97 22.32 -7.22 -7.02
C LYS B 97 21.67 -7.41 -5.66
N ALA B 98 22.06 -8.51 -5.00
CA ALA B 98 21.52 -8.83 -3.69
C ALA B 98 21.78 -7.68 -2.72
N ASN B 99 20.78 -7.39 -1.88
CA ASN B 99 20.99 -6.40 -0.84
C ASN B 99 21.83 -7.00 0.31
N SER B 100 22.07 -6.18 1.33
CA SER B 100 22.91 -6.58 2.44
C SER B 100 22.34 -7.78 3.21
N LEU B 101 21.01 -7.85 3.35
CA LEU B 101 20.42 -8.97 4.08
C LEU B 101 20.64 -10.29 3.32
N THR B 102 20.40 -10.27 2.00
CA THR B 102 20.66 -11.47 1.20
C THR B 102 22.14 -11.84 1.21
N TYR B 103 23.02 -10.84 1.13
CA TYR B 103 24.44 -11.15 1.16
C TYR B 103 24.81 -11.75 2.51
N ALA B 104 24.29 -11.18 3.60
CA ALA B 104 24.55 -11.72 4.93
C ALA B 104 24.21 -13.19 4.99
N LEU B 105 23.03 -13.57 4.50
CA LEU B 105 22.65 -14.97 4.56
C LEU B 105 23.50 -15.80 3.63
N SER B 106 23.95 -15.21 2.52
CA SER B 106 24.89 -15.88 1.61
C SER B 106 26.10 -16.44 2.37
N LYS B 107 26.64 -15.65 3.29
CA LYS B 107 27.86 -15.96 4.01
C LYS B 107 27.60 -16.54 5.41
N GLY B 108 26.36 -16.94 5.70
CA GLY B 108 26.05 -17.67 6.91
C GLY B 108 25.59 -16.88 8.10
N TYR B 109 25.23 -15.61 7.94
CA TYR B 109 24.87 -14.78 9.07
C TYR B 109 23.42 -15.00 9.45
N VAL B 110 23.13 -14.91 10.73
CA VAL B 110 21.77 -14.71 11.18
C VAL B 110 21.44 -13.22 11.01
N VAL B 111 20.35 -12.92 10.31
CA VAL B 111 19.94 -11.55 10.03
C VAL B 111 18.81 -11.18 10.98
N ALA B 112 19.03 -10.13 11.77
CA ALA B 112 17.99 -9.48 12.56
C ALA B 112 17.95 -8.02 12.14
N ALA B 113 16.80 -7.59 11.62
CA ALA B 113 16.66 -6.26 11.01
C ALA B 113 15.57 -5.49 11.75
N PRO B 114 15.93 -4.54 12.59
CA PRO B 114 14.95 -3.81 13.40
C PRO B 114 14.35 -2.64 12.64
N GLY B 115 13.07 -2.34 12.97
CA GLY B 115 12.50 -1.05 12.67
C GLY B 115 12.84 -0.05 13.76
N ALA B 116 12.57 1.22 13.47
CA ALA B 116 12.81 2.26 14.47
C ALA B 116 11.95 3.48 14.17
N ARG B 117 11.49 4.13 15.23
CA ARG B 117 10.74 5.35 15.03
C ARG B 117 11.65 6.43 14.46
N GLY B 118 11.05 7.53 14.04
CA GLY B 118 11.74 8.63 13.38
C GLY B 118 10.93 9.90 13.50
N ARG B 119 11.51 11.00 13.00
CA ARG B 119 11.20 12.32 13.52
C ARG B 119 9.79 12.83 13.21
N THR B 120 9.15 12.33 12.15
CA THR B 120 7.85 12.87 11.79
C THR B 120 6.69 12.09 12.38
N LEU B 121 6.96 10.94 12.98
CA LEU B 121 5.91 10.05 13.45
C LEU B 121 5.05 10.71 14.54
N THR B 122 3.74 10.45 14.51
CA THR B 122 2.83 10.93 15.54
C THR B 122 1.92 9.79 16.03
N ASP B 123 1.26 10.05 17.16
CA ASP B 123 0.19 9.19 17.65
C ASP B 123 -1.14 9.63 17.02
N ASP B 124 -2.25 9.02 17.45
CA ASP B 124 -3.52 9.30 16.79
C ASP B 124 -4.10 10.66 17.21
N LYS B 125 -3.52 11.31 18.21
CA LYS B 125 -3.90 12.65 18.61
C LYS B 125 -3.02 13.73 18.01
N GLY B 126 -1.91 13.35 17.40
CA GLY B 126 -1.04 14.30 16.74
C GLY B 126 0.17 14.73 17.54
N ASN B 127 0.41 14.15 18.71
CA ASN B 127 1.66 14.43 19.41
C ASN B 127 2.80 13.72 18.71
N TYR B 128 4.01 14.29 18.83
CA TYR B 128 5.18 13.69 18.19
C TYR B 128 5.78 12.60 19.07
N ILE B 129 6.05 11.44 18.48
CA ILE B 129 6.50 10.26 19.21
C ILE B 129 7.80 9.69 18.67
N GLY B 130 8.43 10.35 17.68
CA GLY B 130 9.69 9.85 17.13
C GLY B 130 10.85 10.83 17.13
N LYS B 131 10.75 11.92 17.90
CA LYS B 131 11.89 12.81 18.04
C LYS B 131 12.95 12.15 18.91
N ALA B 132 14.13 12.76 18.94
CA ALA B 132 15.23 12.27 19.75
C ALA B 132 14.77 12.04 21.19
N PRO B 133 15.20 10.96 21.85
CA PRO B 133 16.07 9.90 21.35
C PRO B 133 15.37 8.61 20.90
N ALA B 134 14.17 8.70 20.33
CA ALA B 134 13.38 7.49 20.13
C ALA B 134 14.06 6.48 19.21
N ALA B 135 14.82 6.94 18.22
CA ALA B 135 15.41 6.03 17.25
C ALA B 135 16.47 5.12 17.89
N ILE B 136 17.40 5.71 18.64
CA ILE B 136 18.43 4.90 19.29
C ILE B 136 17.83 4.08 20.42
N VAL B 137 16.78 4.61 21.06
CA VAL B 137 16.08 3.83 22.09
C VAL B 137 15.47 2.57 21.47
N ASP B 138 14.89 2.71 20.29
CA ASP B 138 14.29 1.54 19.64
C ASP B 138 15.35 0.50 19.27
N LEU B 139 16.49 0.94 18.73
CA LEU B 139 17.54 0.01 18.34
C LEU B 139 18.12 -0.72 19.57
N LYS B 140 18.39 0.01 20.65
CA LYS B 140 18.77 -0.65 21.91
C LYS B 140 17.69 -1.59 22.38
N ALA B 141 16.42 -1.25 22.15
CA ALA B 141 15.37 -2.13 22.62
C ALA B 141 15.37 -3.44 21.84
N ALA B 142 15.77 -3.38 20.57
CA ALA B 142 15.77 -4.57 19.74
C ALA B 142 16.97 -5.46 20.06
N VAL B 143 18.16 -4.86 20.22
CA VAL B 143 19.32 -5.59 20.73
C VAL B 143 18.96 -6.33 22.02
N ARG B 144 18.29 -5.64 22.94
CA ARG B 144 17.90 -6.27 24.20
C ARG B 144 17.03 -7.49 23.96
N TYR B 145 16.19 -7.45 22.92
CA TYR B 145 15.34 -8.59 22.57
C TYR B 145 16.16 -9.79 22.10
N LEU B 146 17.23 -9.55 21.34
CA LEU B 146 18.09 -10.65 20.91
C LEU B 146 18.79 -11.31 22.10
N TYR B 147 19.32 -10.50 23.03
CA TYR B 147 19.98 -11.04 24.21
C TYR B 147 19.01 -11.85 25.04
N LEU B 148 17.83 -11.31 25.31
CA LEU B 148 16.82 -12.05 26.07
C LEU B 148 16.50 -13.41 25.43
N ASN B 149 16.57 -13.53 24.10
CA ASN B 149 16.16 -14.76 23.42
C ASN B 149 17.34 -15.58 22.93
N ASP B 150 18.55 -15.24 23.36
CA ASP B 150 19.75 -15.89 22.81
C ASP B 150 19.74 -17.40 22.97
N GLU B 151 19.22 -17.90 24.11
CA GLU B 151 19.22 -19.34 24.37
C GLU B 151 18.32 -20.10 23.39
N VAL B 152 17.26 -19.47 22.88
CA VAL B 152 16.34 -20.15 21.97
C VAL B 152 16.57 -19.79 20.51
N MET B 153 17.30 -18.72 20.21
CA MET B 153 17.50 -18.32 18.84
C MET B 153 18.83 -18.82 18.29
N PRO B 154 18.87 -19.41 17.08
CA PRO B 154 20.15 -19.65 16.41
C PRO B 154 20.98 -18.38 16.29
N GLY B 155 22.29 -18.56 16.20
CA GLY B 155 23.20 -17.43 16.23
C GLY B 155 23.69 -17.15 17.64
N ASP B 156 24.60 -16.19 17.71
CA ASP B 156 25.25 -15.81 18.96
C ASP B 156 25.00 -14.32 19.17
N ALA B 157 24.25 -13.96 20.21
CA ALA B 157 23.91 -12.55 20.41
C ALA B 157 25.10 -11.72 20.89
N ASN B 158 26.19 -12.39 21.27
CA ASN B 158 27.46 -11.73 21.60
C ASN B 158 28.20 -11.25 20.37
N LYS B 159 27.82 -11.68 19.16
CA LYS B 159 28.43 -11.17 17.94
C LYS B 159 27.40 -10.46 17.05
N ILE B 160 26.80 -9.38 17.57
CA ILE B 160 25.92 -8.53 16.79
C ILE B 160 26.76 -7.47 16.07
N ILE B 161 26.56 -7.33 14.76
CA ILE B 161 27.26 -6.34 13.94
C ILE B 161 26.22 -5.35 13.43
N SER B 162 26.30 -4.11 13.90
CA SER B 162 25.43 -3.04 13.43
C SER B 162 25.93 -2.49 12.10
N ASN B 163 25.00 -2.30 11.15
CA ASN B 163 25.23 -1.56 9.93
C ASN B 163 24.18 -0.46 9.78
N GLY B 164 24.58 0.65 9.17
CA GLY B 164 23.69 1.77 8.92
C GLY B 164 24.34 2.77 7.98
N THR B 165 23.53 3.46 7.20
CA THR B 165 23.98 4.47 6.24
C THR B 165 23.45 5.84 6.65
N SER B 166 24.34 6.83 6.62
CA SER B 166 24.00 8.24 6.80
C SER B 166 23.48 8.45 8.20
N ALA B 167 22.24 8.93 8.35
CA ALA B 167 21.68 9.02 9.69
C ALA B 167 21.58 7.65 10.33
N GLY B 168 21.37 6.62 9.49
CA GLY B 168 21.42 5.26 9.99
C GLY B 168 22.83 4.84 10.38
N GLY B 169 23.86 5.39 9.71
CA GLY B 169 25.22 5.16 10.14
C GLY B 169 25.51 5.79 11.48
N ALA B 170 25.03 7.02 11.69
CA ALA B 170 25.21 7.66 12.99
C ALA B 170 24.56 6.83 14.09
N LEU B 171 23.32 6.42 13.88
CA LEU B 171 22.68 5.51 14.85
C LEU B 171 23.50 4.25 15.07
N SER B 172 24.17 3.76 14.02
CA SER B 172 24.95 2.54 14.12
C SER B 172 26.14 2.75 15.05
N ALA B 173 26.90 3.83 14.82
CA ALA B 173 27.96 4.24 15.74
C ALA B 173 27.45 4.47 17.16
N LEU B 174 26.35 5.23 17.30
CA LEU B 174 25.73 5.48 18.60
C LEU B 174 25.44 4.18 19.37
N LEU B 175 24.86 3.19 18.70
CA LEU B 175 24.63 1.90 19.33
C LEU B 175 25.92 1.32 19.91
N GLY B 176 27.01 1.42 19.14
CA GLY B 176 28.26 0.83 19.59
C GLY B 176 28.96 1.69 20.63
N ALA B 177 28.82 3.01 20.52
CA ALA B 177 29.46 3.90 21.48
C ALA B 177 28.88 3.75 22.87
N SER B 178 27.55 3.67 22.97
CA SER B 178 26.85 3.92 24.22
C SER B 178 26.28 2.67 24.86
N GLY B 179 26.93 1.51 24.65
CA GLY B 179 26.46 0.28 25.22
C GLY B 179 26.11 0.33 26.69
N ASN B 180 24.87 0.01 27.02
CA ASN B 180 24.38 -0.12 28.40
C ASN B 180 24.44 1.18 29.19
N SER B 181 24.57 2.33 28.52
CA SER B 181 24.61 3.59 29.25
C SER B 181 23.29 3.80 29.98
N GLN B 182 23.38 4.27 31.23
CA GLN B 182 22.21 4.56 32.04
C GLN B 182 21.32 5.65 31.43
N ASP B 183 21.84 6.47 30.53
CA ASP B 183 21.08 7.61 30.02
C ASP B 183 19.76 7.17 29.39
N TYR B 184 19.74 6.00 28.76
CA TYR B 184 18.63 5.52 27.95
C TYR B 184 17.63 4.67 28.73
N LEU B 185 17.96 4.31 29.97
CA LEU B 185 17.16 3.35 30.72
C LEU B 185 15.72 3.79 30.99
N PRO B 186 15.42 5.01 31.44
CA PRO B 186 14.00 5.36 31.64
C PRO B 186 13.19 5.27 30.36
N TYR B 187 13.78 5.68 29.23
CA TYR B 187 13.13 5.50 27.92
C TYR B 187 12.89 4.03 27.62
N LEU B 188 13.85 3.16 27.95
CA LEU B 188 13.63 1.74 27.71
C LEU B 188 12.67 1.15 28.73
N LYS B 189 12.70 1.68 29.96
CA LYS B 189 11.75 1.24 30.99
C LYS B 189 10.32 1.65 30.65
N GLU B 190 10.15 2.74 29.89
CA GLU B 190 8.84 3.28 29.59
C GLU B 190 8.14 2.51 28.45
N ILE B 191 8.90 1.98 27.49
CA ILE B 191 8.32 1.11 26.46
C ILE B 191 8.38 -0.37 26.83
N GLY B 192 9.03 -0.72 27.93
CA GLY B 192 9.06 -2.11 28.33
C GLY B 192 10.06 -2.97 27.58
N ALA B 193 11.24 -2.41 27.25
CA ALA B 193 12.28 -3.26 26.68
C ALA B 193 12.68 -4.33 27.68
N ALA B 194 13.16 -5.46 27.17
CA ALA B 194 13.74 -6.44 28.05
C ALA B 194 14.90 -5.81 28.82
N GLU B 195 15.06 -6.20 30.09
CA GLU B 195 16.12 -5.63 30.92
C GLU B 195 17.34 -6.56 30.84
N THR B 196 18.05 -6.44 29.72
CA THR B 196 19.15 -7.33 29.41
C THR B 196 20.40 -6.47 29.14
N ARG B 197 21.00 -6.60 27.97
CA ARG B 197 22.14 -5.82 27.52
C ARG B 197 21.75 -5.17 26.19
N ASP B 198 22.32 -4.00 25.90
CA ASP B 198 22.12 -3.45 24.57
C ASP B 198 23.44 -3.11 23.89
N ASP B 199 24.56 -3.58 24.45
CA ASP B 199 25.87 -3.43 23.84
C ASP B 199 26.06 -4.42 22.69
N ILE B 200 26.84 -4.00 21.67
CA ILE B 200 27.04 -4.84 20.49
C ILE B 200 28.53 -5.08 20.24
N PHE B 201 28.78 -6.05 19.37
CA PHE B 201 30.11 -6.55 19.05
C PHE B 201 30.86 -5.66 18.05
N ALA B 202 30.18 -5.16 17.01
CA ALA B 202 30.88 -4.46 15.94
C ALA B 202 29.94 -3.45 15.27
N VAL B 203 30.53 -2.38 14.72
CA VAL B 203 29.81 -1.29 14.07
C VAL B 203 30.29 -1.14 12.64
N SER B 204 29.35 -1.16 11.70
CA SER B 204 29.58 -0.68 10.34
C SER B 204 28.77 0.61 10.17
N ALA B 205 29.38 1.61 9.57
CA ALA B 205 28.82 2.95 9.51
C ALA B 205 29.29 3.60 8.22
N TYR B 206 28.40 3.69 7.24
CA TYR B 206 28.60 4.52 6.06
C TYR B 206 28.12 5.93 6.36
N CYS B 207 28.89 6.91 5.86
CA CYS B 207 28.76 8.37 6.02
C CYS B 207 27.89 8.80 7.21
N PRO B 208 28.34 8.57 8.44
CA PRO B 208 27.52 8.90 9.62
C PRO B 208 27.29 10.40 9.77
N ILE B 209 26.03 10.81 9.67
CA ILE B 209 25.65 12.18 9.93
C ILE B 209 25.48 12.37 11.44
N THR B 210 26.59 12.58 12.12
CA THR B 210 26.64 12.52 13.58
C THR B 210 27.39 13.73 14.11
N ASN B 211 27.56 13.79 15.44
CA ASN B 211 28.17 14.94 16.10
C ASN B 211 27.51 16.24 15.64
N LEU B 212 26.18 16.27 15.71
CA LEU B 212 25.40 17.28 15.01
C LEU B 212 25.73 18.70 15.47
N GLU B 213 25.82 18.94 16.78
CA GLU B 213 26.07 20.28 17.32
C GLU B 213 27.46 20.81 17.02
N ASN B 214 28.34 20.01 16.42
CA ASN B 214 29.65 20.49 15.99
C ASN B 214 29.86 20.40 14.48
N ALA B 215 28.93 19.78 13.74
CA ALA B 215 29.13 19.59 12.32
C ALA B 215 29.00 20.90 11.55
N ASP B 216 28.34 21.90 12.11
CA ASP B 216 28.23 23.17 11.42
C ASP B 216 29.61 23.82 11.24
N SER B 217 30.38 23.94 12.32
CA SER B 217 31.70 24.56 12.25
C SER B 217 32.67 23.68 11.46
N ALA B 218 32.54 22.37 11.60
CA ALA B 218 33.35 21.47 10.78
C ALA B 218 33.07 21.69 9.30
N TYR B 219 31.79 21.74 8.92
CA TYR B 219 31.42 22.01 7.53
C TYR B 219 32.03 23.32 7.04
N GLU B 220 31.83 24.42 7.79
CA GLU B 220 32.40 25.69 7.35
C GLU B 220 33.92 25.66 7.34
N TRP B 221 34.55 24.93 8.27
CA TRP B 221 36.00 24.87 8.25
C TRP B 221 36.50 24.25 6.95
N MET B 222 35.82 23.20 6.47
CA MET B 222 36.25 22.58 5.22
C MET B 222 35.85 23.41 3.99
N TYR B 223 34.65 24.01 3.99
CA TYR B 223 34.10 24.60 2.77
C TYR B 223 33.94 26.12 2.82
N ASN B 224 34.57 26.80 3.78
CA ASN B 224 34.59 28.26 3.71
C ASN B 224 35.24 28.72 2.42
N GLY B 225 34.74 29.81 1.85
CA GLY B 225 35.20 30.31 0.57
C GLY B 225 34.69 29.56 -0.64
N VAL B 226 33.93 28.48 -0.45
CA VAL B 226 33.19 27.84 -1.53
C VAL B 226 31.78 28.40 -1.48
N ASN B 227 31.50 29.39 -2.32
CA ASN B 227 30.31 30.23 -2.19
C ASN B 227 29.31 30.02 -3.31
N SER B 228 29.50 29.02 -4.16
CA SER B 228 28.45 28.55 -5.05
C SER B 228 28.08 27.13 -4.65
N TYR B 229 26.78 26.86 -4.53
CA TYR B 229 26.29 25.55 -4.17
C TYR B 229 25.42 24.97 -5.27
N SER B 230 25.34 23.64 -5.28
CA SER B 230 24.30 22.92 -6.00
C SER B 230 23.95 21.70 -5.17
N ARG B 231 22.67 21.33 -5.19
CA ARG B 231 22.23 20.27 -4.30
C ARG B 231 20.83 19.87 -4.69
N MET B 232 20.55 18.59 -4.49
CA MET B 232 19.16 18.16 -4.42
C MET B 232 18.52 18.85 -3.23
N GLU B 233 17.24 19.15 -3.33
CA GLU B 233 16.58 19.83 -2.22
C GLU B 233 15.69 18.84 -1.48
N PHE B 234 15.87 18.80 -0.17
CA PHE B 234 15.08 17.97 0.73
C PHE B 234 14.02 18.83 1.40
N THR B 235 12.93 18.17 1.77
CA THR B 235 11.87 18.78 2.55
C THR B 235 11.77 18.04 3.88
N ARG B 236 10.93 18.60 4.76
CA ARG B 236 10.62 17.96 6.03
C ARG B 236 10.27 16.49 5.85
N ASN B 237 9.69 16.13 4.71
CA ASN B 237 9.07 14.82 4.53
C ASN B 237 9.78 13.93 3.53
N THR B 238 11.01 14.26 3.16
CA THR B 238 11.81 13.39 2.32
C THR B 238 11.92 12.00 2.96
N SER B 239 11.76 10.96 2.14
CA SER B 239 11.75 9.61 2.67
C SER B 239 13.17 9.14 3.01
N ALA B 240 13.25 8.17 3.91
CA ALA B 240 14.56 7.69 4.36
C ALA B 240 15.39 7.22 3.18
N GLN B 241 14.79 6.48 2.25
CA GLN B 241 15.51 5.94 1.11
C GLN B 241 15.92 7.00 0.09
N GLU B 242 15.33 8.20 0.10
CA GLU B 242 15.84 9.25 -0.77
C GLU B 242 17.02 9.98 -0.14
N TYR B 243 17.09 10.03 1.19
CA TYR B 243 18.30 10.51 1.84
C TYR B 243 19.50 9.61 1.55
N ASN B 244 19.30 8.31 1.36
CA ASN B 244 20.39 7.33 1.41
C ASN B 244 20.75 6.71 0.07
N ASP B 245 19.87 6.78 -0.92
CA ASP B 245 20.08 6.16 -2.23
C ASP B 245 20.14 7.30 -3.23
N ARG B 246 21.35 7.74 -3.58
CA ARG B 246 21.51 8.94 -4.39
C ARG B 246 21.36 8.69 -5.88
N SER B 247 21.38 7.43 -6.32
CA SER B 247 21.30 7.06 -7.73
C SER B 247 19.99 7.49 -8.37
N LEU B 248 19.07 8.05 -7.58
CA LEU B 248 17.74 8.43 -8.04
C LEU B 248 17.67 9.82 -8.68
N THR B 249 18.83 10.39 -9.06
CA THR B 249 18.94 11.60 -9.91
C THR B 249 17.96 12.73 -9.54
N ARG B 250 17.46 12.75 -8.30
CA ARG B 250 16.29 13.56 -7.95
C ARG B 250 16.65 15.04 -7.79
N SER B 251 16.56 15.79 -8.89
CA SER B 251 16.54 17.26 -8.93
C SER B 251 17.84 17.92 -8.45
N THR B 252 17.98 19.22 -8.73
CA THR B 252 19.17 19.96 -8.30
C THR B 252 18.86 21.45 -8.40
N VAL B 253 18.93 22.14 -7.25
CA VAL B 253 18.83 23.59 -7.19
C VAL B 253 20.24 24.17 -7.09
N GLN B 254 20.51 25.22 -7.86
CA GLN B 254 21.80 25.87 -7.87
C GLN B 254 21.68 27.29 -7.30
N GLY B 255 22.79 27.82 -6.81
CA GLY B 255 22.76 29.17 -6.27
C GLY B 255 24.10 29.59 -5.70
N ASN B 256 24.11 30.83 -5.19
CA ASN B 256 25.26 31.47 -4.55
C ASN B 256 24.90 31.87 -3.14
N LEU B 257 25.87 31.85 -2.24
CA LEU B 257 25.64 32.29 -0.88
C LEU B 257 25.39 33.79 -0.85
N THR B 258 24.51 34.22 0.05
CA THR B 258 24.34 35.65 0.26
C THR B 258 25.46 36.16 1.15
N ASN B 259 25.50 37.48 1.32
CA ASN B 259 26.56 38.08 2.12
C ASN B 259 26.42 37.70 3.59
N ASP B 260 25.19 37.75 4.10
CA ASP B 260 24.94 37.26 5.45
C ASP B 260 25.45 35.82 5.58
N GLU B 261 25.25 35.01 4.53
CA GLU B 261 25.65 33.61 4.58
C GLU B 261 27.17 33.48 4.61
N ILE B 262 27.88 34.29 3.81
CA ILE B 262 29.35 34.24 3.81
C ILE B 262 29.91 34.58 5.19
N ASN B 263 29.49 35.72 5.75
CA ASN B 263 29.92 36.10 7.09
C ASN B 263 29.60 35.01 8.11
N ILE B 264 28.41 34.40 8.01
CA ILE B 264 28.04 33.28 8.86
C ILE B 264 29.04 32.14 8.71
N SER B 265 29.43 31.86 7.46
CA SER B 265 30.45 30.86 7.20
C SER B 265 31.76 31.26 7.86
N ASN B 266 32.17 32.52 7.71
CA ASN B 266 33.41 32.96 8.33
C ASN B 266 33.41 32.71 9.83
N LYS B 267 32.40 33.21 10.54
CA LYS B 267 32.36 33.02 12.00
C LYS B 267 32.29 31.54 12.38
N LEU B 268 31.59 30.72 11.60
CA LEU B 268 31.50 29.32 11.98
C LEU B 268 32.84 28.62 11.81
N LYS B 269 33.57 28.97 10.75
CA LYS B 269 34.89 28.37 10.54
C LYS B 269 35.82 28.63 11.72
N THR B 270 35.82 29.87 12.24
CA THR B 270 36.69 30.20 13.36
C THR B 270 36.39 29.36 14.58
N LEU B 271 35.14 28.93 14.76
CA LEU B 271 34.79 28.17 15.95
C LEU B 271 35.39 26.76 15.96
N PHE B 272 35.74 26.22 14.78
CA PHE B 272 36.14 24.82 14.72
C PHE B 272 37.47 24.56 15.43
N PRO B 273 38.56 25.30 15.18
CA PRO B 273 39.81 24.99 15.90
C PRO B 273 39.63 24.89 17.40
N ILE B 274 38.83 25.76 18.01
CA ILE B 274 38.59 25.69 19.45
C ILE B 274 37.97 24.35 19.82
N TYR B 275 36.93 23.92 19.09
CA TYR B 275 36.34 22.62 19.35
C TYR B 275 37.36 21.50 19.12
N LEU B 276 38.03 21.54 17.97
CA LEU B 276 38.93 20.45 17.61
C LEU B 276 40.09 20.32 18.59
N ASN B 277 40.72 21.43 18.97
CA ASN B 277 41.85 21.35 19.89
C ASN B 277 41.42 20.85 21.27
N SER B 278 40.18 21.11 21.68
CA SER B 278 39.71 20.63 22.96
C SER B 278 39.62 19.11 23.00
N LEU B 279 39.62 18.45 21.84
CA LEU B 279 39.44 17.00 21.80
C LEU B 279 40.74 16.26 22.16
N LYS B 280 41.88 16.95 22.13
CA LYS B 280 43.20 16.37 22.38
C LYS B 280 43.34 15.00 21.70
N LEU B 281 43.04 14.98 20.41
CA LEU B 281 43.16 13.79 19.57
C LEU B 281 44.59 13.64 19.05
N THR B 282 45.07 12.39 18.99
CA THR B 282 46.39 12.10 18.46
C THR B 282 46.29 11.12 17.29
N ASP B 283 47.31 11.15 16.44
CA ASP B 283 47.41 10.16 15.37
C ASP B 283 48.03 8.86 15.89
N ASP B 284 48.49 8.02 14.96
CA ASP B 284 49.00 6.69 15.31
C ASP B 284 50.22 6.75 16.22
N GLY B 285 51.02 7.80 16.12
CA GLY B 285 52.24 7.88 16.89
C GLY B 285 52.14 8.79 18.09
N GLY B 286 50.92 9.10 18.52
CA GLY B 286 50.73 10.02 19.62
C GLY B 286 51.14 11.46 19.35
N ASN B 287 51.17 11.86 18.09
CA ASN B 287 51.30 13.26 17.75
C ASN B 287 49.95 13.93 17.81
N LEU B 288 49.88 15.09 18.46
CA LEU B 288 48.63 15.80 18.67
C LEU B 288 48.19 16.48 17.38
N LEU B 289 46.99 16.16 16.92
CA LEU B 289 46.41 16.78 15.73
C LEU B 289 45.70 18.06 16.15
N THR B 290 46.22 19.20 15.68
CA THR B 290 45.87 20.51 16.17
C THR B 290 45.49 21.40 15.00
N LEU B 291 44.92 22.57 15.32
CA LEU B 291 44.79 23.66 14.36
C LEU B 291 44.94 24.99 15.07
N ASP B 292 45.45 25.98 14.35
CA ASP B 292 45.57 27.33 14.86
C ASP B 292 44.30 28.11 14.49
N LYS B 293 44.34 29.43 14.62
CA LYS B 293 43.15 30.22 14.33
C LYS B 293 42.95 30.45 12.84
N SER B 294 44.04 30.42 12.06
CA SER B 294 43.95 30.34 10.61
C SER B 294 43.17 29.11 10.13
N GLY B 295 43.05 28.08 10.96
CA GLY B 295 42.46 26.83 10.55
C GLY B 295 43.41 25.81 9.96
N ASN B 296 44.73 26.00 10.07
CA ASN B 296 45.74 25.05 9.61
C ASN B 296 46.45 24.36 10.78
N GLY B 297 47.13 23.26 10.47
CA GLY B 297 47.89 22.51 11.46
C GLY B 297 47.89 21.01 11.16
N SER B 298 48.26 20.24 12.20
CA SER B 298 48.34 18.79 12.05
C SER B 298 47.02 18.19 11.55
N PHE B 299 45.90 18.62 12.13
CA PHE B 299 44.65 17.97 11.76
C PHE B 299 44.36 18.11 10.27
N LYS B 300 44.63 19.28 9.70
CA LYS B 300 44.45 19.41 8.26
C LYS B 300 45.37 18.47 7.51
N THR B 301 46.63 18.38 7.95
CA THR B 301 47.57 17.46 7.33
C THR B 301 47.11 16.01 7.47
N TYR B 302 46.49 15.67 8.61
CA TYR B 302 45.97 14.32 8.77
C TYR B 302 44.89 14.02 7.73
N LEU B 303 43.91 14.92 7.58
CA LEU B 303 42.92 14.77 6.51
C LEU B 303 43.59 14.81 5.14
N SER B 304 44.57 15.70 4.96
CA SER B 304 45.42 15.67 3.77
C SER B 304 45.90 14.27 3.43
N ILE B 305 46.13 13.41 4.44
CA ILE B 305 46.67 12.10 4.15
C ILE B 305 45.58 11.07 3.85
N ILE B 306 44.38 11.23 4.42
CA ILE B 306 43.29 10.33 4.09
C ILE B 306 42.95 10.42 2.60
N ILE B 307 42.92 11.64 2.06
CA ILE B 307 42.71 11.83 0.63
C ILE B 307 43.91 11.27 -0.17
N ARG B 308 45.13 11.46 0.34
CA ARG B 308 46.28 10.90 -0.37
C ARG B 308 46.14 9.39 -0.51
N ASN B 309 45.72 8.72 0.56
CA ASN B 309 45.56 7.27 0.51
C ASN B 309 44.46 6.86 -0.45
N SER B 310 43.35 7.62 -0.47
CA SER B 310 42.25 7.28 -1.36
C SER B 310 42.62 7.46 -2.81
N ALA B 311 43.31 8.55 -3.15
CA ALA B 311 43.74 8.75 -4.53
C ALA B 311 44.69 7.65 -4.97
N ASN B 312 45.68 7.32 -4.12
CA ASN B 312 46.69 6.34 -4.53
C ASN B 312 46.06 4.98 -4.74
N ARG B 313 45.13 4.59 -3.85
CA ARG B 313 44.39 3.35 -4.07
C ARG B 313 43.70 3.38 -5.44
N ALA B 314 42.98 4.46 -5.73
CA ALA B 314 42.29 4.58 -7.00
C ALA B 314 43.24 4.38 -8.18
N LEU B 315 44.39 5.05 -8.14
CA LEU B 315 45.41 4.82 -9.18
C LEU B 315 45.83 3.36 -9.20
N ARG B 316 45.91 2.73 -8.03
CA ARG B 316 46.33 1.33 -8.00
C ARG B 316 45.33 0.44 -8.73
N GLU B 317 44.05 0.83 -8.80
CA GLU B 317 43.07 0.09 -9.59
C GLU B 317 42.69 0.82 -10.88
N GLY B 318 43.59 1.64 -11.42
CA GLY B 318 43.46 2.17 -12.75
C GLY B 318 42.36 3.18 -12.96
N LYS B 319 41.92 3.87 -11.91
CA LYS B 319 40.87 4.86 -12.07
C LYS B 319 41.47 6.20 -12.47
N ASP B 320 40.67 6.99 -13.18
CA ASP B 320 41.07 8.35 -13.53
C ASP B 320 41.00 9.25 -12.29
N ILE B 321 42.04 10.04 -12.09
CA ILE B 321 42.22 10.89 -10.91
C ILE B 321 42.28 12.37 -11.28
N SER B 322 42.03 12.67 -12.57
CA SER B 322 42.47 13.90 -13.21
C SER B 322 41.85 15.17 -12.64
N GLN B 323 40.59 15.15 -12.17
CA GLN B 323 39.97 16.42 -11.79
C GLN B 323 40.81 17.14 -10.74
N PHE B 324 41.12 16.45 -9.64
CA PHE B 324 41.71 17.07 -8.47
C PHE B 324 43.22 17.20 -8.57
N LYS B 325 43.73 17.44 -9.79
CA LYS B 325 45.17 17.41 -10.04
C LYS B 325 45.94 18.52 -9.34
N LYS B 326 45.42 19.76 -9.30
CA LYS B 326 46.24 20.81 -8.69
C LYS B 326 46.34 20.65 -7.18
N ALA B 327 45.45 19.90 -6.56
CA ALA B 327 45.67 19.58 -5.16
C ALA B 327 46.67 18.43 -4.96
N PHE B 328 47.25 17.87 -6.03
CA PHE B 328 48.08 16.68 -5.95
C PHE B 328 49.51 16.99 -6.35
N THR B 329 50.46 16.70 -5.47
CA THR B 329 51.86 16.54 -5.87
C THR B 329 52.07 15.07 -6.26
N ILE B 330 52.47 14.82 -7.50
CA ILE B 330 52.55 13.47 -8.05
C ILE B 330 54.01 13.18 -8.36
N GLU B 331 54.61 12.24 -7.62
CA GLU B 331 55.99 11.85 -7.87
C GLU B 331 56.01 10.62 -8.76
N ASN B 332 56.91 9.69 -8.49
CA ASN B 332 56.93 8.45 -9.25
C ASN B 332 55.59 7.76 -9.09
N ASN B 333 54.83 7.66 -10.18
CA ASN B 333 53.57 6.93 -10.22
C ASN B 333 52.46 7.55 -9.37
N LYS B 334 52.81 8.08 -8.20
CA LYS B 334 51.89 8.15 -7.08
C LYS B 334 51.77 9.55 -6.52
N VAL B 335 50.60 9.81 -5.90
CA VAL B 335 50.37 11.02 -5.13
C VAL B 335 51.21 10.96 -3.86
N VAL B 336 52.06 11.97 -3.66
CA VAL B 336 52.90 12.02 -2.47
C VAL B 336 52.42 13.06 -1.46
N ALA B 337 51.67 14.08 -1.88
CA ALA B 337 51.11 15.04 -0.92
C ALA B 337 49.81 15.60 -1.49
N VAL B 338 48.99 16.17 -0.61
CA VAL B 338 47.68 16.70 -1.02
C VAL B 338 47.46 18.05 -0.36
N ASN B 339 47.14 19.05 -1.16
CA ASN B 339 46.72 20.36 -0.65
C ASN B 339 45.22 20.28 -0.40
N LEU B 340 44.82 20.10 0.86
CA LEU B 340 43.39 19.91 1.17
C LEU B 340 42.58 21.15 0.79
N ASP B 341 43.13 22.34 1.06
CA ASP B 341 42.41 23.57 0.77
C ASP B 341 42.23 23.84 -0.73
N VAL B 342 42.92 23.10 -1.58
CA VAL B 342 42.63 23.12 -3.01
C VAL B 342 41.68 21.98 -3.38
N TYR B 343 41.90 20.79 -2.80
CA TYR B 343 40.97 19.69 -3.02
C TYR B 343 39.56 20.05 -2.56
N THR B 344 39.44 20.79 -1.45
CA THR B 344 38.14 21.24 -0.95
C THR B 344 37.38 22.03 -2.01
N HIS B 345 38.08 22.97 -2.65
CA HIS B 345 37.49 24.05 -3.42
C HIS B 345 37.25 23.71 -4.88
N ILE B 346 37.13 22.44 -5.23
CA ILE B 346 37.10 22.06 -6.64
C ILE B 346 35.68 21.80 -7.13
N GLY B 347 34.85 21.15 -6.32
CA GLY B 347 33.46 20.99 -6.66
C GLY B 347 32.61 22.12 -6.13
N ASP B 348 31.31 22.03 -6.45
CA ASP B 348 30.30 22.83 -5.77
C ASP B 348 30.15 22.41 -4.31
N ARG B 349 29.81 23.38 -3.47
CA ARG B 349 29.38 23.10 -2.10
C ARG B 349 27.96 22.52 -2.11
N MET B 350 27.64 21.68 -1.12
CA MET B 350 26.26 21.16 -1.10
C MET B 350 25.34 21.99 -0.22
N LYS B 351 25.67 22.08 1.07
CA LYS B 351 24.79 22.70 2.04
C LYS B 351 25.25 24.13 2.33
N SER B 352 24.31 24.98 2.57
CA SER B 352 24.46 26.39 2.92
C SER B 352 24.52 26.58 4.43
N PRO B 353 25.18 27.64 4.90
CA PRO B 353 25.46 27.77 6.34
C PRO B 353 24.27 28.33 7.11
N PRO B 354 23.99 27.79 8.30
CA PRO B 354 24.73 26.65 8.86
C PRO B 354 24.16 25.35 8.29
N ALA B 355 24.98 24.33 8.05
CA ALA B 355 24.47 23.21 7.27
C ALA B 355 23.52 22.32 8.06
N PHE B 356 23.47 22.42 9.38
CA PHE B 356 22.68 21.46 10.14
C PHE B 356 21.69 22.13 11.07
N ASP B 357 22.13 23.13 11.83
CA ASP B 357 21.22 23.88 12.69
C ASP B 357 20.78 25.13 11.92
N SER B 358 19.73 24.97 11.10
CA SER B 358 19.26 26.06 10.24
C SER B 358 18.81 27.25 11.06
N LEU B 359 19.09 28.46 10.54
CA LEU B 359 18.69 29.66 11.26
C LEU B 359 17.18 29.71 11.47
N ASP B 360 16.41 29.16 10.53
CA ASP B 360 14.96 29.02 10.67
C ASP B 360 14.55 27.63 11.12
N ALA B 361 15.49 26.83 11.61
CA ALA B 361 15.22 25.52 12.24
C ALA B 361 14.34 24.61 11.38
N SER B 362 14.65 24.56 10.07
CA SER B 362 13.89 23.77 9.12
C SER B 362 14.68 22.61 8.55
N SER B 363 15.87 22.32 9.08
CA SER B 363 16.57 21.14 8.64
C SER B 363 15.98 19.91 9.29
N GLY B 364 16.24 18.77 8.68
CA GLY B 364 15.84 17.49 9.26
C GLY B 364 16.43 17.28 10.63
N GLU B 365 17.63 17.82 10.88
CA GLU B 365 18.23 17.69 12.20
C GLU B 365 17.56 18.62 13.20
N ASN B 366 17.17 19.81 12.76
CA ASN B 366 16.25 20.62 13.58
C ASN B 366 14.99 19.83 13.90
N ASN B 367 14.45 19.10 12.91
CA ASN B 367 13.19 18.38 13.11
C ASN B 367 13.40 17.19 14.04
N LEU B 368 14.57 16.55 13.99
CA LEU B 368 14.87 15.44 14.90
C LEU B 368 14.85 15.88 16.36
N PHE B 369 15.31 17.10 16.63
CA PHE B 369 15.37 17.65 17.97
C PHE B 369 14.10 18.41 18.37
N GLY B 370 13.00 18.19 17.66
CA GLY B 370 11.71 18.56 18.18
C GLY B 370 11.36 17.75 19.41
N ASP B 371 10.15 17.91 19.93
CA ASP B 371 9.70 17.08 21.04
C ASP B 371 8.22 16.86 20.87
N LYS B 372 7.54 16.45 21.96
CA LYS B 372 6.16 16.01 21.86
C LYS B 372 5.28 17.12 21.29
N LYS B 373 5.57 18.36 21.67
CA LYS B 373 4.74 19.51 21.37
C LYS B 373 5.31 20.40 20.26
N SER B 374 6.59 20.24 19.89
CA SER B 374 7.26 21.11 18.93
C SER B 374 7.94 20.32 17.82
N ASP B 375 7.74 20.76 16.58
CA ASP B 375 8.21 20.02 15.42
C ASP B 375 9.73 20.11 15.28
N SER B 376 10.35 21.19 15.73
CA SER B 376 11.78 21.41 15.48
C SER B 376 12.37 22.38 16.50
N LYS B 377 13.67 22.22 16.77
CA LYS B 377 14.37 23.10 17.69
C LYS B 377 15.81 23.35 17.23
N HIS B 378 16.41 24.40 17.78
CA HIS B 378 17.83 24.55 17.61
C HIS B 378 18.57 23.60 18.54
N PHE B 379 19.81 23.32 18.17
CA PHE B 379 20.64 22.48 19.04
C PHE B 379 22.05 23.01 19.16
N THR B 380 22.30 24.25 18.74
CA THR B 380 23.58 24.92 18.92
C THR B 380 23.32 26.31 19.47
N LYS B 381 24.26 26.78 20.31
CA LYS B 381 24.19 28.14 20.79
C LYS B 381 24.26 29.13 19.63
N PHE B 382 25.13 28.85 18.64
CA PHE B 382 25.37 29.76 17.54
C PHE B 382 24.07 30.12 16.81
N SER B 383 23.28 29.11 16.47
CA SER B 383 22.05 29.31 15.71
C SER B 383 20.94 29.84 16.58
N PHE B 384 20.83 29.34 17.82
CA PHE B 384 19.82 29.85 18.73
C PHE B 384 20.01 31.35 19.00
N ASP B 385 21.26 31.80 19.16
CA ASP B 385 21.48 33.20 19.54
C ASP B 385 21.22 34.16 18.37
N ILE B 386 21.54 33.75 17.15
CA ILE B 386 21.19 34.58 16.00
C ILE B 386 19.68 34.69 15.85
N ASN B 387 18.99 33.56 15.98
CA ASN B 387 17.52 33.54 15.95
C ASN B 387 16.95 34.39 17.07
N ASN B 388 17.65 34.47 18.21
CA ASN B 388 17.10 35.16 19.37
C ASN B 388 17.30 36.67 19.30
N LYS B 389 18.19 37.13 18.42
CA LYS B 389 18.37 38.57 18.25
C LYS B 389 17.07 39.25 17.88
N ALA B 390 16.22 38.59 17.10
CA ALA B 390 14.92 39.17 16.77
C ALA B 390 13.98 39.12 17.97
N ALA B 391 13.94 37.97 18.65
CA ALA B 391 12.99 37.75 19.72
C ALA B 391 13.34 38.52 20.99
N ILE B 392 14.21 39.52 20.88
CA ILE B 392 14.66 40.25 22.05
C ILE B 392 14.41 41.73 21.83
N ASP B 393 14.72 42.21 20.63
CA ASP B 393 14.74 43.65 20.36
C ASP B 393 13.34 44.23 20.23
N TYR B 394 12.31 43.40 19.99
CA TYR B 394 11.01 43.63 20.60
C TYR B 394 10.68 42.41 21.45
N PHE B 395 10.63 42.64 22.76
CA PHE B 395 10.40 41.69 23.85
C PHE B 395 10.75 42.48 25.10
N ARG B 396 11.54 43.54 24.90
CA ARG B 396 11.59 44.69 25.78
C ARG B 396 11.05 45.94 25.11
N ASN B 397 10.23 45.75 24.06
CA ASN B 397 9.59 46.80 23.26
C ASN B 397 10.57 47.59 22.41
N SER B 408 7.79 32.21 16.68
CA SER B 408 8.63 33.39 16.51
C SER B 408 9.66 33.47 17.62
N ILE B 409 9.48 32.64 18.64
CA ILE B 409 10.38 32.59 19.79
C ILE B 409 11.18 31.30 19.72
N PRO B 410 12.51 31.33 19.66
CA PRO B 410 13.26 30.10 19.39
C PRO B 410 13.30 29.16 20.58
N LYS B 411 13.35 27.87 20.27
CA LYS B 411 13.52 26.84 21.27
C LYS B 411 14.90 26.18 21.15
N MET B 412 15.39 25.68 22.28
CA MET B 412 16.66 24.95 22.36
C MET B 412 16.41 23.55 22.93
N ALA B 413 16.86 22.53 22.21
CA ALA B 413 16.71 21.18 22.69
C ALA B 413 17.47 20.97 24.01
N ASP B 414 16.89 20.14 24.88
CA ASP B 414 17.53 19.73 26.11
C ASP B 414 18.94 19.19 25.83
N LYS B 415 19.93 19.76 26.53
CA LYS B 415 21.31 19.33 26.38
C LYS B 415 21.47 17.82 26.62
N ASN B 416 20.68 17.24 27.53
CA ASN B 416 20.78 15.79 27.71
C ASN B 416 20.21 15.02 26.53
N ILE B 417 19.35 15.65 25.73
CA ILE B 417 18.86 15.01 24.52
C ILE B 417 19.90 15.10 23.40
N ILE B 418 20.57 16.26 23.31
CA ILE B 418 21.66 16.39 22.35
C ILE B 418 22.76 15.36 22.66
N LYS B 419 23.17 15.29 23.95
CA LYS B 419 24.19 14.35 24.38
C LYS B 419 23.86 12.92 23.93
N MET B 420 22.64 12.45 24.23
CA MET B 420 22.24 11.08 23.90
C MET B 420 22.23 10.80 22.41
N MET B 421 22.27 11.83 21.58
CA MET B 421 22.29 11.59 20.15
C MET B 421 23.69 11.49 19.59
N ASN B 422 24.71 11.79 20.39
CA ASN B 422 26.09 12.00 19.92
C ASN B 422 27.04 10.95 20.50
N PRO B 423 27.68 10.13 19.68
CA PRO B 423 28.59 9.10 20.24
C PRO B 423 29.79 9.69 20.95
N MET B 424 30.22 10.89 20.57
CA MET B 424 31.42 11.49 21.15
C MET B 424 31.37 11.55 22.68
N TYR B 425 30.19 11.59 23.29
CA TYR B 425 30.13 11.73 24.73
C TYR B 425 30.26 10.40 25.47
N TYR B 426 30.29 9.28 24.74
CA TYR B 426 30.28 7.95 25.33
C TYR B 426 31.51 7.11 25.01
N ILE B 427 32.35 7.55 24.08
CA ILE B 427 33.50 6.75 23.65
C ILE B 427 34.63 6.91 24.67
N ASP B 428 35.13 5.80 25.18
CA ASP B 428 36.36 5.81 26.00
C ASP B 428 36.96 4.41 25.99
N SER B 429 38.07 4.23 26.70
CA SER B 429 38.65 2.88 26.75
C SER B 429 37.65 1.86 27.27
N ASN B 430 36.77 2.25 28.19
CA ASN B 430 35.79 1.30 28.72
C ASN B 430 34.71 0.92 27.72
N THR B 431 34.54 1.67 26.62
CA THR B 431 33.50 1.36 25.65
C THR B 431 33.61 -0.10 25.22
N SER B 432 32.50 -0.81 25.32
CA SER B 432 32.54 -2.27 25.18
C SER B 432 32.76 -2.70 23.74
N THR B 433 32.36 -1.89 22.76
CA THR B 433 32.34 -2.32 21.38
C THR B 433 33.70 -2.06 20.78
N LYS B 434 34.37 -3.13 20.34
CA LYS B 434 35.79 -3.11 20.00
C LYS B 434 36.05 -2.83 18.52
N TYR B 435 35.19 -3.27 17.62
CA TYR B 435 35.47 -3.23 16.19
C TYR B 435 34.62 -2.15 15.52
N TRP B 436 35.26 -1.36 14.68
CA TRP B 436 34.61 -0.23 14.05
C TRP B 436 35.09 -0.14 12.61
N ARG B 437 34.14 -0.09 11.67
CA ARG B 437 34.39 0.18 10.26
C ARG B 437 33.63 1.43 9.84
N ILE B 438 34.35 2.45 9.38
CA ILE B 438 33.74 3.72 9.00
C ILE B 438 34.17 4.09 7.59
N ARG B 439 33.20 4.46 6.77
CA ARG B 439 33.43 4.85 5.39
C ARG B 439 32.80 6.22 5.16
N HIS B 440 33.49 7.07 4.44
CA HIS B 440 32.91 8.36 4.03
C HIS B 440 33.58 8.76 2.72
N GLY B 441 32.80 8.78 1.65
CA GLY B 441 33.32 9.01 0.31
C GLY B 441 34.23 10.21 0.16
N ALA B 442 35.15 10.12 -0.79
CA ALA B 442 36.08 11.22 -1.01
C ALA B 442 35.38 12.46 -1.57
N ILE B 443 34.18 12.31 -2.12
CA ILE B 443 33.41 13.48 -2.53
C ILE B 443 32.03 13.49 -1.86
N ASP B 444 31.94 13.02 -0.61
CA ASP B 444 30.70 13.19 0.15
C ASP B 444 30.72 14.55 0.81
N LYS B 445 29.75 15.39 0.45
CA LYS B 445 29.61 16.73 1.01
C LYS B 445 28.29 16.87 1.77
N ASP B 446 27.64 15.76 2.09
CA ASP B 446 26.47 15.81 2.96
C ASP B 446 26.89 16.16 4.36
N THR B 447 28.11 15.75 4.73
CA THR B 447 28.79 16.24 5.91
C THR B 447 30.27 16.26 5.61
N SER B 448 31.02 16.99 6.44
CA SER B 448 32.44 17.14 6.22
C SER B 448 33.17 15.85 6.54
N LEU B 449 34.22 15.55 5.76
CA LEU B 449 35.12 14.44 6.11
C LEU B 449 35.66 14.57 7.54
N ALA B 450 35.71 15.79 8.09
CA ALA B 450 36.26 15.99 9.43
C ALA B 450 35.48 15.20 10.50
N ILE B 451 34.16 15.06 10.33
CA ILE B 451 33.29 14.50 11.36
C ILE B 451 33.49 12.99 11.49
N PRO B 452 33.37 12.19 10.41
CA PRO B 452 33.80 10.79 10.52
C PRO B 452 35.23 10.62 10.97
N ALA B 453 36.13 11.51 10.52
CA ALA B 453 37.53 11.43 10.93
C ALA B 453 37.67 11.57 12.44
N ILE B 454 37.02 12.59 13.01
CA ILE B 454 37.07 12.81 14.45
C ILE B 454 36.55 11.58 15.19
N LEU B 455 35.48 10.97 14.67
CA LEU B 455 34.96 9.74 15.24
C LEU B 455 36.02 8.65 15.23
N ALA B 456 36.68 8.43 14.09
CA ALA B 456 37.69 7.40 13.96
C ALA B 456 38.86 7.64 14.92
N LEU B 457 39.31 8.89 15.01
CA LEU B 457 40.42 9.22 15.90
C LEU B 457 40.09 8.94 17.36
N LYS B 458 38.96 9.48 17.85
CA LYS B 458 38.57 9.24 19.23
C LYS B 458 38.46 7.76 19.53
N LEU B 459 38.04 6.96 18.55
CA LEU B 459 37.95 5.53 18.78
C LEU B 459 39.34 4.89 18.83
N LYS B 460 40.23 5.32 17.94
CA LYS B 460 41.58 4.79 17.93
C LYS B 460 42.29 5.15 19.22
N ASN B 461 42.13 6.41 19.66
CA ASN B 461 42.79 6.86 20.89
C ASN B 461 42.25 6.13 22.13
N SER B 462 41.00 5.65 22.06
CA SER B 462 40.38 4.90 23.13
C SER B 462 40.82 3.44 23.15
N GLY B 463 41.55 3.00 22.13
CA GLY B 463 42.07 1.66 22.08
C GLY B 463 41.23 0.66 21.33
N LYS B 464 40.48 1.09 20.31
CA LYS B 464 39.55 0.24 19.58
C LYS B 464 40.05 0.01 18.16
N ILE B 465 39.75 -1.17 17.62
CA ILE B 465 40.18 -1.53 16.26
C ILE B 465 39.30 -0.79 15.26
N VAL B 466 39.88 0.18 14.55
CA VAL B 466 39.13 1.07 13.67
C VAL B 466 39.62 0.90 12.24
N ASN B 467 38.68 0.61 11.34
CA ASN B 467 38.94 0.52 9.91
C ASN B 467 38.16 1.66 9.24
N PHE B 468 38.89 2.70 8.81
CA PHE B 468 38.31 3.95 8.31
C PHE B 468 39.00 4.31 7.01
N ALA B 469 38.21 4.57 5.97
CA ALA B 469 38.75 5.03 4.70
C ALA B 469 37.76 5.98 4.02
N ALA B 470 38.24 6.66 2.98
CA ALA B 470 37.48 7.61 2.18
C ALA B 470 37.48 7.17 0.72
N PRO B 471 36.57 6.27 0.33
CA PRO B 471 36.63 5.68 -1.02
C PRO B 471 36.60 6.73 -2.11
N TRP B 472 37.40 6.48 -3.16
CA TRP B 472 37.60 7.49 -4.20
C TRP B 472 36.37 7.65 -5.07
N GLY B 473 36.02 8.90 -5.36
CA GLY B 473 34.90 9.20 -6.24
C GLY B 473 33.55 8.75 -5.70
N GLN B 474 33.49 8.43 -4.41
CA GLN B 474 32.26 7.94 -3.79
C GLN B 474 31.55 9.11 -3.11
N GLY B 475 30.24 9.21 -3.34
CA GLY B 475 29.42 10.21 -2.71
C GLY B 475 28.68 9.65 -1.50
N HIS B 476 27.64 10.36 -1.09
CA HIS B 476 26.79 9.90 0.00
C HIS B 476 26.10 8.59 -0.37
N GLY B 477 26.17 7.61 0.53
CA GLY B 477 25.63 6.29 0.25
C GLY B 477 26.23 5.23 1.16
N GLY B 478 25.85 3.99 0.87
CA GLY B 478 26.24 2.87 1.68
C GLY B 478 25.99 1.58 0.96
N ASP B 479 26.67 0.53 1.44
CA ASP B 479 26.47 -0.84 0.95
C ASP B 479 26.91 -0.98 -0.51
N TYR B 480 27.85 -0.17 -0.98
CA TYR B 480 28.40 -0.32 -2.32
C TYR B 480 29.56 -1.31 -2.39
N ASP B 481 29.83 -2.02 -1.29
CA ASP B 481 31.08 -2.76 -1.15
C ASP B 481 30.82 -3.96 -0.24
N LEU B 482 29.74 -4.68 -0.48
CA LEU B 482 29.30 -5.68 0.50
C LEU B 482 30.28 -6.83 0.63
N GLU B 483 31.05 -7.15 -0.43
CA GLU B 483 32.00 -8.24 -0.29
C GLU B 483 33.18 -7.83 0.57
N GLU B 484 33.62 -6.57 0.46
CA GLU B 484 34.64 -6.08 1.37
C GLU B 484 34.08 -5.91 2.77
N LEU B 485 32.83 -5.44 2.88
CA LEU B 485 32.19 -5.36 4.19
C LEU B 485 32.24 -6.70 4.91
N PHE B 486 31.77 -7.75 4.26
CA PHE B 486 31.63 -9.05 4.91
C PHE B 486 32.95 -9.81 5.00
N ASN B 487 33.94 -9.47 4.17
CA ASN B 487 35.30 -9.93 4.44
C ASN B 487 35.82 -9.39 5.77
N TRP B 488 35.57 -8.11 6.03
CA TRP B 488 35.97 -7.48 7.30
C TRP B 488 35.18 -8.07 8.47
N ILE B 489 33.86 -8.15 8.34
CA ILE B 489 33.07 -8.74 9.43
C ILE B 489 33.55 -10.15 9.73
N ASP B 490 33.93 -10.90 8.68
CA ASP B 490 34.42 -12.27 8.87
C ASP B 490 35.79 -12.28 9.52
N ASN B 491 36.59 -11.24 9.30
CA ASN B 491 37.89 -11.18 9.94
C ASN B 491 37.74 -10.90 11.43
N VAL B 492 37.01 -9.85 11.79
CA VAL B 492 36.85 -9.54 13.21
C VAL B 492 36.03 -10.59 13.95
N VAL B 493 35.31 -11.45 13.23
CA VAL B 493 34.60 -12.54 13.88
C VAL B 493 35.43 -13.82 13.89
N LYS B 494 36.16 -14.06 12.80
CA LYS B 494 36.61 -15.41 12.35
C LYS B 494 35.41 -16.29 11.97
N ASP C 5 4.19 -48.86 -39.55
CA ASP C 5 4.60 -50.17 -39.10
C ASP C 5 3.41 -50.95 -38.52
N TYR C 6 3.02 -50.62 -37.28
CA TYR C 6 1.94 -51.34 -36.60
C TYR C 6 0.63 -51.28 -37.38
N ASP C 7 -0.13 -52.38 -37.30
CA ASP C 7 -1.39 -52.52 -38.02
C ASP C 7 -2.53 -51.96 -37.18
N LEU C 8 -3.36 -51.12 -37.80
CA LEU C 8 -4.38 -50.39 -37.06
C LEU C 8 -5.76 -51.03 -37.16
N LYS C 9 -5.90 -52.12 -37.90
CA LYS C 9 -7.17 -52.84 -37.95
C LYS C 9 -7.50 -53.41 -36.56
N PHE C 10 -8.77 -53.35 -36.19
CA PHE C 10 -9.20 -53.83 -34.88
C PHE C 10 -9.40 -55.34 -34.94
N ASN C 11 -8.71 -56.06 -34.05
CA ASN C 11 -8.84 -57.51 -33.89
C ASN C 11 -9.91 -57.77 -32.85
N PRO C 12 -11.13 -58.15 -33.26
CA PRO C 12 -12.19 -58.37 -32.27
C PRO C 12 -12.03 -59.66 -31.49
N ASP C 13 -10.99 -60.45 -31.78
CA ASP C 13 -10.74 -61.72 -31.12
C ASP C 13 -9.63 -61.67 -30.08
N LYS C 14 -8.84 -60.59 -30.03
CA LYS C 14 -7.79 -60.43 -29.00
C LYS C 14 -8.35 -59.65 -27.83
N TYR C 15 -9.14 -60.35 -27.01
CA TYR C 15 -9.71 -59.80 -25.80
C TYR C 15 -9.61 -60.84 -24.68
N ILE C 16 -9.61 -60.37 -23.45
CA ILE C 16 -9.86 -61.21 -22.27
C ILE C 16 -11.28 -60.95 -21.81
N SER C 17 -12.05 -62.02 -21.61
CA SER C 17 -13.38 -61.87 -21.03
C SER C 17 -13.27 -61.56 -19.54
N LYS C 18 -14.16 -60.69 -19.05
CA LYS C 18 -14.06 -60.20 -17.68
C LYS C 18 -15.43 -59.81 -17.15
N GLU C 19 -15.59 -59.95 -15.83
CA GLU C 19 -16.82 -59.56 -15.15
C GLU C 19 -16.49 -58.72 -13.93
N ILE C 20 -17.31 -57.70 -13.67
CA ILE C 20 -17.29 -56.97 -12.41
C ILE C 20 -18.71 -56.77 -11.94
N LYS C 21 -18.90 -56.78 -10.62
CA LYS C 21 -20.21 -56.54 -10.01
C LYS C 21 -20.16 -55.17 -9.34
N ILE C 22 -20.96 -54.23 -9.88
CA ILE C 22 -20.99 -52.87 -9.33
C ILE C 22 -21.63 -52.87 -7.94
N ASN C 23 -22.48 -53.85 -7.65
CA ASN C 23 -23.11 -53.98 -6.34
C ASN C 23 -23.56 -55.43 -6.17
N GLY C 24 -23.97 -56.03 -7.28
CA GLY C 24 -24.52 -57.37 -7.33
C GLY C 24 -24.93 -57.66 -8.75
N LYS C 25 -25.23 -56.58 -9.49
CA LYS C 25 -25.51 -56.68 -10.92
C LYS C 25 -24.24 -57.07 -11.65
N LYS C 26 -24.20 -58.30 -12.17
CA LYS C 26 -23.09 -58.75 -12.97
C LYS C 26 -22.95 -57.87 -14.21
N ILE C 27 -21.72 -57.44 -14.49
CA ILE C 27 -21.40 -56.63 -15.66
C ILE C 27 -20.33 -57.39 -16.42
N LYS C 28 -20.74 -58.12 -17.45
CA LYS C 28 -19.83 -58.85 -18.31
C LYS C 28 -19.34 -57.92 -19.42
N TYR C 29 -18.02 -57.86 -19.59
CA TYR C 29 -17.45 -57.03 -20.63
C TYR C 29 -16.26 -57.73 -21.23
N ARG C 30 -15.85 -57.26 -22.40
CA ARG C 30 -14.64 -57.76 -23.05
C ARG C 30 -13.58 -56.67 -23.03
N ALA C 31 -12.35 -57.05 -22.65
CA ALA C 31 -11.26 -56.10 -22.46
C ALA C 31 -10.25 -56.26 -23.61
N TYR C 32 -10.15 -55.22 -24.44
CA TYR C 32 -9.16 -55.14 -25.52
C TYR C 32 -8.09 -54.17 -25.05
N GLU C 33 -7.05 -54.69 -24.42
CA GLU C 33 -6.13 -53.86 -23.64
C GLU C 33 -4.82 -53.65 -24.39
N ASN C 34 -4.23 -52.47 -24.20
CA ASN C 34 -2.89 -52.16 -24.69
C ASN C 34 -2.85 -52.00 -26.21
N ILE C 35 -3.93 -51.52 -26.81
CA ILE C 35 -4.02 -51.41 -28.26
C ILE C 35 -3.23 -50.19 -28.72
N ILE C 36 -2.17 -50.42 -29.49
CA ILE C 36 -1.41 -49.32 -30.09
C ILE C 36 -2.21 -48.71 -31.23
N TYR C 37 -2.43 -47.39 -31.17
CA TYR C 37 -3.40 -46.74 -32.04
C TYR C 37 -2.75 -45.80 -33.08
N ILE C 38 -1.48 -46.01 -33.39
CA ILE C 38 -0.81 -45.29 -34.47
C ILE C 38 0.12 -46.27 -35.17
N LYS C 39 0.56 -45.89 -36.38
CA LYS C 39 1.43 -46.78 -37.14
C LYS C 39 2.88 -46.68 -36.70
N ASN C 40 3.35 -45.48 -36.36
CA ASN C 40 4.75 -45.25 -35.98
C ASN C 40 4.82 -44.60 -34.60
N PRO C 41 4.48 -45.34 -33.54
CA PRO C 41 4.57 -44.76 -32.19
C PRO C 41 5.98 -44.39 -31.79
N ILE C 42 6.09 -43.40 -30.90
CA ILE C 42 7.38 -43.04 -30.32
C ILE C 42 7.47 -43.62 -28.91
N ASP C 43 6.33 -43.74 -28.22
CA ASP C 43 6.29 -44.43 -26.93
C ASP C 43 5.10 -45.36 -26.89
N LYS C 44 5.37 -46.67 -27.00
CA LYS C 44 4.30 -47.66 -27.02
C LYS C 44 3.64 -47.80 -25.66
N ASP C 45 4.25 -47.31 -24.58
CA ASP C 45 3.66 -47.42 -23.24
C ASP C 45 2.54 -46.41 -23.01
N TYR C 46 2.60 -45.26 -23.64
CA TYR C 46 1.60 -44.24 -23.42
C TYR C 46 0.70 -44.05 -24.62
N GLN C 47 1.24 -44.19 -25.82
CA GLN C 47 0.41 -44.14 -27.02
C GLN C 47 -0.25 -45.48 -27.27
N ASN C 48 -0.92 -46.06 -26.26
CA ASN C 48 -1.80 -47.20 -26.48
C ASN C 48 -3.13 -46.96 -25.76
N MET C 49 -4.04 -47.92 -25.89
CA MET C 49 -5.42 -47.67 -25.53
C MET C 49 -6.07 -48.96 -25.05
N ASN C 50 -6.84 -48.88 -23.97
CA ASN C 50 -7.72 -49.96 -23.53
C ASN C 50 -9.14 -49.71 -24.03
N ILE C 51 -9.77 -50.76 -24.57
CA ILE C 51 -11.15 -50.70 -25.03
C ILE C 51 -11.94 -51.80 -24.33
N TYR C 52 -13.02 -51.41 -23.64
CA TYR C 52 -13.89 -52.35 -22.94
C TYR C 52 -15.31 -52.25 -23.51
N ILE C 53 -15.83 -53.40 -23.96
CA ILE C 53 -17.10 -53.48 -24.66
C ILE C 53 -17.96 -54.52 -23.95
N PRO C 54 -19.20 -54.19 -23.57
CA PRO C 54 -20.04 -55.17 -22.87
C PRO C 54 -20.33 -56.37 -23.76
N GLU C 55 -20.48 -57.53 -23.12
CA GLU C 55 -20.62 -58.78 -23.89
C GLU C 55 -21.89 -58.77 -24.73
N GLU C 56 -22.96 -58.17 -24.23
CA GLU C 56 -24.23 -58.14 -24.95
C GLU C 56 -24.07 -57.64 -26.38
N TYR C 57 -23.13 -56.73 -26.61
CA TYR C 57 -22.96 -56.14 -27.94
C TYR C 57 -22.24 -57.05 -28.92
N PHE C 58 -21.93 -58.28 -28.52
CA PHE C 58 -21.44 -59.31 -29.44
C PHE C 58 -22.46 -60.40 -29.67
N ASN C 59 -23.68 -60.26 -29.13
CA ASN C 59 -24.68 -61.32 -29.13
C ASN C 59 -26.04 -60.83 -29.63
N ASN C 60 -26.07 -59.70 -30.31
CA ASN C 60 -27.32 -59.05 -30.72
C ASN C 60 -28.25 -58.90 -29.52
N LEU C 61 -27.71 -58.26 -28.50
CA LEU C 61 -28.43 -57.90 -27.29
C LEU C 61 -28.35 -56.40 -27.07
N SER C 62 -29.40 -55.85 -26.48
CA SER C 62 -29.43 -54.45 -26.08
C SER C 62 -29.19 -54.33 -24.56
N ILE C 63 -28.72 -53.15 -24.16
CA ILE C 63 -28.59 -52.78 -22.75
C ILE C 63 -29.26 -51.43 -22.58
N GLY C 64 -30.32 -51.39 -21.77
CA GLY C 64 -31.12 -50.20 -21.67
C GLY C 64 -31.69 -49.84 -23.03
N SER C 65 -31.08 -48.86 -23.67
CA SER C 65 -31.50 -48.44 -25.00
C SER C 65 -30.34 -48.43 -26.01
N TYR C 66 -29.20 -48.98 -25.65
CA TYR C 66 -28.04 -48.97 -26.53
C TYR C 66 -27.79 -50.38 -27.06
N ASN C 67 -26.96 -50.44 -28.10
CA ASN C 67 -26.60 -51.70 -28.74
C ASN C 67 -25.32 -51.50 -29.55
N SER C 68 -24.95 -52.51 -30.32
CA SER C 68 -23.67 -52.52 -31.01
C SER C 68 -23.56 -51.38 -32.02
N ASN C 69 -24.67 -50.92 -32.57
CA ASN C 69 -24.62 -49.95 -33.64
C ASN C 69 -24.78 -48.52 -33.18
N ASN C 70 -25.35 -48.29 -31.99
CA ASN C 70 -25.68 -46.94 -31.56
C ASN C 70 -25.03 -46.50 -30.25
N ALA C 71 -24.42 -47.43 -29.50
CA ALA C 71 -23.99 -47.13 -28.14
C ALA C 71 -22.90 -46.06 -28.14
N PRO C 72 -23.04 -45.00 -27.35
CA PRO C 72 -21.98 -43.99 -27.25
C PRO C 72 -20.72 -44.56 -26.63
N ILE C 73 -19.60 -43.88 -26.91
CA ILE C 73 -18.26 -44.30 -26.50
C ILE C 73 -17.74 -43.33 -25.44
N PHE C 74 -17.55 -43.82 -24.22
CA PHE C 74 -16.96 -43.01 -23.16
C PHE C 74 -15.44 -43.00 -23.32
N PHE C 75 -14.84 -41.81 -23.28
CA PHE C 75 -13.48 -41.58 -23.77
C PHE C 75 -12.66 -40.83 -22.71
N PRO C 76 -12.41 -41.45 -21.54
CA PRO C 76 -11.73 -40.73 -20.45
C PRO C 76 -10.21 -40.80 -20.55
N ASN C 77 -9.56 -39.67 -20.27
CA ASN C 77 -8.12 -39.61 -20.20
C ASN C 77 -7.69 -39.38 -18.75
N THR C 78 -6.46 -39.83 -18.43
CA THR C 78 -5.95 -39.83 -17.07
C THR C 78 -4.91 -38.74 -16.84
N VAL C 79 -4.71 -37.83 -17.80
CA VAL C 79 -3.68 -36.81 -17.66
C VAL C 79 -3.96 -35.94 -16.45
N GLY C 80 -2.93 -35.72 -15.64
CA GLY C 80 -2.92 -34.64 -14.69
C GLY C 80 -1.57 -33.95 -14.73
N GLY C 81 -1.56 -32.69 -14.38
CA GLY C 81 -0.32 -31.91 -14.38
C GLY C 81 0.40 -31.81 -15.71
N TYR C 82 -0.28 -32.14 -16.79
CA TYR C 82 0.31 -32.31 -18.13
C TYR C 82 1.37 -33.39 -18.14
N MET C 83 1.25 -34.31 -17.22
CA MET C 83 2.17 -35.42 -17.08
C MET C 83 1.68 -36.60 -17.90
N PRO C 84 2.58 -37.52 -18.26
CA PRO C 84 2.17 -38.72 -18.98
C PRO C 84 0.97 -39.39 -18.31
N GLY C 85 0.05 -39.90 -19.12
CA GLY C 85 -1.09 -40.59 -18.54
C GLY C 85 -1.39 -41.94 -19.14
N LYS C 86 -1.07 -43.01 -18.44
CA LYS C 86 -1.34 -44.34 -18.97
C LYS C 86 -2.85 -44.53 -19.16
N ALA C 87 -3.19 -45.46 -20.05
CA ALA C 87 -4.59 -45.75 -20.33
C ALA C 87 -5.30 -46.29 -19.09
N ASP C 88 -6.46 -45.73 -18.79
CA ASP C 88 -7.19 -46.11 -17.58
C ASP C 88 -7.73 -47.54 -17.69
N THR C 89 -8.16 -48.07 -16.54
CA THR C 89 -8.64 -49.44 -16.43
C THR C 89 -9.97 -49.47 -15.69
N VAL C 90 -10.74 -50.52 -15.98
CA VAL C 90 -12.04 -50.73 -15.35
C VAL C 90 -11.83 -51.19 -13.91
N GLY C 91 -12.54 -50.57 -12.98
CA GLY C 91 -12.49 -51.02 -11.61
C GLY C 91 -13.05 -50.02 -10.63
N LEU C 92 -12.42 -49.91 -9.47
CA LEU C 92 -12.86 -49.05 -8.40
C LEU C 92 -11.88 -47.90 -8.19
N GLY C 93 -12.40 -46.82 -7.61
CA GLY C 93 -11.54 -45.80 -7.05
C GLY C 93 -11.16 -46.15 -5.62
N ARG C 94 -10.25 -45.34 -5.06
CA ARG C 94 -9.94 -45.48 -3.64
C ARG C 94 -11.14 -45.16 -2.78
N ASP C 95 -12.11 -44.42 -3.30
CA ASP C 95 -13.34 -44.06 -2.62
C ASP C 95 -14.33 -45.22 -2.63
N GLY C 96 -13.80 -46.45 -2.61
CA GLY C 96 -14.62 -47.64 -2.53
C GLY C 96 -15.40 -47.99 -3.78
N LYS C 97 -15.98 -46.98 -4.43
CA LYS C 97 -17.04 -47.20 -5.39
C LYS C 97 -16.52 -47.29 -6.81
N ALA C 98 -17.40 -47.77 -7.69
CA ALA C 98 -17.05 -47.98 -9.09
C ALA C 98 -16.58 -46.68 -9.73
N ASN C 99 -15.54 -46.78 -10.56
CA ASN C 99 -15.01 -45.59 -11.23
C ASN C 99 -15.84 -45.27 -12.49
N SER C 100 -15.34 -44.32 -13.28
CA SER C 100 -16.13 -43.82 -14.41
C SER C 100 -16.29 -44.89 -15.47
N LEU C 101 -15.21 -45.61 -15.77
CA LEU C 101 -15.27 -46.67 -16.78
C LEU C 101 -16.25 -47.77 -16.37
N THR C 102 -16.20 -48.20 -15.11
CA THR C 102 -17.17 -49.19 -14.64
C THR C 102 -18.58 -48.61 -14.68
N TYR C 103 -18.76 -47.39 -14.17
CA TYR C 103 -20.05 -46.70 -14.28
C TYR C 103 -20.50 -46.65 -15.74
N ALA C 104 -19.59 -46.36 -16.68
CA ALA C 104 -19.97 -46.33 -18.08
C ALA C 104 -20.49 -47.67 -18.56
N LEU C 105 -19.79 -48.76 -18.22
CA LEU C 105 -20.19 -50.09 -18.65
C LEU C 105 -21.53 -50.49 -18.03
N SER C 106 -21.72 -50.22 -16.75
CA SER C 106 -23.00 -50.39 -16.07
C SER C 106 -24.17 -49.91 -16.95
N LYS C 107 -23.98 -48.79 -17.63
CA LYS C 107 -25.06 -48.14 -18.36
C LYS C 107 -25.08 -48.49 -19.84
N GLY C 108 -24.12 -49.26 -20.33
CA GLY C 108 -24.13 -49.71 -21.71
C GLY C 108 -23.20 -48.98 -22.66
N TYR C 109 -22.26 -48.20 -22.14
CA TYR C 109 -21.31 -47.51 -22.99
C TYR C 109 -20.17 -48.43 -23.40
N VAL C 110 -19.62 -48.16 -24.57
CA VAL C 110 -18.29 -48.64 -24.92
C VAL C 110 -17.27 -47.70 -24.31
N VAL C 111 -16.18 -48.25 -23.79
CA VAL C 111 -15.14 -47.45 -23.16
C VAL C 111 -13.87 -47.57 -24.00
N ALA C 112 -13.32 -46.42 -24.36
CA ALA C 112 -12.03 -46.33 -25.04
C ALA C 112 -11.19 -45.37 -24.20
N ALA C 113 -10.30 -45.91 -23.36
CA ALA C 113 -9.45 -45.12 -22.48
C ALA C 113 -8.08 -44.97 -23.10
N PRO C 114 -7.77 -43.83 -23.72
CA PRO C 114 -6.44 -43.66 -24.30
C PRO C 114 -5.40 -43.30 -23.25
N GLY C 115 -4.18 -43.84 -23.44
CA GLY C 115 -3.02 -43.24 -22.84
C GLY C 115 -2.59 -42.03 -23.63
N ALA C 116 -1.67 -41.25 -23.08
CA ALA C 116 -1.17 -40.07 -23.78
C ALA C 116 0.20 -39.70 -23.23
N ARG C 117 1.12 -39.31 -24.13
CA ARG C 117 2.42 -38.84 -23.68
C ARG C 117 2.26 -37.59 -22.81
N GLY C 118 3.31 -37.27 -22.04
CA GLY C 118 3.31 -36.14 -21.14
C GLY C 118 4.68 -35.51 -21.00
N ARG C 119 4.75 -34.42 -20.24
CA ARG C 119 5.83 -33.43 -20.39
C ARG C 119 7.20 -33.96 -19.99
N THR C 120 7.27 -34.96 -19.12
CA THR C 120 8.55 -35.47 -18.65
C THR C 120 9.05 -36.69 -19.42
N LEU C 121 8.31 -37.18 -20.42
CA LEU C 121 8.71 -38.39 -21.12
C LEU C 121 9.98 -38.13 -21.92
N THR C 122 10.90 -39.12 -21.92
CA THR C 122 12.04 -39.09 -22.83
C THR C 122 12.07 -40.36 -23.66
N ASP C 123 12.81 -40.30 -24.76
CA ASP C 123 13.16 -41.49 -25.51
C ASP C 123 14.43 -42.09 -24.89
N ASP C 124 14.89 -43.23 -25.45
CA ASP C 124 16.02 -43.91 -24.82
C ASP C 124 17.34 -43.16 -24.97
N LYS C 125 17.38 -42.13 -25.81
CA LYS C 125 18.54 -41.25 -25.92
C LYS C 125 18.45 -40.07 -24.97
N GLY C 126 17.30 -39.90 -24.30
CA GLY C 126 17.08 -38.83 -23.36
C GLY C 126 16.33 -37.61 -23.88
N ASN C 127 15.78 -37.67 -25.08
CA ASN C 127 15.16 -36.49 -25.66
C ASN C 127 13.69 -36.40 -25.30
N TYR C 128 13.22 -35.16 -25.15
CA TYR C 128 11.85 -34.92 -24.70
C TYR C 128 10.88 -35.20 -25.84
N ILE C 129 9.88 -36.03 -25.59
CA ILE C 129 9.01 -36.53 -26.66
C ILE C 129 7.56 -36.35 -26.22
N GLY C 130 7.34 -35.49 -25.22
CA GLY C 130 6.04 -35.40 -24.60
C GLY C 130 5.61 -33.98 -24.32
N LYS C 131 6.40 -33.01 -24.78
CA LYS C 131 6.04 -31.61 -24.62
C LYS C 131 4.85 -31.26 -25.52
N ALA C 132 4.31 -30.06 -25.31
CA ALA C 132 3.16 -29.65 -26.13
C ALA C 132 3.55 -29.71 -27.60
N PRO C 133 2.64 -30.13 -28.49
CA PRO C 133 1.27 -30.59 -28.25
C PRO C 133 1.12 -32.11 -28.25
N ALA C 134 2.12 -32.84 -27.76
CA ALA C 134 2.12 -34.29 -27.87
C ALA C 134 0.85 -34.91 -27.31
N ALA C 135 0.35 -34.41 -26.17
CA ALA C 135 -0.79 -35.09 -25.54
C ALA C 135 -2.08 -34.91 -26.33
N ILE C 136 -2.35 -33.72 -26.85
CA ILE C 136 -3.57 -33.55 -27.65
C ILE C 136 -3.43 -34.29 -28.97
N VAL C 137 -2.20 -34.36 -29.51
CA VAL C 137 -1.94 -35.13 -30.71
C VAL C 137 -2.22 -36.61 -30.47
N ASP C 138 -1.94 -37.10 -29.27
CA ASP C 138 -2.25 -38.50 -28.99
C ASP C 138 -3.75 -38.72 -28.85
N LEU C 139 -4.45 -37.82 -28.14
CA LEU C 139 -5.90 -37.96 -27.98
C LEU C 139 -6.62 -37.89 -29.33
N LYS C 140 -6.14 -37.02 -30.24
CA LYS C 140 -6.72 -36.97 -31.59
C LYS C 140 -6.39 -38.22 -32.40
N ALA C 141 -5.12 -38.68 -32.32
CA ALA C 141 -4.77 -39.92 -33.01
C ALA C 141 -5.64 -41.08 -32.56
N ALA C 142 -5.97 -41.12 -31.27
CA ALA C 142 -6.78 -42.20 -30.73
C ALA C 142 -8.21 -42.11 -31.24
N VAL C 143 -8.78 -40.91 -31.28
CA VAL C 143 -10.10 -40.74 -31.87
C VAL C 143 -10.08 -41.26 -33.30
N ARG C 144 -9.05 -40.87 -34.07
CA ARG C 144 -8.94 -41.32 -35.46
C ARG C 144 -8.96 -42.83 -35.56
N TYR C 145 -8.36 -43.53 -34.59
CA TYR C 145 -8.41 -44.99 -34.55
C TYR C 145 -9.84 -45.48 -34.34
N LEU C 146 -10.63 -44.77 -33.54
CA LEU C 146 -12.01 -45.17 -33.31
C LEU C 146 -12.84 -44.98 -34.56
N TYR C 147 -12.66 -43.86 -35.26
CA TYR C 147 -13.37 -43.65 -36.51
C TYR C 147 -12.98 -44.67 -37.56
N LEU C 148 -11.71 -45.09 -37.55
CA LEU C 148 -11.26 -46.06 -38.54
C LEU C 148 -12.01 -47.37 -38.38
N ASN C 149 -12.20 -47.84 -37.15
CA ASN C 149 -12.76 -49.15 -36.90
C ASN C 149 -14.22 -49.11 -36.50
N ASP C 150 -14.89 -47.97 -36.65
CA ASP C 150 -16.34 -47.89 -36.52
C ASP C 150 -17.02 -49.03 -37.27
N GLU C 151 -16.53 -49.31 -38.48
CA GLU C 151 -16.96 -50.47 -39.26
C GLU C 151 -17.00 -51.74 -38.42
N VAL C 152 -15.89 -52.07 -37.75
CA VAL C 152 -15.59 -53.42 -37.31
C VAL C 152 -15.76 -53.61 -35.82
N MET C 153 -16.18 -52.57 -35.09
CA MET C 153 -16.14 -52.57 -33.64
C MET C 153 -17.44 -52.01 -33.11
N PRO C 154 -18.01 -52.62 -32.06
CA PRO C 154 -19.26 -52.10 -31.50
C PRO C 154 -19.11 -50.67 -31.02
N GLY C 155 -20.23 -49.96 -31.03
CA GLY C 155 -20.27 -48.57 -30.62
C GLY C 155 -20.35 -47.63 -31.80
N ASP C 156 -20.57 -46.36 -31.49
CA ASP C 156 -20.75 -45.31 -32.50
C ASP C 156 -19.64 -44.28 -32.32
N ALA C 157 -18.66 -44.30 -33.22
CA ALA C 157 -17.62 -43.28 -33.13
C ALA C 157 -18.17 -41.86 -33.34
N ASN C 158 -19.40 -41.72 -33.83
CA ASN C 158 -20.02 -40.41 -33.90
C ASN C 158 -20.55 -39.93 -32.57
N LYS C 159 -20.55 -40.78 -31.55
CA LYS C 159 -20.94 -40.40 -30.19
C LYS C 159 -19.80 -40.63 -29.23
N ILE C 160 -18.68 -39.94 -29.43
CA ILE C 160 -17.53 -40.04 -28.52
C ILE C 160 -17.63 -38.94 -27.48
N ILE C 161 -17.61 -39.31 -26.20
CA ILE C 161 -17.77 -38.35 -25.11
C ILE C 161 -16.46 -38.30 -24.33
N SER C 162 -15.73 -37.21 -24.48
CA SER C 162 -14.49 -36.97 -23.76
C SER C 162 -14.73 -36.65 -22.30
N ASN C 163 -13.92 -37.24 -21.42
CA ASN C 163 -13.86 -36.85 -20.03
C ASN C 163 -12.41 -36.66 -19.60
N GLY C 164 -12.22 -35.76 -18.65
CA GLY C 164 -10.90 -35.52 -18.10
C GLY C 164 -10.98 -34.44 -17.05
N THR C 165 -9.98 -34.45 -16.15
CA THR C 165 -9.95 -33.51 -15.05
C THR C 165 -8.62 -32.77 -15.01
N SER C 166 -8.70 -31.49 -14.66
CA SER C 166 -7.54 -30.64 -14.48
C SER C 166 -6.84 -30.44 -15.81
N ALA C 167 -5.60 -30.89 -15.90
CA ALA C 167 -4.92 -30.87 -17.20
C ALA C 167 -5.64 -31.75 -18.20
N GLY C 168 -6.20 -32.87 -17.75
CA GLY C 168 -7.00 -33.69 -18.64
C GLY C 168 -8.34 -33.09 -19.02
N GLY C 169 -8.82 -32.10 -18.26
CA GLY C 169 -10.05 -31.41 -18.61
C GLY C 169 -9.79 -30.34 -19.65
N ALA C 170 -8.64 -29.68 -19.53
CA ALA C 170 -8.12 -28.86 -20.62
C ALA C 170 -8.05 -29.66 -21.93
N LEU C 171 -7.37 -30.80 -21.89
CA LEU C 171 -7.22 -31.62 -23.10
C LEU C 171 -8.58 -32.05 -23.61
N SER C 172 -9.49 -32.37 -22.70
CA SER C 172 -10.81 -32.81 -23.09
C SER C 172 -11.55 -31.70 -23.84
N ALA C 173 -11.62 -30.51 -23.24
CA ALA C 173 -12.20 -29.34 -23.91
C ALA C 173 -11.50 -29.01 -25.23
N LEU C 174 -10.19 -29.26 -25.31
CA LEU C 174 -9.43 -28.95 -26.53
C LEU C 174 -9.81 -29.91 -27.66
N LEU C 175 -9.92 -31.20 -27.33
CA LEU C 175 -10.45 -32.17 -28.28
C LEU C 175 -11.76 -31.69 -28.87
N GLY C 176 -12.67 -31.20 -28.02
CA GLY C 176 -13.96 -30.77 -28.53
C GLY C 176 -13.87 -29.54 -29.41
N ALA C 177 -12.94 -28.64 -29.11
CA ALA C 177 -12.90 -27.33 -29.74
C ALA C 177 -12.16 -27.31 -31.07
N SER C 178 -11.15 -28.17 -31.25
CA SER C 178 -10.27 -28.09 -32.41
C SER C 178 -10.46 -29.25 -33.37
N GLY C 179 -11.60 -29.95 -33.30
CA GLY C 179 -11.93 -31.02 -34.21
C GLY C 179 -11.52 -30.75 -35.65
N ASN C 180 -10.52 -31.49 -36.11
CA ASN C 180 -10.03 -31.51 -37.49
C ASN C 180 -9.29 -30.24 -37.89
N SER C 181 -8.77 -29.46 -36.93
CA SER C 181 -7.85 -28.39 -37.29
C SER C 181 -6.60 -28.96 -37.96
N GLN C 182 -6.12 -28.27 -39.02
CA GLN C 182 -4.93 -28.74 -39.71
C GLN C 182 -3.65 -28.49 -38.93
N ASP C 183 -3.69 -27.59 -37.93
CA ASP C 183 -2.54 -27.31 -37.09
C ASP C 183 -1.88 -28.58 -36.57
N TYR C 184 -2.68 -29.58 -36.21
CA TYR C 184 -2.23 -30.81 -35.60
C TYR C 184 -1.77 -31.85 -36.61
N LEU C 185 -2.14 -31.68 -37.89
CA LEU C 185 -1.93 -32.71 -38.90
C LEU C 185 -0.47 -33.09 -39.15
N PRO C 186 0.51 -32.18 -39.13
CA PRO C 186 1.90 -32.63 -39.30
C PRO C 186 2.34 -33.58 -38.19
N TYR C 187 2.01 -33.27 -36.94
CA TYR C 187 2.37 -34.16 -35.83
C TYR C 187 1.71 -35.51 -36.01
N LEU C 188 0.45 -35.52 -36.47
CA LEU C 188 -0.27 -36.78 -36.61
C LEU C 188 0.32 -37.62 -37.73
N LYS C 189 0.80 -36.99 -38.80
CA LYS C 189 1.45 -37.72 -39.88
C LYS C 189 2.77 -38.29 -39.43
N GLU C 190 3.51 -37.55 -38.60
CA GLU C 190 4.76 -38.05 -38.07
C GLU C 190 4.58 -39.42 -37.43
N ILE C 191 3.61 -39.53 -36.53
CA ILE C 191 3.42 -40.76 -35.78
C ILE C 191 2.52 -41.75 -36.50
N GLY C 192 2.05 -41.41 -37.70
CA GLY C 192 1.25 -42.32 -38.51
C GLY C 192 -0.16 -42.56 -38.02
N ALA C 193 -0.82 -41.56 -37.45
CA ALA C 193 -2.23 -41.71 -37.08
C ALA C 193 -3.07 -42.03 -38.31
N ALA C 194 -4.20 -42.68 -38.05
CA ALA C 194 -5.13 -43.02 -39.12
C ALA C 194 -5.76 -41.76 -39.72
N GLU C 195 -5.88 -41.74 -41.05
CA GLU C 195 -6.35 -40.55 -41.76
C GLU C 195 -7.87 -40.57 -41.84
N THR C 196 -8.51 -40.26 -40.71
CA THR C 196 -9.97 -40.21 -40.68
C THR C 196 -10.51 -38.90 -40.12
N ARG C 197 -10.80 -38.88 -38.82
CA ARG C 197 -11.51 -37.79 -38.18
C ARG C 197 -11.14 -37.80 -36.70
N ASP C 198 -10.91 -36.62 -36.12
CA ASP C 198 -10.66 -36.52 -34.67
C ASP C 198 -11.67 -35.65 -33.95
N ASP C 199 -12.75 -35.26 -34.62
CA ASP C 199 -13.79 -34.47 -33.98
C ASP C 199 -14.65 -35.38 -33.12
N ILE C 200 -15.11 -34.85 -31.97
CA ILE C 200 -15.92 -35.63 -31.03
C ILE C 200 -17.30 -35.00 -30.79
N PHE C 201 -18.11 -35.66 -29.95
CA PHE C 201 -19.54 -35.39 -29.87
C PHE C 201 -19.92 -34.59 -28.63
N ALA C 202 -19.36 -34.91 -27.47
CA ALA C 202 -19.60 -34.18 -26.23
C ALA C 202 -18.32 -34.07 -25.43
N VAL C 203 -18.18 -32.98 -24.66
CA VAL C 203 -17.04 -32.73 -23.80
C VAL C 203 -17.50 -32.67 -22.35
N SER C 204 -16.90 -33.52 -21.49
CA SER C 204 -16.88 -33.37 -20.04
C SER C 204 -15.51 -32.86 -19.59
N ALA C 205 -15.48 -31.77 -18.81
CA ALA C 205 -14.22 -31.17 -18.38
C ALA C 205 -14.35 -30.70 -16.93
N TYR C 206 -13.80 -31.46 -16.01
CA TYR C 206 -13.70 -31.00 -14.63
C TYR C 206 -12.48 -30.11 -14.47
N CYS C 207 -12.65 -28.99 -13.75
CA CYS C 207 -11.66 -27.96 -13.39
C CYS C 207 -10.55 -27.85 -14.43
N PRO C 208 -10.90 -27.49 -15.67
CA PRO C 208 -9.92 -27.44 -16.76
C PRO C 208 -8.84 -26.41 -16.48
N ILE C 209 -7.59 -26.86 -16.49
CA ILE C 209 -6.43 -25.95 -16.33
C ILE C 209 -6.05 -25.48 -17.74
N THR C 210 -6.76 -24.45 -18.21
CA THR C 210 -6.72 -24.04 -19.61
C THR C 210 -6.35 -22.56 -19.73
N ASN C 211 -6.34 -22.09 -20.99
CA ASN C 211 -6.17 -20.67 -21.32
C ASN C 211 -4.92 -20.15 -20.65
N LEU C 212 -3.84 -20.94 -20.76
CA LEU C 212 -2.69 -20.81 -19.85
C LEU C 212 -2.06 -19.43 -19.95
N GLU C 213 -1.85 -18.91 -21.17
CA GLU C 213 -1.18 -17.61 -21.32
C GLU C 213 -2.02 -16.46 -20.79
N ASN C 214 -3.29 -16.69 -20.47
CA ASN C 214 -4.13 -15.69 -19.82
C ASN C 214 -4.52 -16.06 -18.42
N ALA C 215 -4.07 -17.22 -17.93
CA ALA C 215 -4.46 -17.66 -16.58
C ALA C 215 -3.79 -16.81 -15.51
N ASP C 216 -2.62 -16.24 -15.81
CA ASP C 216 -1.89 -15.48 -14.79
C ASP C 216 -2.63 -14.22 -14.40
N SER C 217 -3.17 -13.48 -15.39
CA SER C 217 -3.87 -12.23 -15.10
C SER C 217 -5.28 -12.51 -14.55
N ALA C 218 -5.94 -13.56 -15.03
CA ALA C 218 -7.19 -13.96 -14.41
C ALA C 218 -6.99 -14.30 -12.94
N TYR C 219 -5.85 -14.91 -12.60
CA TYR C 219 -5.63 -15.31 -11.21
C TYR C 219 -5.36 -14.09 -10.32
N GLU C 220 -4.60 -13.13 -10.81
CA GLU C 220 -4.35 -11.95 -10.00
C GLU C 220 -5.53 -11.00 -9.98
N TRP C 221 -6.49 -11.15 -10.90
CA TRP C 221 -7.66 -10.29 -10.83
C TRP C 221 -8.65 -10.78 -9.76
N MET C 222 -8.70 -12.09 -9.51
CA MET C 222 -9.52 -12.58 -8.40
C MET C 222 -8.82 -12.47 -7.05
N TYR C 223 -7.48 -12.56 -7.00
CA TYR C 223 -6.78 -12.79 -5.73
C TYR C 223 -5.80 -11.70 -5.36
N ASN C 224 -5.73 -10.61 -6.12
CA ASN C 224 -4.91 -9.46 -5.73
C ASN C 224 -5.31 -8.98 -4.35
N GLY C 225 -4.33 -8.75 -3.48
CA GLY C 225 -4.60 -8.38 -2.13
C GLY C 225 -4.86 -9.55 -1.20
N VAL C 226 -4.94 -10.77 -1.72
CA VAL C 226 -4.94 -11.97 -0.88
C VAL C 226 -3.47 -12.41 -0.79
N ASN C 227 -2.78 -11.96 0.25
CA ASN C 227 -1.33 -12.09 0.36
C ASN C 227 -0.88 -13.28 1.19
N SER C 228 -1.80 -14.18 1.55
CA SER C 228 -1.46 -15.37 2.32
C SER C 228 -1.84 -16.58 1.49
N TYR C 229 -0.94 -17.55 1.44
CA TYR C 229 -1.17 -18.72 0.60
C TYR C 229 -0.96 -19.99 1.42
N SER C 230 -1.58 -21.06 0.93
CA SER C 230 -1.44 -22.42 1.41
C SER C 230 -1.60 -23.31 0.20
N ARG C 231 -0.72 -24.30 0.06
CA ARG C 231 -0.69 -25.09 -1.17
C ARG C 231 0.22 -26.28 -0.98
N MET C 232 0.12 -27.22 -1.90
CA MET C 232 0.77 -28.51 -1.77
C MET C 232 2.09 -28.54 -2.51
N GLU C 233 3.10 -29.11 -1.84
CA GLU C 233 4.36 -29.57 -2.40
C GLU C 233 4.22 -30.17 -3.78
N PHE C 234 4.15 -29.36 -4.83
CA PHE C 234 4.15 -29.89 -6.19
C PHE C 234 5.50 -29.61 -6.85
N THR C 235 6.11 -30.68 -7.38
CA THR C 235 7.42 -30.65 -8.00
C THR C 235 7.28 -31.01 -9.47
N ARG C 236 8.40 -30.90 -10.17
CA ARG C 236 8.48 -31.30 -11.57
C ARG C 236 8.09 -32.75 -11.78
N ASN C 237 8.26 -33.61 -10.76
CA ASN C 237 8.11 -35.05 -10.98
C ASN C 237 6.87 -35.61 -10.31
N THR C 238 5.94 -34.75 -9.88
CA THR C 238 4.66 -35.17 -9.35
C THR C 238 3.89 -35.93 -10.42
N SER C 239 3.42 -37.13 -10.06
CA SER C 239 2.65 -37.95 -11.00
C SER C 239 1.26 -37.37 -11.26
N ALA C 240 0.59 -37.93 -12.26
CA ALA C 240 -0.71 -37.41 -12.71
C ALA C 240 -1.78 -37.57 -11.64
N GLN C 241 -1.85 -38.74 -11.00
CA GLN C 241 -2.85 -38.99 -9.96
C GLN C 241 -2.68 -38.06 -8.77
N GLU C 242 -1.45 -37.64 -8.46
CA GLU C 242 -1.23 -36.73 -7.34
C GLU C 242 -1.78 -35.33 -7.62
N TYR C 243 -1.64 -34.88 -8.87
CA TYR C 243 -2.24 -33.60 -9.27
C TYR C 243 -3.75 -33.61 -9.12
N ASN C 244 -4.41 -34.74 -9.39
CA ASN C 244 -5.85 -34.75 -9.57
C ASN C 244 -6.63 -35.29 -8.38
N ASP C 245 -6.01 -36.07 -7.50
CA ASP C 245 -6.80 -36.75 -6.47
C ASP C 245 -7.03 -35.87 -5.25
N ARG C 246 -6.00 -35.19 -4.76
CA ARG C 246 -6.13 -34.28 -3.61
C ARG C 246 -6.87 -34.94 -2.45
N SER C 247 -6.26 -36.00 -1.94
CA SER C 247 -6.73 -36.65 -0.73
C SER C 247 -5.54 -37.14 0.08
N LEU C 248 -4.89 -38.23 -0.34
CA LEU C 248 -3.69 -38.61 0.38
C LEU C 248 -2.49 -37.80 -0.10
N THR C 249 -1.34 -38.09 0.51
CA THR C 249 0.01 -37.67 0.13
C THR C 249 0.35 -36.25 0.59
N ARG C 250 0.77 -36.17 1.85
CA ARG C 250 1.68 -35.16 2.41
C ARG C 250 1.03 -33.81 2.63
N SER C 251 1.79 -32.87 3.20
CA SER C 251 1.26 -31.71 3.91
C SER C 251 0.96 -30.53 2.99
N THR C 252 1.04 -29.31 3.54
CA THR C 252 0.92 -28.07 2.77
C THR C 252 1.98 -27.08 3.26
N VAL C 253 2.39 -26.18 2.37
CA VAL C 253 3.30 -25.09 2.71
C VAL C 253 2.49 -23.81 2.87
N GLN C 254 2.70 -23.09 3.97
CA GLN C 254 1.95 -21.89 4.28
C GLN C 254 2.90 -20.69 4.29
N GLY C 255 2.51 -19.61 3.63
CA GLY C 255 3.41 -18.50 3.47
C GLY C 255 2.73 -17.17 3.21
N ASN C 256 3.56 -16.18 2.87
CA ASN C 256 3.13 -14.81 2.62
C ASN C 256 3.91 -14.28 1.43
N LEU C 257 3.22 -13.54 0.57
CA LEU C 257 3.88 -12.98 -0.60
C LEU C 257 4.94 -11.97 -0.18
N THR C 258 6.12 -12.06 -0.80
CA THR C 258 7.07 -10.97 -0.68
C THR C 258 6.50 -9.72 -1.35
N ASN C 259 7.11 -8.58 -1.01
CA ASN C 259 6.67 -7.31 -1.58
C ASN C 259 6.86 -7.27 -3.09
N ASP C 260 7.85 -7.99 -3.62
CA ASP C 260 7.93 -8.04 -5.07
C ASP C 260 6.85 -8.91 -5.69
N GLU C 261 6.36 -9.93 -4.97
CA GLU C 261 5.25 -10.69 -5.51
C GLU C 261 3.98 -9.84 -5.56
N ILE C 262 3.84 -8.91 -4.60
CA ILE C 262 2.67 -8.03 -4.59
C ILE C 262 2.73 -7.08 -5.77
N ASN C 263 3.90 -6.53 -6.08
CA ASN C 263 4.03 -5.69 -7.27
C ASN C 263 3.68 -6.46 -8.53
N ILE C 264 4.13 -7.72 -8.61
CA ILE C 264 3.82 -8.51 -9.79
C ILE C 264 2.32 -8.74 -9.87
N SER C 265 1.69 -9.07 -8.74
CA SER C 265 0.25 -9.30 -8.70
C SER C 265 -0.49 -8.03 -9.09
N ASN C 266 -0.12 -6.90 -8.49
CA ASN C 266 -0.64 -5.58 -8.90
C ASN C 266 -0.55 -5.43 -10.41
N LYS C 267 0.58 -5.80 -11.02
CA LYS C 267 0.73 -5.64 -12.45
C LYS C 267 -0.17 -6.58 -13.24
N LEU C 268 -0.15 -7.87 -12.90
CA LEU C 268 -0.92 -8.84 -13.67
C LEU C 268 -2.41 -8.52 -13.61
N LYS C 269 -2.90 -8.11 -12.43
CA LYS C 269 -4.28 -7.65 -12.28
C LYS C 269 -4.65 -6.64 -13.34
N THR C 270 -3.76 -5.69 -13.61
CA THR C 270 -4.02 -4.62 -14.57
C THR C 270 -4.27 -5.15 -15.98
N LEU C 271 -3.71 -6.32 -16.32
CA LEU C 271 -3.79 -6.82 -17.69
C LEU C 271 -5.10 -7.52 -17.99
N PHE C 272 -5.81 -8.02 -16.97
CA PHE C 272 -6.99 -8.84 -17.21
C PHE C 272 -8.17 -8.08 -17.82
N PRO C 273 -8.48 -6.85 -17.40
CA PRO C 273 -9.64 -6.18 -18.03
C PRO C 273 -9.44 -6.00 -19.53
N ILE C 274 -8.24 -5.59 -19.93
CA ILE C 274 -7.89 -5.46 -21.35
C ILE C 274 -8.19 -6.76 -22.09
N TYR C 275 -7.76 -7.89 -21.52
CA TYR C 275 -7.99 -9.16 -22.20
C TYR C 275 -9.48 -9.47 -22.28
N LEU C 276 -10.18 -9.40 -21.14
CA LEU C 276 -11.57 -9.86 -21.08
C LEU C 276 -12.46 -9.03 -22.00
N ASN C 277 -12.34 -7.70 -21.93
CA ASN C 277 -13.13 -6.81 -22.78
C ASN C 277 -12.89 -7.08 -24.26
N SER C 278 -11.69 -7.56 -24.62
CA SER C 278 -11.46 -7.87 -26.03
C SER C 278 -12.21 -9.12 -26.49
N LEU C 279 -12.75 -9.90 -25.58
CA LEU C 279 -13.40 -11.14 -25.98
C LEU C 279 -14.85 -10.93 -26.41
N LYS C 280 -15.42 -9.76 -26.10
CA LYS C 280 -16.77 -9.41 -26.50
C LYS C 280 -17.77 -10.49 -26.07
N LEU C 281 -17.59 -10.98 -24.86
CA LEU C 281 -18.47 -11.98 -24.28
C LEU C 281 -19.75 -11.34 -23.76
N THR C 282 -20.88 -11.99 -24.01
CA THR C 282 -22.16 -11.52 -23.51
C THR C 282 -22.78 -12.59 -22.63
N ASP C 283 -23.55 -12.16 -21.64
CA ASP C 283 -24.30 -13.10 -20.83
C ASP C 283 -25.54 -13.61 -21.59
N ASP C 284 -26.43 -14.27 -20.85
CA ASP C 284 -27.63 -14.91 -21.40
C ASP C 284 -28.60 -13.93 -22.05
N GLY C 285 -28.48 -12.65 -21.75
CA GLY C 285 -29.40 -11.66 -22.27
C GLY C 285 -28.82 -10.83 -23.38
N GLY C 286 -27.60 -11.14 -23.83
CA GLY C 286 -26.90 -10.29 -24.78
C GLY C 286 -26.25 -9.06 -24.17
N ASN C 287 -26.13 -8.99 -22.85
CA ASN C 287 -25.41 -7.89 -22.22
C ASN C 287 -23.91 -8.18 -22.22
N LEU C 288 -23.12 -7.22 -22.69
CA LEU C 288 -21.67 -7.38 -22.68
C LEU C 288 -21.17 -7.62 -21.26
N LEU C 289 -20.26 -8.56 -21.12
CA LEU C 289 -19.56 -8.75 -19.84
C LEU C 289 -18.19 -8.08 -19.97
N THR C 290 -17.97 -7.01 -19.20
CA THR C 290 -16.73 -6.25 -19.28
C THR C 290 -16.23 -5.93 -17.88
N LEU C 291 -15.10 -5.19 -17.84
CA LEU C 291 -14.46 -4.76 -16.60
C LEU C 291 -13.83 -3.39 -16.73
N ASP C 292 -14.05 -2.57 -15.69
CA ASP C 292 -13.33 -1.38 -15.25
C ASP C 292 -11.81 -1.45 -15.28
N LYS C 293 -11.15 -0.29 -15.35
CA LYS C 293 -9.73 -0.24 -15.06
C LYS C 293 -9.43 -0.65 -13.63
N SER C 294 -10.43 -0.60 -12.76
CA SER C 294 -10.35 -1.15 -11.41
C SER C 294 -10.56 -2.64 -11.35
N GLY C 295 -10.88 -3.31 -12.46
CA GLY C 295 -11.35 -4.68 -12.35
C GLY C 295 -12.73 -4.84 -11.75
N ASN C 296 -13.58 -3.80 -11.81
CA ASN C 296 -15.00 -3.91 -11.50
C ASN C 296 -15.84 -3.92 -12.78
N GLY C 297 -17.08 -4.43 -12.67
CA GLY C 297 -18.03 -4.30 -13.76
C GLY C 297 -18.90 -5.55 -13.92
N SER C 298 -19.58 -5.62 -15.08
CA SER C 298 -20.61 -6.64 -15.25
C SER C 298 -20.06 -8.06 -15.31
N PHE C 299 -18.75 -8.25 -15.52
CA PHE C 299 -18.20 -9.61 -15.52
C PHE C 299 -17.96 -10.13 -14.11
N LYS C 300 -17.60 -9.25 -13.19
CA LYS C 300 -17.54 -9.61 -11.78
C LYS C 300 -18.94 -9.85 -11.21
N THR C 301 -19.97 -9.14 -11.69
CA THR C 301 -21.33 -9.44 -11.26
C THR C 301 -21.75 -10.83 -11.71
N TYR C 302 -21.42 -11.21 -12.96
CA TYR C 302 -21.77 -12.54 -13.49
C TYR C 302 -21.11 -13.66 -12.70
N LEU C 303 -19.83 -13.49 -12.35
CA LEU C 303 -19.17 -14.50 -11.51
C LEU C 303 -19.83 -14.61 -10.13
N SER C 304 -20.19 -13.48 -9.54
CA SER C 304 -20.88 -13.51 -8.25
C SER C 304 -22.20 -14.28 -8.33
N ILE C 305 -22.85 -14.31 -9.51
CA ILE C 305 -24.11 -15.02 -9.66
C ILE C 305 -23.87 -16.54 -9.72
N ILE C 306 -22.75 -16.96 -10.33
CA ILE C 306 -22.38 -18.37 -10.31
C ILE C 306 -22.27 -18.86 -8.87
N ILE C 307 -21.57 -18.08 -8.02
CA ILE C 307 -21.39 -18.43 -6.60
C ILE C 307 -22.73 -18.41 -5.86
N ARG C 308 -23.54 -17.39 -6.11
CA ARG C 308 -24.89 -17.34 -5.58
C ARG C 308 -25.65 -18.62 -5.93
N ASN C 309 -25.67 -18.99 -7.21
CA ASN C 309 -26.39 -20.20 -7.60
C ASN C 309 -25.80 -21.43 -6.92
N SER C 310 -24.48 -21.45 -6.74
CA SER C 310 -23.86 -22.62 -6.14
C SER C 310 -24.26 -22.77 -4.67
N ALA C 311 -24.36 -21.65 -3.95
CA ALA C 311 -24.68 -21.68 -2.52
C ALA C 311 -26.16 -21.91 -2.25
N ASN C 312 -27.04 -21.37 -3.10
CA ASN C 312 -28.47 -21.70 -2.98
C ASN C 312 -28.72 -23.19 -3.16
N ARG C 313 -27.99 -23.82 -4.07
CA ARG C 313 -28.16 -25.26 -4.25
C ARG C 313 -27.75 -26.00 -2.97
N ALA C 314 -26.57 -25.66 -2.45
CA ALA C 314 -26.11 -26.20 -1.18
C ALA C 314 -27.17 -26.09 -0.09
N LEU C 315 -27.69 -24.88 0.12
CA LEU C 315 -28.77 -24.69 1.09
C LEU C 315 -29.97 -25.58 0.79
N ARG C 316 -30.26 -25.84 -0.50
CA ARG C 316 -31.38 -26.73 -0.83
C ARG C 316 -31.07 -28.18 -0.47
N GLU C 317 -29.79 -28.57 -0.44
CA GLU C 317 -29.37 -29.92 -0.09
C GLU C 317 -28.88 -30.05 1.34
N GLY C 318 -29.20 -29.10 2.21
CA GLY C 318 -28.79 -29.21 3.60
C GLY C 318 -27.32 -28.97 3.87
N LYS C 319 -26.54 -28.58 2.86
CA LYS C 319 -25.11 -28.40 3.05
C LYS C 319 -24.80 -27.10 3.81
N ASP C 320 -23.63 -27.07 4.45
CA ASP C 320 -23.21 -25.95 5.26
C ASP C 320 -22.44 -24.95 4.41
N ILE C 321 -22.79 -23.68 4.53
CA ILE C 321 -22.23 -22.61 3.74
C ILE C 321 -21.58 -21.55 4.61
N SER C 322 -21.40 -21.83 5.91
CA SER C 322 -20.95 -20.81 6.86
C SER C 322 -19.54 -20.33 6.59
N GLN C 323 -18.70 -21.13 5.93
CA GLN C 323 -17.33 -20.68 5.72
C GLN C 323 -17.28 -19.35 4.99
N PHE C 324 -18.33 -19.07 4.19
CA PHE C 324 -18.32 -17.93 3.27
C PHE C 324 -19.49 -16.97 3.52
N LYS C 325 -20.14 -17.06 4.68
CA LYS C 325 -21.35 -16.27 4.91
C LYS C 325 -21.09 -14.75 4.96
N LYS C 326 -19.88 -14.33 5.37
CA LYS C 326 -19.53 -12.90 5.34
C LYS C 326 -19.86 -12.24 4.00
N ALA C 327 -19.60 -12.96 2.90
CA ALA C 327 -19.81 -12.39 1.58
C ALA C 327 -21.26 -12.47 1.13
N PHE C 328 -22.12 -13.13 1.89
CA PHE C 328 -23.48 -13.43 1.46
C PHE C 328 -24.45 -12.52 2.15
N THR C 329 -25.35 -11.92 1.37
CA THR C 329 -26.57 -11.31 1.88
C THR C 329 -27.67 -12.35 1.76
N ILE C 330 -28.09 -12.88 2.91
CA ILE C 330 -29.07 -13.96 2.98
C ILE C 330 -30.37 -13.37 3.52
N GLU C 331 -31.50 -13.81 2.97
CA GLU C 331 -32.77 -13.30 3.49
C GLU C 331 -33.72 -14.42 3.90
N ASN C 332 -34.50 -14.98 2.98
CA ASN C 332 -35.47 -16.02 3.33
C ASN C 332 -34.82 -17.40 3.25
N ASN C 333 -33.75 -17.56 4.04
CA ASN C 333 -32.86 -18.71 3.95
C ASN C 333 -32.38 -18.91 2.51
N LYS C 334 -32.20 -17.79 1.81
CA LYS C 334 -31.79 -17.76 0.41
C LYS C 334 -30.67 -16.74 0.25
N VAL C 335 -29.71 -17.04 -0.61
CA VAL C 335 -28.67 -16.08 -0.95
C VAL C 335 -29.18 -15.21 -2.10
N VAL C 336 -29.34 -13.91 -1.83
CA VAL C 336 -29.83 -12.97 -2.83
C VAL C 336 -28.72 -12.16 -3.52
N ALA C 337 -27.56 -12.01 -2.89
CA ALA C 337 -26.43 -11.37 -3.57
C ALA C 337 -25.13 -11.88 -2.97
N VAL C 338 -24.07 -11.83 -3.78
CA VAL C 338 -22.71 -12.19 -3.37
C VAL C 338 -21.79 -11.03 -3.68
N ASN C 339 -21.03 -10.58 -2.68
CA ASN C 339 -19.92 -9.65 -2.87
C ASN C 339 -18.70 -10.50 -3.15
N LEU C 340 -18.30 -10.58 -4.44
CA LEU C 340 -17.17 -11.40 -4.85
C LEU C 340 -15.86 -10.96 -4.18
N ASP C 341 -15.73 -9.67 -3.84
CA ASP C 341 -14.49 -9.19 -3.24
C ASP C 341 -14.29 -9.74 -1.83
N VAL C 342 -15.35 -9.81 -1.05
CA VAL C 342 -15.27 -10.50 0.24
C VAL C 342 -15.03 -12.00 0.04
N TYR C 343 -15.69 -12.60 -0.96
CA TYR C 343 -15.64 -14.05 -1.14
C TYR C 343 -14.21 -14.53 -1.43
N THR C 344 -13.58 -13.98 -2.49
CA THR C 344 -12.24 -14.43 -2.87
C THR C 344 -11.19 -14.12 -1.81
N HIS C 345 -11.49 -13.24 -0.87
CA HIS C 345 -10.57 -12.85 0.18
C HIS C 345 -10.73 -13.65 1.46
N ILE C 346 -11.65 -14.61 1.49
CA ILE C 346 -11.98 -15.26 2.76
C ILE C 346 -10.94 -16.32 3.10
N GLY C 347 -10.69 -17.25 2.20
CA GLY C 347 -9.64 -18.22 2.47
C GLY C 347 -8.24 -17.66 2.30
N ASP C 348 -7.27 -18.55 2.12
CA ASP C 348 -5.97 -18.18 1.57
C ASP C 348 -6.00 -18.41 0.06
N ARG C 349 -5.08 -17.78 -0.64
CA ARG C 349 -4.86 -18.11 -2.03
CA ARG C 349 -4.88 -18.12 -2.04
C ARG C 349 -4.01 -19.38 -2.13
N MET C 350 -4.00 -19.99 -3.31
CA MET C 350 -3.15 -21.18 -3.49
C MET C 350 -1.79 -20.81 -4.07
N LYS C 351 -1.79 -20.24 -5.27
CA LYS C 351 -0.57 -20.11 -6.05
C LYS C 351 -0.03 -18.69 -5.94
N SER C 352 1.31 -18.57 -6.02
CA SER C 352 2.01 -17.30 -5.97
C SER C 352 2.18 -16.73 -7.37
N PRO C 353 2.24 -15.40 -7.52
CA PRO C 353 2.26 -14.80 -8.87
C PRO C 353 3.64 -14.85 -9.49
N PRO C 354 3.75 -15.10 -10.80
CA PRO C 354 2.70 -15.55 -11.74
C PRO C 354 2.27 -16.99 -11.46
N ALA C 355 0.97 -17.23 -11.40
CA ALA C 355 0.52 -18.55 -10.98
C ALA C 355 0.85 -19.63 -12.01
N PHE C 356 1.07 -19.28 -13.29
CA PHE C 356 1.32 -20.29 -14.30
C PHE C 356 2.65 -20.12 -15.04
N ASP C 357 2.96 -18.95 -15.57
CA ASP C 357 4.27 -18.74 -16.22
C ASP C 357 5.23 -18.15 -15.19
N SER C 358 5.87 -19.03 -14.41
CA SER C 358 6.80 -18.61 -13.35
C SER C 358 7.99 -17.83 -13.89
N LEU C 359 8.52 -16.94 -13.04
CA LEU C 359 9.64 -16.11 -13.45
C LEU C 359 10.93 -16.92 -13.60
N ASP C 360 11.07 -18.03 -12.86
CA ASP C 360 12.18 -18.96 -13.07
C ASP C 360 11.81 -20.13 -13.98
N ALA C 361 10.70 -19.99 -14.71
CA ALA C 361 10.28 -20.96 -15.73
C ALA C 361 10.13 -22.37 -15.16
N SER C 362 9.61 -22.49 -13.94
CA SER C 362 9.71 -23.75 -13.24
C SER C 362 8.36 -24.39 -12.92
N SER C 363 7.25 -23.85 -13.42
CA SER C 363 5.97 -24.48 -13.14
C SER C 363 5.81 -25.69 -14.04
N GLY C 364 4.86 -26.56 -13.68
CA GLY C 364 4.48 -27.62 -14.58
C GLY C 364 4.12 -27.12 -15.97
N GLU C 365 3.50 -25.92 -16.05
CA GLU C 365 3.09 -25.40 -17.35
C GLU C 365 4.26 -24.81 -18.12
N ASN C 366 5.24 -24.23 -17.44
CA ASN C 366 6.52 -23.96 -18.08
C ASN C 366 7.13 -25.24 -18.64
N ASN C 367 7.04 -26.33 -17.87
CA ASN C 367 7.64 -27.59 -18.30
C ASN C 367 6.90 -28.16 -19.51
N LEU C 368 5.55 -28.09 -19.52
CA LEU C 368 4.78 -28.47 -20.71
C LEU C 368 5.32 -27.80 -21.97
N PHE C 369 5.67 -26.52 -21.86
CA PHE C 369 6.02 -25.73 -23.03
C PHE C 369 7.51 -25.76 -23.34
N GLY C 370 8.23 -26.74 -22.81
CA GLY C 370 9.57 -27.00 -23.28
C GLY C 370 9.52 -27.64 -24.66
N ASP C 371 10.72 -27.91 -25.22
CA ASP C 371 10.77 -28.66 -26.46
C ASP C 371 11.67 -29.90 -26.31
N LYS C 372 12.04 -30.55 -27.42
CA LYS C 372 12.79 -31.79 -27.23
C LYS C 372 14.18 -31.56 -26.66
N LYS C 373 14.56 -30.31 -26.37
CA LYS C 373 15.86 -30.05 -25.79
C LYS C 373 15.84 -29.10 -24.61
N SER C 374 14.76 -28.38 -24.38
CA SER C 374 14.63 -27.49 -23.25
C SER C 374 13.53 -28.06 -22.36
N ASP C 375 13.87 -28.36 -21.12
CA ASP C 375 12.88 -28.88 -20.20
C ASP C 375 11.71 -27.92 -20.04
N SER C 376 11.97 -26.61 -19.98
CA SER C 376 10.91 -25.63 -19.72
C SER C 376 11.07 -24.37 -20.57
N LYS C 377 9.97 -23.63 -20.73
CA LYS C 377 9.96 -22.37 -21.45
C LYS C 377 8.91 -21.43 -20.85
N HIS C 378 9.07 -20.14 -21.17
CA HIS C 378 8.02 -19.16 -20.93
C HIS C 378 6.97 -19.23 -22.03
N PHE C 379 5.78 -18.72 -21.72
CA PHE C 379 4.73 -18.68 -22.73
C PHE C 379 3.85 -17.45 -22.60
N THR C 380 4.31 -16.41 -21.91
CA THR C 380 3.57 -15.16 -21.78
C THR C 380 4.54 -14.01 -22.05
N LYS C 381 4.01 -12.91 -22.60
CA LYS C 381 4.83 -11.73 -22.77
C LYS C 381 5.26 -11.15 -21.43
N PHE C 382 4.39 -11.22 -20.43
CA PHE C 382 4.73 -10.69 -19.11
C PHE C 382 6.00 -11.35 -18.55
N SER C 383 5.99 -12.68 -18.45
CA SER C 383 7.06 -13.35 -17.72
C SER C 383 8.34 -13.45 -18.55
N PHE C 384 8.21 -13.50 -19.87
CA PHE C 384 9.39 -13.49 -20.73
C PHE C 384 10.07 -12.12 -20.71
N ASP C 385 9.29 -11.03 -20.71
CA ASP C 385 9.87 -9.70 -20.83
C ASP C 385 10.65 -9.31 -19.58
N ILE C 386 10.17 -9.70 -18.40
CA ILE C 386 10.89 -9.41 -17.17
C ILE C 386 12.27 -10.07 -17.22
N ASN C 387 12.32 -11.36 -17.56
CA ASN C 387 13.60 -12.03 -17.61
C ASN C 387 14.43 -11.55 -18.78
N ASN C 388 13.79 -11.09 -19.85
CA ASN C 388 14.55 -10.53 -20.96
C ASN C 388 15.12 -9.15 -20.62
N LYS C 389 14.35 -8.32 -19.92
CA LYS C 389 14.91 -7.03 -19.53
C LYS C 389 15.98 -7.20 -18.45
N ALA C 390 15.87 -8.26 -17.64
CA ALA C 390 16.90 -8.58 -16.67
C ALA C 390 18.15 -9.15 -17.34
N ALA C 391 17.99 -9.88 -18.45
CA ALA C 391 19.15 -10.34 -19.20
C ALA C 391 19.82 -9.18 -19.95
N ILE C 392 19.05 -8.15 -20.32
CA ILE C 392 19.61 -7.08 -21.12
C ILE C 392 20.49 -6.17 -20.26
N ASP C 393 20.17 -6.02 -18.98
CA ASP C 393 21.08 -5.31 -18.07
C ASP C 393 22.02 -6.32 -17.40
N TYR C 394 22.78 -6.98 -18.26
CA TYR C 394 23.99 -7.70 -17.89
C TYR C 394 24.86 -7.91 -19.13
N ILE C 407 25.25 -16.09 -17.16
CA ILE C 407 23.89 -15.56 -17.17
C ILE C 407 23.00 -16.43 -18.07
N SER C 408 21.73 -16.58 -17.69
CA SER C 408 20.80 -17.47 -18.38
C SER C 408 19.82 -16.67 -19.25
N ILE C 409 19.58 -17.17 -20.45
CA ILE C 409 18.82 -16.44 -21.48
C ILE C 409 17.40 -17.03 -21.53
N PRO C 410 16.36 -16.20 -21.41
CA PRO C 410 15.00 -16.73 -21.40
C PRO C 410 14.59 -17.23 -22.78
N LYS C 411 13.73 -18.25 -22.77
CA LYS C 411 13.19 -18.82 -24.00
C LYS C 411 11.69 -18.65 -24.03
N MET C 412 11.16 -18.40 -25.23
CA MET C 412 9.74 -18.22 -25.44
C MET C 412 9.25 -19.35 -26.32
N ALA C 413 8.23 -20.07 -25.85
CA ALA C 413 7.63 -21.12 -26.66
C ALA C 413 7.08 -20.53 -27.95
N ASP C 414 7.09 -21.34 -29.02
CA ASP C 414 6.52 -20.95 -30.30
C ASP C 414 5.07 -20.54 -30.12
N LYS C 415 4.69 -19.42 -30.74
CA LYS C 415 3.31 -18.95 -30.67
C LYS C 415 2.34 -20.03 -31.17
N ASN C 416 2.71 -20.75 -32.22
CA ASN C 416 1.79 -21.70 -32.80
C ASN C 416 1.58 -22.92 -31.92
N ILE C 417 2.55 -23.28 -31.08
CA ILE C 417 2.31 -24.34 -30.12
C ILE C 417 1.50 -23.83 -28.93
N ILE C 418 1.82 -22.63 -28.45
CA ILE C 418 0.96 -22.00 -27.45
C ILE C 418 -0.48 -21.99 -27.94
N LYS C 419 -0.69 -21.74 -29.22
CA LYS C 419 -2.08 -21.67 -29.73
C LYS C 419 -2.75 -23.04 -29.67
N MET C 420 -2.07 -24.08 -30.19
CA MET C 420 -2.65 -25.42 -30.27
C MET C 420 -3.00 -26.01 -28.91
N MET C 421 -2.60 -25.40 -27.81
CA MET C 421 -2.97 -25.89 -26.49
C MET C 421 -4.21 -25.20 -25.95
N ASN C 422 -4.66 -24.13 -26.58
CA ASN C 422 -5.69 -23.24 -26.03
C ASN C 422 -6.96 -23.36 -26.85
N PRO C 423 -8.05 -23.88 -26.28
CA PRO C 423 -9.32 -23.98 -27.03
C PRO C 423 -9.88 -22.64 -27.51
N MET C 424 -9.69 -21.58 -26.72
CA MET C 424 -10.23 -20.26 -27.05
C MET C 424 -9.98 -19.83 -28.49
N TYR C 425 -8.86 -20.24 -29.08
CA TYR C 425 -8.59 -19.82 -30.46
C TYR C 425 -9.34 -20.67 -31.47
N TYR C 426 -10.05 -21.72 -31.03
CA TYR C 426 -10.72 -22.64 -31.92
C TYR C 426 -12.24 -22.62 -31.80
N ILE C 427 -12.79 -22.03 -30.76
CA ILE C 427 -14.20 -22.15 -30.47
C ILE C 427 -14.97 -21.16 -31.33
N ASP C 428 -15.92 -21.68 -32.12
CA ASP C 428 -16.61 -21.00 -33.20
C ASP C 428 -18.10 -21.28 -33.14
N SER C 429 -18.88 -20.49 -33.89
CA SER C 429 -20.22 -20.90 -34.24
C SER C 429 -20.19 -22.20 -35.02
N ASN C 430 -19.14 -22.42 -35.80
CA ASN C 430 -18.95 -23.63 -36.61
C ASN C 430 -18.28 -24.78 -35.86
N THR C 431 -17.89 -24.62 -34.59
CA THR C 431 -17.26 -25.72 -33.86
C THR C 431 -18.14 -26.97 -33.98
N SER C 432 -17.51 -28.10 -34.34
CA SER C 432 -18.28 -29.33 -34.58
C SER C 432 -19.00 -29.80 -33.31
N THR C 433 -18.37 -29.68 -32.13
CA THR C 433 -18.87 -30.31 -30.92
C THR C 433 -19.94 -29.46 -30.22
N LYS C 434 -21.12 -30.03 -30.06
CA LYS C 434 -22.31 -29.30 -29.59
C LYS C 434 -22.48 -29.31 -28.07
N TYR C 435 -22.09 -30.38 -27.39
CA TYR C 435 -22.48 -30.63 -26.00
C TYR C 435 -21.27 -30.55 -25.08
N TRP C 436 -21.34 -29.66 -24.09
CA TRP C 436 -20.21 -29.33 -23.21
C TRP C 436 -20.67 -29.28 -21.77
N ARG C 437 -19.96 -30.00 -20.89
CA ARG C 437 -20.22 -29.96 -19.45
C ARG C 437 -18.92 -29.64 -18.71
N ILE C 438 -18.93 -28.55 -17.96
CA ILE C 438 -17.74 -28.01 -17.30
C ILE C 438 -18.03 -27.83 -15.82
N ARG C 439 -17.05 -28.17 -14.97
CA ARG C 439 -17.21 -28.00 -13.54
C ARG C 439 -15.94 -27.37 -12.97
N HIS C 440 -16.12 -26.46 -12.01
CA HIS C 440 -15.00 -25.85 -11.30
C HIS C 440 -15.48 -25.56 -9.89
N GLY C 441 -14.96 -26.31 -8.92
CA GLY C 441 -15.51 -26.24 -7.56
C GLY C 441 -15.33 -24.87 -6.95
N ALA C 442 -16.26 -24.52 -6.05
CA ALA C 442 -16.32 -23.16 -5.55
C ALA C 442 -15.18 -22.81 -4.59
N ILE C 443 -14.37 -23.79 -4.15
CA ILE C 443 -13.17 -23.50 -3.38
C ILE C 443 -11.90 -23.96 -4.11
N ASP C 444 -12.00 -24.10 -5.43
CA ASP C 444 -10.89 -24.47 -6.30
C ASP C 444 -10.07 -23.23 -6.60
N LYS C 445 -8.81 -23.21 -6.13
CA LYS C 445 -7.90 -22.10 -6.38
C LYS C 445 -6.65 -22.56 -7.13
N ASP C 446 -6.73 -23.71 -7.79
CA ASP C 446 -5.69 -24.12 -8.72
C ASP C 446 -5.72 -23.28 -9.97
N THR C 447 -6.88 -22.71 -10.29
CA THR C 447 -6.99 -21.68 -11.30
C THR C 447 -8.18 -20.82 -10.89
N SER C 448 -8.27 -19.65 -11.50
CA SER C 448 -9.38 -18.75 -11.18
C SER C 448 -10.67 -19.24 -11.85
N LEU C 449 -11.78 -19.14 -11.12
CA LEU C 449 -13.09 -19.41 -11.70
C LEU C 449 -13.32 -18.62 -12.98
N ALA C 450 -12.69 -17.44 -13.09
CA ALA C 450 -12.78 -16.66 -14.31
C ALA C 450 -12.52 -17.51 -15.54
N ILE C 451 -11.56 -18.42 -15.46
CA ILE C 451 -11.04 -19.13 -16.64
C ILE C 451 -12.03 -20.14 -17.23
N PRO C 452 -12.61 -21.08 -16.46
CA PRO C 452 -13.67 -21.92 -17.06
C PRO C 452 -14.94 -21.15 -17.37
N ALA C 453 -15.16 -19.99 -16.74
CA ALA C 453 -16.34 -19.20 -17.07
C ALA C 453 -16.19 -18.55 -18.44
N ILE C 454 -15.02 -17.97 -18.71
CA ILE C 454 -14.70 -17.48 -20.05
C ILE C 454 -14.97 -18.55 -21.10
N LEU C 455 -14.50 -19.78 -20.82
CA LEU C 455 -14.75 -20.90 -21.72
C LEU C 455 -16.24 -21.14 -21.90
N ALA C 456 -16.96 -21.34 -20.79
CA ALA C 456 -18.42 -21.55 -20.86
C ALA C 456 -19.10 -20.43 -21.65
N LEU C 457 -18.76 -19.18 -21.30
CA LEU C 457 -19.33 -18.01 -21.98
C LEU C 457 -19.06 -18.03 -23.49
N LYS C 458 -17.82 -18.32 -23.89
CA LYS C 458 -17.48 -18.32 -25.31
C LYS C 458 -18.26 -19.42 -26.05
N LEU C 459 -18.47 -20.56 -25.41
CA LEU C 459 -19.21 -21.65 -26.05
C LEU C 459 -20.69 -21.29 -26.21
N LYS C 460 -21.30 -20.73 -25.16
CA LYS C 460 -22.67 -20.29 -25.24
C LYS C 460 -22.86 -19.29 -26.37
N ASN C 461 -22.05 -18.22 -26.39
CA ASN C 461 -22.22 -17.18 -27.42
C ASN C 461 -22.12 -17.75 -28.83
N SER C 462 -21.46 -18.88 -28.98
CA SER C 462 -21.28 -19.55 -30.27
C SER C 462 -22.36 -20.59 -30.52
N GLY C 463 -23.37 -20.66 -29.67
CA GLY C 463 -24.53 -21.51 -29.93
C GLY C 463 -24.39 -22.96 -29.53
N LYS C 464 -23.48 -23.28 -28.62
CA LYS C 464 -23.31 -24.65 -28.13
C LYS C 464 -24.08 -24.83 -26.82
N ILE C 465 -24.38 -26.10 -26.49
CA ILE C 465 -25.09 -26.43 -25.26
C ILE C 465 -24.07 -26.62 -24.14
N VAL C 466 -24.20 -25.81 -23.08
CA VAL C 466 -23.18 -25.66 -22.06
C VAL C 466 -23.80 -25.84 -20.68
N ASN C 467 -23.47 -26.93 -20.02
CA ASN C 467 -23.84 -27.18 -18.63
C ASN C 467 -22.64 -26.84 -17.74
N PHE C 468 -22.69 -25.70 -17.07
CA PHE C 468 -21.58 -25.17 -16.30
C PHE C 468 -22.05 -24.89 -14.88
N ALA C 469 -21.20 -25.19 -13.90
CA ALA C 469 -21.56 -25.05 -12.50
C ALA C 469 -20.30 -25.06 -11.66
N ALA C 470 -20.42 -24.49 -10.46
CA ALA C 470 -19.35 -24.39 -9.49
C ALA C 470 -19.78 -25.14 -8.24
N PRO C 471 -19.65 -26.45 -8.21
CA PRO C 471 -20.15 -27.23 -7.06
C PRO C 471 -19.69 -26.64 -5.73
N TRP C 472 -20.64 -26.47 -4.82
CA TRP C 472 -20.37 -25.88 -3.52
C TRP C 472 -19.43 -26.77 -2.72
N GLY C 473 -18.50 -26.14 -2.02
CA GLY C 473 -17.63 -26.83 -1.08
C GLY C 473 -16.68 -27.81 -1.74
N GLN C 474 -16.57 -27.77 -3.06
CA GLN C 474 -15.73 -28.70 -3.81
C GLN C 474 -14.43 -28.01 -4.23
N GLY C 475 -13.30 -28.68 -4.00
CA GLY C 475 -12.02 -28.21 -4.46
C GLY C 475 -11.63 -28.83 -5.79
N HIS C 476 -10.35 -28.68 -6.13
CA HIS C 476 -9.80 -29.30 -7.34
C HIS C 476 -10.11 -30.79 -7.34
N GLY C 477 -10.38 -31.34 -8.52
CA GLY C 477 -10.76 -32.74 -8.57
C GLY C 477 -11.85 -33.02 -9.58
N GLY C 478 -12.17 -34.30 -9.79
CA GLY C 478 -13.13 -34.64 -10.82
C GLY C 478 -13.80 -35.96 -10.53
N ASP C 479 -14.87 -36.25 -11.30
CA ASP C 479 -15.54 -37.56 -11.29
C ASP C 479 -16.14 -37.87 -9.93
N TYR C 480 -16.55 -36.84 -9.21
CA TYR C 480 -17.21 -36.96 -7.92
C TYR C 480 -18.73 -36.94 -8.04
N ASP C 481 -19.25 -36.92 -9.25
CA ASP C 481 -20.68 -36.75 -9.52
C ASP C 481 -21.10 -37.64 -10.67
N LEU C 482 -20.59 -38.87 -10.69
CA LEU C 482 -20.72 -39.74 -11.86
C LEU C 482 -22.17 -39.95 -12.23
N GLU C 483 -23.03 -40.12 -11.23
CA GLU C 483 -24.43 -40.39 -11.51
C GLU C 483 -25.06 -39.22 -12.26
N GLU C 484 -24.72 -38.00 -11.85
CA GLU C 484 -25.17 -36.82 -12.60
C GLU C 484 -24.45 -36.73 -13.95
N LEU C 485 -23.16 -37.04 -13.97
CA LEU C 485 -22.41 -36.99 -15.24
C LEU C 485 -23.07 -37.86 -16.28
N PHE C 486 -23.49 -39.06 -15.90
CA PHE C 486 -24.02 -39.99 -16.88
C PHE C 486 -25.49 -39.80 -17.12
N ASN C 487 -26.21 -39.13 -16.20
CA ASN C 487 -27.54 -38.63 -16.54
C ASN C 487 -27.45 -37.61 -17.66
N TRP C 488 -26.52 -36.65 -17.53
CA TRP C 488 -26.27 -35.66 -18.59
C TRP C 488 -25.84 -36.32 -19.90
N ILE C 489 -24.90 -37.26 -19.85
CA ILE C 489 -24.49 -37.91 -21.09
C ILE C 489 -25.71 -38.59 -21.72
N ASP C 490 -26.54 -39.24 -20.90
CA ASP C 490 -27.70 -39.93 -21.44
C ASP C 490 -28.70 -38.98 -22.09
N ASN C 491 -28.80 -37.73 -21.60
CA ASN C 491 -29.69 -36.75 -22.19
C ASN C 491 -29.16 -36.24 -23.53
N VAL C 492 -27.88 -35.87 -23.58
CA VAL C 492 -27.36 -35.27 -24.80
C VAL C 492 -27.26 -36.29 -25.94
N VAL C 493 -27.15 -37.59 -25.67
CA VAL C 493 -27.16 -38.57 -26.75
C VAL C 493 -28.60 -38.95 -27.13
N LYS C 494 -29.60 -38.27 -26.57
CA LYS C 494 -31.05 -38.50 -26.77
C LYS C 494 -31.59 -39.60 -25.83
#